data_8YD4
#
_entry.id   8YD4
#
_cell.length_a   1.00
_cell.length_b   1.00
_cell.length_c   1.00
_cell.angle_alpha   90.00
_cell.angle_beta   90.00
_cell.angle_gamma   90.00
#
_symmetry.space_group_name_H-M   'P 1'
#
loop_
_entity.id
_entity.type
_entity.pdbx_description
1 polymer 'ATP-dependent Clp protease proteolytic subunit 1'
2 polymer 'ATP-dependent Clp protease proteolytic subunit 2'
#
loop_
_entity_poly.entity_id
_entity_poly.type
_entity_poly.pdbx_seq_one_letter_code
_entity_poly.pdbx_strand_id
1 'polypeptide(L)'
;MSQVTDMRSNSQGLSLTDSVYERLLSERIIFLGSEVNDEIANRLCAQILLLAAEDASKDISLYINSPGGSISAGMAIYDT
MVLAPCDIATYAMGMAASMGEFLLAAGTKGKRYALPHARILMHQPLGGVTGSAADIAIQAEQFAVIKKEMFRLNAEFTGQ
PIERIEADSDRDRWFTAAEALEYGFVDHIITRAHVNGEAQ
;
A,B,C,D,E,F,G
2 'polypeptide(L)'
;MNSQNSQIQPQARYILPSFIEHSSFGVKESNPYNKLFEERIIFLGVQVDDASANDIMAQLLVLESLDPDRDITMYINSPG
GGFTSLMAIYDTMQYVRADIQTVCLGQAASAAAVLLAAGTPGKRMALPNARVLIHQPSLSGVIQGQFSDLEIQAAEIERM
RTLMETTLARHTGKDAGVIRKDTDRDKILTAEEAKDYGIIDTVLEYRKLSAQTA
;
H,I,J,K,L,M,N
#
# COMPACT_ATOMS: atom_id res chain seq x y z
N LEU A 14 -11.41 3.16 -26.99
CA LEU A 14 -12.54 2.35 -26.54
C LEU A 14 -12.07 0.98 -26.05
N SER A 15 -13.02 0.06 -25.89
CA SER A 15 -12.72 -1.29 -25.43
C SER A 15 -13.69 -2.25 -26.12
N LEU A 16 -13.70 -3.50 -25.66
CA LEU A 16 -14.61 -4.49 -26.24
C LEU A 16 -16.04 -4.26 -25.77
N THR A 17 -16.24 -4.12 -24.46
CA THR A 17 -17.57 -3.88 -23.93
C THR A 17 -18.06 -2.45 -24.17
N ASP A 18 -17.15 -1.52 -24.44
CA ASP A 18 -17.53 -0.14 -24.73
C ASP A 18 -17.86 0.09 -26.19
N SER A 19 -17.55 -0.88 -27.07
CA SER A 19 -17.87 -0.75 -28.48
C SER A 19 -19.20 -1.42 -28.83
N VAL A 20 -19.50 -2.55 -28.21
CA VAL A 20 -20.78 -3.22 -28.46
C VAL A 20 -21.94 -2.36 -27.96
N TYR A 21 -21.76 -1.68 -26.81
CA TYR A 21 -22.81 -0.81 -26.31
C TYR A 21 -23.04 0.38 -27.23
N GLU A 22 -21.96 0.94 -27.79
CA GLU A 22 -22.11 2.04 -28.74
C GLU A 22 -22.77 1.57 -30.03
N ARG A 23 -22.44 0.37 -30.50
CA ARG A 23 -23.08 -0.14 -31.71
C ARG A 23 -24.55 -0.46 -31.48
N LEU A 24 -24.91 -0.89 -30.27
CA LEU A 24 -26.31 -1.14 -29.94
C LEU A 24 -27.07 0.16 -29.70
N LEU A 25 -26.37 1.22 -29.30
CA LEU A 25 -27.03 2.51 -29.11
C LEU A 25 -27.57 3.07 -30.41
N SER A 26 -26.90 2.79 -31.53
CA SER A 26 -27.40 3.23 -32.83
C SER A 26 -28.68 2.51 -33.22
N GLU A 27 -28.96 1.35 -32.63
CA GLU A 27 -30.19 0.60 -32.88
C GLU A 27 -31.24 0.85 -31.80
N ARG A 28 -31.08 1.90 -31.01
CA ARG A 28 -32.02 2.28 -29.94
C ARG A 28 -32.20 1.13 -28.94
N ILE A 29 -31.07 0.73 -28.34
CA ILE A 29 -31.05 -0.33 -27.34
C ILE A 29 -30.12 0.11 -26.21
N ILE A 30 -30.67 0.24 -25.01
CA ILE A 30 -29.89 0.62 -23.83
C ILE A 30 -29.88 -0.55 -22.85
N PHE A 31 -28.86 -0.56 -21.99
CA PHE A 31 -28.66 -1.64 -21.05
C PHE A 31 -28.56 -1.10 -19.63
N LEU A 32 -28.80 -1.98 -18.67
CA LEU A 32 -28.63 -1.67 -17.26
C LEU A 32 -28.22 -2.97 -16.56
N GLY A 33 -26.92 -3.16 -16.39
CA GLY A 33 -26.40 -4.40 -15.85
C GLY A 33 -25.68 -4.25 -14.52
N SER A 34 -25.83 -3.10 -13.87
CA SER A 34 -25.19 -2.84 -12.60
C SER A 34 -26.19 -2.19 -11.66
N GLU A 35 -25.78 -2.03 -10.41
CA GLU A 35 -26.61 -1.37 -9.41
C GLU A 35 -26.72 0.11 -9.74
N VAL A 36 -27.96 0.59 -9.90
CA VAL A 36 -28.18 1.99 -10.23
C VAL A 36 -27.73 2.86 -9.07
N ASN A 37 -26.83 3.80 -9.36
CA ASN A 37 -26.29 4.71 -8.36
C ASN A 37 -26.17 6.10 -8.98
N ASP A 38 -25.40 6.97 -8.32
CA ASP A 38 -25.20 8.32 -8.81
C ASP A 38 -24.46 8.37 -10.14
N GLU A 39 -23.82 7.28 -10.54
CA GLU A 39 -23.06 7.20 -11.79
C GLU A 39 -23.89 6.64 -12.93
N ILE A 40 -24.41 5.41 -12.77
CA ILE A 40 -25.10 4.75 -13.87
C ILE A 40 -26.37 5.50 -14.25
N ALA A 41 -26.99 6.17 -13.28
CA ALA A 41 -28.22 6.90 -13.57
C ALA A 41 -27.97 8.05 -14.54
N ASN A 42 -26.86 8.77 -14.37
CA ASN A 42 -26.53 9.85 -15.28
C ASN A 42 -26.32 9.35 -16.69
N ARG A 43 -25.58 8.25 -16.85
CA ARG A 43 -25.36 7.67 -18.17
C ARG A 43 -26.68 7.19 -18.79
N LEU A 44 -27.56 6.61 -17.98
CA LEU A 44 -28.84 6.14 -18.51
C LEU A 44 -29.70 7.30 -18.99
N CYS A 45 -29.80 8.36 -18.19
CA CYS A 45 -30.57 9.53 -18.62
C CYS A 45 -29.95 10.17 -19.86
N ALA A 46 -28.61 10.22 -19.93
CA ALA A 46 -27.96 10.78 -21.10
C ALA A 46 -28.26 9.96 -22.36
N GLN A 47 -28.20 8.64 -22.25
CA GLN A 47 -28.51 7.78 -23.39
C GLN A 47 -29.97 7.92 -23.80
N ILE A 48 -30.89 8.00 -22.83
CA ILE A 48 -32.30 8.14 -23.15
C ILE A 48 -32.56 9.46 -23.85
N LEU A 49 -31.94 10.55 -23.36
CA LEU A 49 -32.14 11.85 -23.98
C LEU A 49 -31.53 11.89 -25.38
N LEU A 50 -30.39 11.23 -25.57
CA LEU A 50 -29.79 11.16 -26.90
C LEU A 50 -30.68 10.40 -27.87
N LEU A 51 -31.23 9.26 -27.42
CA LEU A 51 -32.11 8.48 -28.29
C LEU A 51 -33.41 9.20 -28.57
N ALA A 52 -33.87 10.04 -27.63
CA ALA A 52 -35.08 10.82 -27.87
C ALA A 52 -34.83 12.00 -28.80
N ALA A 53 -33.64 12.60 -28.74
CA ALA A 53 -33.31 13.69 -29.63
C ALA A 53 -32.97 13.22 -31.04
N GLU A 54 -32.47 11.98 -31.17
CA GLU A 54 -32.19 11.44 -32.50
C GLU A 54 -33.48 11.18 -33.27
N ASP A 55 -34.44 10.52 -32.64
CA ASP A 55 -35.73 10.25 -33.25
C ASP A 55 -36.81 10.25 -32.18
N ALA A 56 -37.97 10.81 -32.53
CA ALA A 56 -39.10 10.89 -31.60
C ALA A 56 -40.30 10.11 -32.11
N SER A 57 -40.06 9.06 -32.91
CA SER A 57 -41.14 8.26 -33.45
C SER A 57 -40.82 6.77 -33.41
N LYS A 58 -39.90 6.34 -32.54
CA LYS A 58 -39.54 4.94 -32.44
C LYS A 58 -39.62 4.44 -31.00
N ASP A 59 -39.16 3.22 -30.75
CA ASP A 59 -39.16 2.63 -29.43
C ASP A 59 -37.73 2.46 -28.92
N ILE A 60 -37.60 2.45 -27.59
CA ILE A 60 -36.30 2.32 -26.94
C ILE A 60 -36.35 1.08 -26.06
N SER A 61 -35.62 0.04 -26.47
CA SER A 61 -35.57 -1.20 -25.70
C SER A 61 -34.68 -1.01 -24.47
N LEU A 62 -35.21 -1.34 -23.31
CA LEU A 62 -34.51 -1.19 -22.03
C LEU A 62 -34.40 -2.55 -21.36
N TYR A 63 -33.25 -3.20 -21.51
CA TYR A 63 -33.01 -4.49 -20.87
C TYR A 63 -32.56 -4.26 -19.44
N ILE A 64 -33.30 -4.79 -18.48
CA ILE A 64 -33.09 -4.53 -17.06
C ILE A 64 -32.49 -5.77 -16.41
N ASN A 65 -31.32 -5.61 -15.79
CA ASN A 65 -30.71 -6.66 -14.97
C ASN A 65 -29.92 -5.96 -13.86
N SER A 66 -30.56 -5.78 -12.72
CA SER A 66 -29.94 -5.03 -11.63
C SER A 66 -30.17 -5.73 -10.29
N PRO A 67 -29.09 -6.15 -9.61
CA PRO A 67 -29.24 -6.76 -8.29
C PRO A 67 -29.50 -5.78 -7.15
N GLY A 68 -29.73 -4.50 -7.44
CA GLY A 68 -29.98 -3.54 -6.40
C GLY A 68 -29.84 -2.13 -6.93
N GLY A 69 -29.75 -1.19 -6.00
CA GLY A 69 -29.59 0.21 -6.34
C GLY A 69 -30.33 1.09 -5.34
N SER A 70 -30.19 2.39 -5.56
CA SER A 70 -30.84 3.39 -4.72
C SER A 70 -32.08 3.95 -5.40
N ILE A 71 -32.95 4.55 -4.59
CA ILE A 71 -34.20 5.10 -5.12
C ILE A 71 -34.02 6.53 -5.60
N SER A 72 -33.15 7.30 -4.95
CA SER A 72 -32.95 8.70 -5.35
C SER A 72 -32.37 8.78 -6.76
N ALA A 73 -31.56 7.81 -7.15
CA ALA A 73 -31.02 7.78 -8.51
C ALA A 73 -31.99 7.19 -9.52
N GLY A 74 -32.76 6.17 -9.13
CA GLY A 74 -33.75 5.59 -10.03
C GLY A 74 -34.93 6.48 -10.31
N MET A 75 -35.27 7.38 -9.37
CA MET A 75 -36.34 8.34 -9.65
C MET A 75 -35.99 9.25 -10.81
N ALA A 76 -34.73 9.68 -10.92
CA ALA A 76 -34.31 10.48 -12.05
C ALA A 76 -34.42 9.70 -13.36
N ILE A 77 -34.06 8.41 -13.34
CA ILE A 77 -34.21 7.58 -14.53
C ILE A 77 -35.68 7.47 -14.92
N TYR A 78 -36.56 7.34 -13.92
CA TYR A 78 -37.99 7.26 -14.20
C TYR A 78 -38.51 8.56 -14.82
N ASP A 79 -38.10 9.70 -14.27
CA ASP A 79 -38.53 10.98 -14.83
C ASP A 79 -37.99 11.17 -16.23
N THR A 80 -36.77 10.69 -16.50
CA THR A 80 -36.21 10.80 -17.84
C THR A 80 -36.96 9.90 -18.81
N MET A 81 -37.36 8.70 -18.37
CA MET A 81 -38.14 7.82 -19.22
C MET A 81 -39.51 8.42 -19.53
N VAL A 82 -40.12 9.07 -18.54
CA VAL A 82 -41.42 9.70 -18.77
C VAL A 82 -41.28 10.92 -19.67
N LEU A 83 -40.17 11.65 -19.54
CA LEU A 83 -39.98 12.86 -20.36
C LEU A 83 -39.77 12.52 -21.82
N ALA A 84 -39.11 11.39 -22.12
CA ALA A 84 -38.86 11.02 -23.50
C ALA A 84 -40.17 10.74 -24.22
N PRO A 85 -40.42 11.36 -25.38
CA PRO A 85 -41.67 11.12 -26.10
C PRO A 85 -41.74 9.78 -26.81
N CYS A 86 -40.72 8.94 -26.69
CA CYS A 86 -40.72 7.63 -27.35
C CYS A 86 -41.50 6.63 -26.50
N ASP A 87 -41.50 5.37 -26.91
CA ASP A 87 -42.21 4.30 -26.23
C ASP A 87 -41.17 3.33 -25.68
N ILE A 88 -40.93 3.40 -24.37
CA ILE A 88 -39.91 2.55 -23.74
C ILE A 88 -40.44 1.14 -23.62
N ALA A 89 -39.67 0.18 -24.14
CA ALA A 89 -40.00 -1.24 -24.06
C ALA A 89 -39.03 -1.88 -23.07
N THR A 90 -39.48 -2.07 -21.83
CA THR A 90 -38.63 -2.61 -20.79
C THR A 90 -38.70 -4.13 -20.76
N TYR A 91 -37.55 -4.76 -20.58
CA TYR A 91 -37.44 -6.22 -20.52
C TYR A 91 -36.78 -6.64 -19.21
N ALA A 92 -37.12 -7.83 -18.75
CA ALA A 92 -36.54 -8.41 -17.55
C ALA A 92 -35.53 -9.47 -17.99
N MET A 93 -34.30 -9.03 -18.25
CA MET A 93 -33.27 -9.94 -18.74
C MET A 93 -32.78 -10.86 -17.62
N GLY A 94 -32.21 -10.28 -16.57
CA GLY A 94 -31.69 -11.06 -15.46
C GLY A 94 -32.64 -11.10 -14.29
N MET A 95 -32.30 -10.37 -13.22
CA MET A 95 -33.14 -10.32 -12.03
C MET A 95 -33.26 -8.88 -11.56
N ALA A 96 -34.47 -8.50 -11.17
CA ALA A 96 -34.75 -7.16 -10.65
C ALA A 96 -34.86 -7.24 -9.14
N ALA A 97 -34.06 -6.43 -8.43
CA ALA A 97 -33.99 -6.46 -6.97
C ALA A 97 -34.17 -5.05 -6.43
N SER A 98 -35.43 -4.70 -6.15
CA SER A 98 -35.81 -3.49 -5.42
C SER A 98 -35.60 -2.22 -6.23
N MET A 99 -34.98 -2.33 -7.40
CA MET A 99 -34.83 -1.18 -8.30
C MET A 99 -35.11 -1.49 -9.75
N GLY A 100 -35.01 -2.75 -10.20
CA GLY A 100 -35.31 -3.07 -11.58
C GLY A 100 -36.79 -3.23 -11.85
N GLU A 101 -37.57 -3.57 -10.82
CA GLU A 101 -39.01 -3.73 -11.00
C GLU A 101 -39.68 -2.39 -11.25
N PHE A 102 -39.22 -1.34 -10.58
CA PHE A 102 -39.82 -0.01 -10.75
C PHE A 102 -39.61 0.50 -12.17
N LEU A 103 -38.44 0.24 -12.75
CA LEU A 103 -38.18 0.62 -14.13
C LEU A 103 -38.81 -0.34 -15.13
N LEU A 104 -39.03 -1.60 -14.73
CA LEU A 104 -39.69 -2.56 -15.61
C LEU A 104 -41.17 -2.23 -15.77
N ALA A 105 -41.82 -1.82 -14.68
CA ALA A 105 -43.22 -1.42 -14.73
C ALA A 105 -43.41 0.03 -15.17
N ALA A 106 -42.32 0.78 -15.32
CA ALA A 106 -42.42 2.18 -15.74
C ALA A 106 -42.66 2.32 -17.24
N GLY A 107 -42.45 1.26 -18.01
CA GLY A 107 -42.67 1.32 -19.44
C GLY A 107 -44.14 1.40 -19.79
N THR A 108 -44.41 1.68 -21.06
CA THR A 108 -45.77 1.78 -21.54
C THR A 108 -46.48 0.43 -21.44
N LYS A 109 -47.78 0.50 -21.15
CA LYS A 109 -48.58 -0.71 -21.02
C LYS A 109 -48.69 -1.42 -22.37
N GLY A 110 -48.26 -2.68 -22.41
CA GLY A 110 -48.25 -3.46 -23.63
C GLY A 110 -46.86 -3.73 -24.17
N LYS A 111 -45.83 -3.12 -23.59
CA LYS A 111 -44.45 -3.33 -24.04
C LYS A 111 -43.54 -3.80 -22.91
N ARG A 112 -44.10 -4.21 -21.78
CA ARG A 112 -43.32 -4.69 -20.65
C ARG A 112 -43.23 -6.20 -20.73
N TYR A 113 -42.13 -6.71 -21.27
CA TYR A 113 -41.91 -8.13 -21.44
C TYR A 113 -40.97 -8.65 -20.35
N ALA A 114 -40.82 -9.98 -20.33
CA ALA A 114 -39.97 -10.62 -19.33
C ALA A 114 -39.52 -11.98 -19.86
N LEU A 115 -38.26 -12.31 -19.61
CA LEU A 115 -37.74 -13.60 -20.03
C LEU A 115 -38.28 -14.70 -19.10
N PRO A 116 -38.40 -15.94 -19.61
CA PRO A 116 -39.04 -17.00 -18.82
C PRO A 116 -38.28 -17.39 -17.55
N HIS A 117 -37.06 -16.91 -17.36
CA HIS A 117 -36.27 -17.23 -16.17
C HIS A 117 -35.90 -15.96 -15.41
N ALA A 118 -36.83 -15.02 -15.32
CA ALA A 118 -36.62 -13.77 -14.60
C ALA A 118 -37.06 -13.92 -13.15
N ARG A 119 -36.46 -13.11 -12.28
CA ARG A 119 -36.77 -13.10 -10.85
C ARG A 119 -36.96 -11.65 -10.40
N ILE A 120 -38.21 -11.22 -10.30
CA ILE A 120 -38.54 -9.87 -9.87
C ILE A 120 -38.67 -9.86 -8.34
N LEU A 121 -37.86 -9.05 -7.68
CA LEU A 121 -37.84 -8.94 -6.22
C LEU A 121 -38.51 -7.63 -5.83
N MET A 122 -39.75 -7.72 -5.37
CA MET A 122 -40.49 -6.55 -4.88
C MET A 122 -40.00 -6.23 -3.47
N HIS A 123 -39.20 -5.18 -3.35
CA HIS A 123 -38.58 -4.82 -2.09
C HIS A 123 -38.24 -3.34 -2.10
N GLN A 124 -38.20 -2.75 -0.89
CA GLN A 124 -37.78 -1.36 -0.87
C GLN A 124 -36.26 -1.26 -0.79
N PRO A 125 -35.68 -0.14 -1.22
CA PRO A 125 -34.23 0.02 -1.11
C PRO A 125 -33.77 0.08 0.34
N LEU A 126 -32.50 -0.25 0.53
CA LEU A 126 -31.94 -0.28 1.88
C LEU A 126 -31.79 1.12 2.47
N GLY A 127 -31.50 2.11 1.63
CA GLY A 127 -31.35 3.48 2.09
C GLY A 127 -30.82 4.41 1.03
N ALA A 133 -24.13 11.61 10.86
CA ALA A 133 -23.86 13.02 11.08
C ALA A 133 -24.96 13.67 11.92
N ALA A 134 -25.30 14.91 11.58
CA ALA A 134 -26.33 15.66 12.29
C ALA A 134 -27.56 15.94 11.44
N ASP A 135 -27.52 15.67 10.14
CA ASP A 135 -28.65 15.89 9.24
C ASP A 135 -29.43 14.62 8.94
N ILE A 136 -29.38 13.63 9.85
CA ILE A 136 -30.10 12.38 9.63
C ILE A 136 -31.60 12.58 9.69
N ALA A 137 -32.07 13.61 10.39
CA ALA A 137 -33.52 13.87 10.46
C ALA A 137 -34.08 14.23 9.09
N ILE A 138 -33.45 15.19 8.41
CA ILE A 138 -33.92 15.56 7.08
C ILE A 138 -33.65 14.45 6.07
N GLN A 139 -32.61 13.63 6.32
CA GLN A 139 -32.35 12.49 5.45
C GLN A 139 -33.45 11.44 5.59
N ALA A 140 -34.01 11.28 6.79
CA ALA A 140 -35.12 10.36 6.97
C ALA A 140 -36.44 10.95 6.49
N GLU A 141 -36.60 12.27 6.59
CA GLU A 141 -37.82 12.90 6.09
C GLU A 141 -37.86 12.88 4.56
N GLN A 142 -36.71 13.08 3.91
CA GLN A 142 -36.67 13.00 2.45
C GLN A 142 -36.83 11.57 1.95
N PHE A 143 -36.37 10.59 2.73
CA PHE A 143 -36.55 9.20 2.34
C PHE A 143 -37.98 8.73 2.58
N ALA A 144 -38.68 9.35 3.52
CA ALA A 144 -40.06 8.99 3.81
C ALA A 144 -41.06 9.65 2.87
N VAL A 145 -40.64 10.66 2.12
CA VAL A 145 -41.53 11.31 1.16
C VAL A 145 -41.41 10.73 -0.24
N ILE A 146 -40.30 10.04 -0.55
CA ILE A 146 -40.15 9.39 -1.84
C ILE A 146 -40.46 7.89 -1.78
N LYS A 147 -40.46 7.29 -0.58
CA LYS A 147 -40.82 5.88 -0.46
C LYS A 147 -42.33 5.70 -0.61
N LYS A 148 -43.12 6.62 -0.06
CA LYS A 148 -44.57 6.54 -0.24
C LYS A 148 -44.96 6.89 -1.67
N GLU A 149 -44.18 7.74 -2.33
CA GLU A 149 -44.46 8.05 -3.74
C GLU A 149 -44.18 6.84 -4.62
N MET A 150 -43.16 6.05 -4.28
CA MET A 150 -42.89 4.83 -5.03
C MET A 150 -44.00 3.80 -4.84
N PHE A 151 -44.54 3.70 -3.63
CA PHE A 151 -45.65 2.79 -3.37
C PHE A 151 -46.94 3.23 -4.05
N ARG A 152 -47.04 4.48 -4.48
CA ARG A 152 -48.19 4.92 -5.26
C ARG A 152 -48.03 4.61 -6.74
N LEU A 153 -46.84 4.85 -7.30
CA LEU A 153 -46.59 4.52 -8.68
C LEU A 153 -46.59 3.02 -8.92
N ASN A 154 -46.14 2.24 -7.94
CA ASN A 154 -46.17 0.78 -8.08
C ASN A 154 -47.61 0.27 -8.13
N ALA A 155 -48.50 0.86 -7.35
CA ALA A 155 -49.91 0.47 -7.40
C ALA A 155 -50.59 1.00 -8.66
N GLU A 156 -50.14 2.16 -9.16
CA GLU A 156 -50.72 2.69 -10.39
C GLU A 156 -50.33 1.87 -11.60
N PHE A 157 -49.09 1.36 -11.62
CA PHE A 157 -48.61 0.58 -12.76
C PHE A 157 -49.19 -0.82 -12.76
N THR A 158 -48.98 -1.57 -11.67
CA THR A 158 -49.44 -2.95 -11.61
C THR A 158 -50.95 -3.06 -11.49
N GLY A 159 -51.62 -2.02 -11.01
CA GLY A 159 -53.06 -2.06 -10.82
C GLY A 159 -53.52 -2.74 -9.55
N GLN A 160 -52.62 -3.39 -8.80
CA GLN A 160 -52.99 -4.03 -7.56
C GLN A 160 -53.36 -2.98 -6.51
N PRO A 161 -54.13 -3.37 -5.50
CA PRO A 161 -54.43 -2.43 -4.41
C PRO A 161 -53.15 -1.97 -3.72
N ILE A 162 -53.22 -0.79 -3.12
CA ILE A 162 -52.04 -0.20 -2.50
C ILE A 162 -51.60 -1.03 -1.29
N GLU A 163 -52.54 -1.63 -0.57
CA GLU A 163 -52.21 -2.40 0.62
C GLU A 163 -51.52 -3.72 0.31
N ARG A 164 -51.45 -4.12 -0.97
CA ARG A 164 -50.81 -5.38 -1.32
C ARG A 164 -49.29 -5.25 -1.38
N ILE A 165 -48.79 -4.16 -1.97
CA ILE A 165 -47.34 -4.00 -2.10
C ILE A 165 -46.71 -3.66 -0.76
N GLU A 166 -47.44 -2.93 0.11
CA GLU A 166 -46.91 -2.66 1.45
C GLU A 166 -46.81 -3.92 2.30
N ALA A 167 -47.51 -4.99 1.92
CA ALA A 167 -47.36 -6.26 2.61
C ALA A 167 -46.38 -7.20 1.92
N ASP A 168 -46.26 -7.10 0.60
CA ASP A 168 -45.32 -7.94 -0.15
C ASP A 168 -43.92 -7.37 -0.20
N SER A 169 -43.71 -6.13 0.26
CA SER A 169 -42.39 -5.51 0.19
C SER A 169 -41.49 -5.87 1.36
N ASP A 170 -42.04 -6.02 2.57
CA ASP A 170 -41.22 -6.30 3.73
C ASP A 170 -40.86 -7.78 3.85
N ARG A 171 -41.62 -8.67 3.21
CA ARG A 171 -41.37 -10.10 3.30
C ARG A 171 -40.30 -10.58 2.32
N ASP A 172 -39.79 -9.70 1.46
CA ASP A 172 -38.81 -10.07 0.45
C ASP A 172 -39.33 -11.21 -0.43
N ARG A 173 -40.60 -11.11 -0.82
CA ARG A 173 -41.25 -12.15 -1.61
C ARG A 173 -40.70 -12.14 -3.02
N TRP A 174 -39.97 -13.19 -3.39
CA TRP A 174 -39.45 -13.31 -4.74
C TRP A 174 -40.53 -13.81 -5.69
N PHE A 175 -40.36 -13.49 -6.96
CA PHE A 175 -41.33 -13.84 -8.00
C PHE A 175 -40.63 -14.54 -9.15
N THR A 176 -41.44 -15.13 -10.03
CA THR A 176 -40.98 -15.81 -11.22
C THR A 176 -41.61 -15.11 -12.44
N ALA A 177 -41.25 -15.58 -13.64
CA ALA A 177 -41.81 -14.98 -14.84
C ALA A 177 -43.31 -15.23 -14.95
N ALA A 178 -43.80 -16.32 -14.40
CA ALA A 178 -45.23 -16.62 -14.46
C ALA A 178 -46.00 -15.90 -13.36
N GLU A 179 -45.40 -15.74 -12.18
CA GLU A 179 -46.08 -15.03 -11.10
C GLU A 179 -46.13 -13.53 -11.37
N ALA A 180 -45.06 -12.97 -11.91
CA ALA A 180 -45.04 -11.55 -12.24
C ALA A 180 -46.00 -11.21 -13.38
N LEU A 181 -46.38 -12.18 -14.20
CA LEU A 181 -47.34 -11.92 -15.26
C LEU A 181 -48.74 -11.73 -14.70
N GLU A 182 -49.14 -12.57 -13.74
CA GLU A 182 -50.46 -12.44 -13.12
C GLU A 182 -50.48 -11.43 -11.98
N TYR A 183 -49.31 -10.99 -11.50
CA TYR A 183 -49.29 -9.98 -10.44
C TYR A 183 -49.57 -8.59 -11.01
N GLY A 184 -49.06 -8.30 -12.21
CA GLY A 184 -49.28 -7.01 -12.83
C GLY A 184 -48.00 -6.32 -13.25
N PHE A 185 -46.86 -7.00 -13.08
CA PHE A 185 -45.58 -6.41 -13.42
C PHE A 185 -45.39 -6.34 -14.93
N VAL A 186 -45.43 -7.49 -15.60
CA VAL A 186 -45.22 -7.57 -17.04
C VAL A 186 -46.52 -7.95 -17.71
N ASP A 187 -46.52 -7.90 -19.05
CA ASP A 187 -47.68 -8.23 -19.85
C ASP A 187 -47.50 -9.46 -20.73
N HIS A 188 -46.27 -9.87 -21.02
CA HIS A 188 -46.02 -11.02 -21.89
C HIS A 188 -44.79 -11.76 -21.39
N ILE A 189 -44.67 -13.01 -21.82
CA ILE A 189 -43.53 -13.86 -21.52
C ILE A 189 -42.97 -14.34 -22.85
N ILE A 190 -41.87 -13.72 -23.29
CA ILE A 190 -41.25 -14.03 -24.57
C ILE A 190 -40.47 -15.33 -24.41
N THR A 191 -41.00 -16.42 -24.96
CA THR A 191 -40.31 -17.71 -24.95
C THR A 191 -39.58 -17.96 -26.27
N ARG A 192 -40.18 -17.59 -27.39
CA ARG A 192 -39.53 -17.74 -28.69
C ARG A 192 -40.07 -16.62 -29.60
N ALA A 193 -39.32 -15.54 -29.69
CA ALA A 193 -39.72 -14.38 -30.49
C ALA A 193 -38.48 -13.83 -31.19
N HIS A 194 -38.62 -12.64 -31.77
CA HIS A 194 -37.52 -12.00 -32.47
C HIS A 194 -36.81 -10.99 -31.57
N LEU B 14 -11.55 7.14 -26.09
CA LEU B 14 -12.76 7.54 -25.38
C LEU B 14 -13.32 6.38 -24.58
N SER B 15 -14.56 6.53 -24.12
CA SER B 15 -15.24 5.50 -23.34
C SER B 15 -16.72 5.53 -23.70
N LEU B 16 -17.52 4.81 -22.92
CA LEU B 16 -18.96 4.79 -23.15
C LEU B 16 -19.62 6.09 -22.68
N THR B 17 -19.34 6.50 -21.45
CA THR B 17 -19.90 7.74 -20.93
C THR B 17 -19.24 8.99 -21.50
N ASP B 18 -18.04 8.85 -22.07
CA ASP B 18 -17.36 9.97 -22.69
C ASP B 18 -17.76 10.18 -24.16
N SER B 19 -18.46 9.23 -24.76
CA SER B 19 -18.92 9.36 -26.13
C SER B 19 -20.34 9.90 -26.21
N VAL B 20 -21.21 9.49 -25.29
CA VAL B 20 -22.58 10.00 -25.27
C VAL B 20 -22.60 11.49 -24.96
N TYR B 21 -21.71 11.93 -24.05
CA TYR B 21 -21.65 13.36 -23.73
C TYR B 21 -21.15 14.17 -24.93
N GLU B 22 -20.19 13.62 -25.67
CA GLU B 22 -19.72 14.32 -26.88
C GLU B 22 -20.79 14.36 -27.95
N ARG B 23 -21.55 13.27 -28.11
CA ARG B 23 -22.63 13.27 -29.10
C ARG B 23 -23.76 14.22 -28.71
N LEU B 24 -24.01 14.37 -27.41
CA LEU B 24 -25.02 15.32 -26.95
C LEU B 24 -24.51 16.76 -27.02
N LEU B 25 -23.19 16.96 -26.97
CA LEU B 25 -22.65 18.30 -27.08
C LEU B 25 -22.91 18.90 -28.45
N SER B 26 -22.94 18.07 -29.49
CA SER B 26 -23.25 18.55 -30.83
C SER B 26 -24.70 19.02 -30.94
N GLU B 27 -25.58 18.57 -30.04
CA GLU B 27 -26.97 18.99 -30.02
C GLU B 27 -27.23 20.08 -28.98
N ARG B 28 -26.16 20.74 -28.51
CA ARG B 28 -26.25 21.84 -27.55
C ARG B 28 -26.95 21.37 -26.26
N ILE B 29 -26.38 20.35 -25.64
CA ILE B 29 -26.88 19.79 -24.39
C ILE B 29 -25.69 19.51 -23.49
N ILE B 30 -25.67 20.16 -22.32
CA ILE B 30 -24.61 19.97 -21.34
C ILE B 30 -25.20 19.35 -20.09
N PHE B 31 -24.35 18.69 -19.32
CA PHE B 31 -24.78 17.96 -18.12
C PHE B 31 -23.98 18.42 -16.92
N LEU B 32 -24.56 18.18 -15.74
CA LEU B 32 -23.87 18.42 -14.47
C LEU B 32 -24.38 17.38 -13.47
N GLY B 33 -23.63 16.30 -13.33
CA GLY B 33 -24.07 15.18 -12.51
C GLY B 33 -23.18 14.90 -11.31
N SER B 34 -22.28 15.84 -10.99
CA SER B 34 -21.38 15.68 -9.88
C SER B 34 -21.32 16.99 -9.09
N GLU B 35 -20.64 16.94 -7.95
CA GLU B 35 -20.47 18.13 -7.11
C GLU B 35 -19.55 19.11 -7.82
N VAL B 36 -20.04 20.33 -8.03
CA VAL B 36 -19.25 21.35 -8.72
C VAL B 36 -18.05 21.72 -7.86
N ASN B 37 -16.86 21.60 -8.45
CA ASN B 37 -15.62 21.90 -7.74
C ASN B 37 -14.68 22.60 -8.72
N ASP B 38 -13.40 22.67 -8.36
CA ASP B 38 -12.40 23.31 -9.21
C ASP B 38 -12.21 22.60 -10.54
N GLU B 39 -12.67 21.36 -10.67
CA GLU B 39 -12.54 20.57 -11.89
C GLU B 39 -13.76 20.68 -12.81
N ILE B 40 -14.94 20.32 -12.30
CA ILE B 40 -16.13 20.28 -13.12
C ILE B 40 -16.50 21.68 -13.62
N ALA B 41 -16.20 22.71 -12.83
CA ALA B 41 -16.52 24.07 -13.23
C ALA B 41 -15.76 24.48 -14.50
N ASN B 42 -14.48 24.11 -14.58
CA ASN B 42 -13.70 24.43 -15.76
C ASN B 42 -14.27 23.76 -17.01
N ARG B 43 -14.63 22.48 -16.91
CA ARG B 43 -15.23 21.77 -18.03
C ARG B 43 -16.57 22.38 -18.43
N LEU B 44 -17.37 22.79 -17.44
CA LEU B 44 -18.66 23.39 -17.75
C LEU B 44 -18.50 24.72 -18.48
N CYS B 45 -17.60 25.59 -17.99
CA CYS B 45 -17.35 26.85 -18.67
C CYS B 45 -16.78 26.63 -20.07
N ALA B 46 -15.90 25.64 -20.23
CA ALA B 46 -15.36 25.34 -21.54
C ALA B 46 -16.44 24.89 -22.51
N GLN B 47 -17.34 24.01 -22.04
CA GLN B 47 -18.43 23.55 -22.91
C GLN B 47 -19.38 24.69 -23.26
N ILE B 48 -19.68 25.55 -22.29
CA ILE B 48 -20.57 26.69 -22.55
C ILE B 48 -19.94 27.64 -23.57
N LEU B 49 -18.65 27.92 -23.42
CA LEU B 49 -17.98 28.81 -24.36
C LEU B 49 -17.89 28.19 -25.74
N LEU B 50 -17.67 26.87 -25.82
CA LEU B 50 -17.65 26.21 -27.12
C LEU B 50 -19.02 26.27 -27.79
N LEU B 51 -20.09 26.01 -27.03
CA LEU B 51 -21.43 26.07 -27.61
C LEU B 51 -21.82 27.49 -27.99
N ALA B 52 -21.29 28.49 -27.29
CA ALA B 52 -21.56 29.88 -27.66
C ALA B 52 -20.77 30.32 -28.88
N ALA B 53 -19.55 29.80 -29.05
CA ALA B 53 -18.75 30.12 -30.22
C ALA B 53 -19.22 29.38 -31.47
N GLU B 54 -19.82 28.20 -31.28
CA GLU B 54 -20.35 27.47 -32.44
C GLU B 54 -21.56 28.17 -33.04
N ASP B 55 -22.50 28.57 -32.19
CA ASP B 55 -23.69 29.30 -32.64
C ASP B 55 -24.12 30.26 -31.55
N ALA B 56 -24.55 31.45 -31.96
CA ALA B 56 -25.00 32.49 -31.04
C ALA B 56 -26.47 32.83 -31.25
N SER B 57 -27.26 31.87 -31.76
CA SER B 57 -28.67 32.11 -31.99
C SER B 57 -29.54 30.92 -31.57
N LYS B 58 -29.04 30.07 -30.67
CA LYS B 58 -29.80 28.90 -30.22
C LYS B 58 -29.86 28.84 -28.70
N ASP B 59 -30.38 27.75 -28.17
CA ASP B 59 -30.50 27.55 -26.73
C ASP B 59 -29.58 26.43 -26.28
N ILE B 60 -29.18 26.49 -25.01
CA ILE B 60 -28.27 25.51 -24.41
C ILE B 60 -29.00 24.87 -23.24
N SER B 61 -29.38 23.60 -23.39
CA SER B 61 -30.05 22.88 -22.33
C SER B 61 -29.04 22.49 -21.25
N LEU B 62 -29.35 22.84 -20.00
CA LEU B 62 -28.47 22.57 -18.86
C LEU B 62 -29.24 21.71 -17.86
N TYR B 63 -28.99 20.40 -17.89
CA TYR B 63 -29.61 19.48 -16.95
C TYR B 63 -28.81 19.47 -15.66
N ILE B 64 -29.45 19.83 -14.55
CA ILE B 64 -28.78 20.02 -13.26
C ILE B 64 -29.14 18.86 -12.34
N ASN B 65 -28.11 18.16 -11.85
CA ASN B 65 -28.28 17.13 -10.82
C ASN B 65 -27.00 17.12 -9.99
N SER B 66 -27.01 17.88 -8.89
CA SER B 66 -25.81 18.03 -8.08
C SER B 66 -26.14 17.93 -6.60
N PRO B 67 -25.58 16.94 -5.89
CA PRO B 67 -25.81 16.83 -4.44
C PRO B 67 -24.99 17.81 -3.60
N GLY B 68 -24.28 18.75 -4.21
CA GLY B 68 -23.51 19.70 -3.45
C GLY B 68 -22.52 20.42 -4.34
N GLY B 69 -21.56 21.06 -3.70
CA GLY B 69 -20.53 21.80 -4.41
C GLY B 69 -20.13 23.05 -3.65
N SER B 70 -19.16 23.75 -4.22
CA SER B 70 -18.65 24.98 -3.64
C SER B 70 -19.21 26.19 -4.38
N ILE B 71 -19.15 27.34 -3.71
CA ILE B 71 -19.69 28.57 -4.29
C ILE B 71 -18.65 29.30 -5.15
N SER B 72 -17.37 29.20 -4.78
CA SER B 72 -16.33 29.88 -5.55
C SER B 72 -16.23 29.32 -6.96
N ALA B 73 -16.50 28.02 -7.13
CA ALA B 73 -16.49 27.41 -8.44
C ALA B 73 -17.80 27.64 -9.21
N GLY B 74 -18.94 27.63 -8.51
CA GLY B 74 -20.21 27.89 -9.17
C GLY B 74 -20.40 29.32 -9.61
N MET B 75 -19.75 30.27 -8.94
CA MET B 75 -19.82 31.66 -9.39
C MET B 75 -19.21 31.83 -10.78
N ALA B 76 -18.11 31.12 -11.05
CA ALA B 76 -17.53 31.17 -12.39
C ALA B 76 -18.48 30.59 -13.43
N ILE B 77 -19.17 29.50 -13.10
CA ILE B 77 -20.15 28.92 -14.01
C ILE B 77 -21.28 29.91 -14.26
N TYR B 78 -21.71 30.63 -13.22
CA TYR B 78 -22.75 31.63 -13.39
C TYR B 78 -22.30 32.77 -14.30
N ASP B 79 -21.08 33.27 -14.10
CA ASP B 79 -20.57 34.33 -14.95
C ASP B 79 -20.41 33.84 -16.39
N THR B 80 -20.03 32.58 -16.57
CA THR B 80 -19.91 32.04 -17.93
C THR B 80 -21.28 31.93 -18.59
N MET B 81 -22.30 31.52 -17.82
CA MET B 81 -23.65 31.43 -18.36
C MET B 81 -24.18 32.82 -18.74
N VAL B 82 -23.87 33.83 -17.93
CA VAL B 82 -24.31 35.18 -18.25
C VAL B 82 -23.54 35.74 -19.44
N LEU B 83 -22.27 35.38 -19.58
CA LEU B 83 -21.47 35.89 -20.70
C LEU B 83 -21.92 35.31 -22.03
N ALA B 84 -22.38 34.07 -22.05
CA ALA B 84 -22.82 33.45 -23.30
C ALA B 84 -24.05 34.17 -23.83
N PRO B 85 -24.04 34.60 -25.10
CA PRO B 85 -25.20 35.31 -25.66
C PRO B 85 -26.38 34.41 -25.99
N CYS B 86 -26.30 33.12 -25.70
CA CYS B 86 -27.39 32.20 -25.98
C CYS B 86 -28.42 32.27 -24.86
N ASP B 87 -29.44 31.40 -24.92
CA ASP B 87 -30.50 31.36 -23.93
C ASP B 87 -30.41 30.02 -23.19
N ILE B 88 -29.88 30.06 -21.97
CA ILE B 88 -29.68 28.83 -21.20
C ILE B 88 -31.02 28.34 -20.67
N ALA B 89 -31.34 27.08 -20.96
CA ALA B 89 -32.55 26.44 -20.48
C ALA B 89 -32.16 25.42 -19.42
N THR B 90 -32.29 25.80 -18.15
CA THR B 90 -31.88 24.96 -17.05
C THR B 90 -33.02 24.04 -16.62
N TYR B 91 -32.68 22.79 -16.32
CA TYR B 91 -33.65 21.79 -15.90
C TYR B 91 -33.20 21.19 -14.56
N ALA B 92 -34.19 20.75 -13.78
CA ALA B 92 -33.94 20.10 -12.49
C ALA B 92 -34.16 18.60 -12.70
N MET B 93 -33.11 17.91 -13.14
CA MET B 93 -33.22 16.48 -13.42
C MET B 93 -33.29 15.67 -12.14
N GLY B 94 -32.24 15.75 -11.32
CA GLY B 94 -32.21 15.01 -10.07
C GLY B 94 -32.57 15.86 -8.87
N MET B 95 -31.58 16.21 -8.06
CA MET B 95 -31.79 17.03 -6.88
C MET B 95 -30.72 18.10 -6.81
N ALA B 96 -31.13 19.32 -6.47
CA ALA B 96 -30.23 20.45 -6.30
C ALA B 96 -30.00 20.68 -4.82
N ALA B 97 -28.73 20.68 -4.41
CA ALA B 97 -28.35 20.80 -3.00
C ALA B 97 -27.32 21.92 -2.84
N SER B 98 -27.81 23.13 -2.59
CA SER B 98 -27.01 24.29 -2.20
C SER B 98 -26.15 24.84 -3.33
N MET B 99 -26.10 24.13 -4.46
CA MET B 99 -25.39 24.64 -5.63
C MET B 99 -26.14 24.45 -6.93
N GLY B 100 -27.10 23.52 -7.03
CA GLY B 100 -27.86 23.36 -8.26
C GLY B 100 -28.99 24.34 -8.39
N GLU B 101 -29.51 24.85 -7.27
CA GLU B 101 -30.60 25.83 -7.32
C GLU B 101 -30.11 27.15 -7.89
N PHE B 102 -28.89 27.57 -7.53
CA PHE B 102 -28.38 28.84 -8.02
C PHE B 102 -28.21 28.82 -9.54
N LEU B 103 -27.77 27.68 -10.09
CA LEU B 103 -27.66 27.55 -11.54
C LEU B 103 -29.00 27.28 -12.20
N LEU B 104 -29.96 26.70 -11.47
CA LEU B 104 -31.29 26.47 -12.02
C LEU B 104 -32.05 27.78 -12.18
N ALA B 105 -31.92 28.69 -11.20
CA ALA B 105 -32.54 30.00 -11.29
C ALA B 105 -31.72 31.00 -12.08
N ALA B 106 -30.51 30.64 -12.49
CA ALA B 106 -29.67 31.55 -13.27
C ALA B 106 -30.08 31.62 -14.73
N GLY B 107 -30.89 30.69 -15.20
CA GLY B 107 -31.34 30.70 -16.57
C GLY B 107 -32.31 31.84 -16.85
N THR B 108 -32.59 32.03 -18.14
CA THR B 108 -33.51 33.08 -18.54
C THR B 108 -34.92 32.77 -18.06
N LYS B 109 -35.65 33.84 -17.71
CA LYS B 109 -37.01 33.68 -17.22
C LYS B 109 -37.92 33.14 -18.32
N GLY B 110 -38.56 32.01 -18.04
CA GLY B 110 -39.40 31.34 -19.01
C GLY B 110 -38.83 30.04 -19.54
N LYS B 111 -37.59 29.72 -19.21
CA LYS B 111 -36.95 28.48 -19.65
C LYS B 111 -36.43 27.64 -18.50
N ARG B 112 -36.82 27.96 -17.26
CA ARG B 112 -36.38 27.21 -16.08
C ARG B 112 -37.44 26.16 -15.76
N TYR B 113 -37.22 24.94 -16.23
CA TYR B 113 -38.15 23.84 -16.02
C TYR B 113 -37.66 22.94 -14.88
N ALA B 114 -38.51 21.98 -14.51
CA ALA B 114 -38.18 21.06 -13.43
C ALA B 114 -39.01 19.79 -13.61
N LEU B 115 -38.37 18.66 -13.35
CA LEU B 115 -39.07 17.38 -13.43
C LEU B 115 -39.99 17.21 -12.22
N PRO B 116 -41.08 16.44 -12.37
CA PRO B 116 -42.08 16.36 -11.28
C PRO B 116 -41.56 15.70 -10.01
N HIS B 117 -40.38 15.10 -10.02
CA HIS B 117 -39.81 14.46 -8.83
C HIS B 117 -38.48 15.08 -8.45
N ALA B 118 -38.38 16.41 -8.58
CA ALA B 118 -37.17 17.13 -8.22
C ALA B 118 -37.21 17.58 -6.76
N ARG B 119 -36.03 17.75 -6.19
CA ARG B 119 -35.88 18.17 -4.80
C ARG B 119 -34.85 19.30 -4.74
N ILE B 120 -35.32 20.54 -4.67
CA ILE B 120 -34.45 21.71 -4.60
C ILE B 120 -34.17 22.00 -3.14
N LEU B 121 -32.90 22.01 -2.77
CA LEU B 121 -32.46 22.26 -1.39
C LEU B 121 -31.86 23.65 -1.33
N MET B 122 -32.61 24.60 -0.79
CA MET B 122 -32.13 25.96 -0.59
C MET B 122 -31.24 25.98 0.65
N HIS B 123 -29.93 26.07 0.44
CA HIS B 123 -28.97 25.98 1.53
C HIS B 123 -27.68 26.67 1.10
N GLN B 124 -26.94 27.17 2.10
CA GLN B 124 -25.65 27.75 1.73
C GLN B 124 -24.59 26.67 1.69
N PRO B 125 -23.50 26.88 0.95
CA PRO B 125 -22.42 25.89 0.92
C PRO B 125 -21.73 25.78 2.27
N LEU B 126 -21.10 24.62 2.48
CA LEU B 126 -20.43 24.36 3.76
C LEU B 126 -19.19 25.22 3.93
N GLY B 127 -18.49 25.52 2.84
CA GLY B 127 -17.29 26.33 2.91
C GLY B 127 -16.53 26.38 1.61
N ALA B 133 -4.63 27.19 8.77
CA ALA B 133 -3.38 27.92 8.59
C ALA B 133 -3.43 29.28 9.27
N ALA B 134 -2.83 30.28 8.64
CA ALA B 134 -2.78 31.63 9.18
C ALA B 134 -3.59 32.64 8.36
N ASP B 135 -4.07 32.25 7.18
CA ASP B 135 -4.85 33.14 6.32
C ASP B 135 -6.35 32.87 6.42
N ILE B 136 -6.80 32.33 7.55
CA ILE B 136 -8.22 32.05 7.72
C ILE B 136 -9.05 33.33 7.81
N ALA B 137 -8.45 34.44 8.22
CA ALA B 137 -9.18 35.70 8.31
C ALA B 137 -9.61 36.18 6.93
N ILE B 138 -8.66 36.22 5.98
CA ILE B 138 -9.02 36.65 4.63
C ILE B 138 -9.89 35.59 3.95
N GLN B 139 -9.75 34.32 4.34
CA GLN B 139 -10.62 33.28 3.80
C GLN B 139 -12.06 33.46 4.28
N ALA B 140 -12.25 33.94 5.50
CA ALA B 140 -13.59 34.22 5.99
C ALA B 140 -14.13 35.54 5.43
N GLU B 141 -13.26 36.52 5.19
CA GLU B 141 -13.71 37.78 4.60
C GLU B 141 -14.11 37.59 3.14
N GLN B 142 -13.39 36.76 2.40
CA GLN B 142 -13.77 36.48 1.01
C GLN B 142 -15.02 35.63 0.93
N PHE B 143 -15.25 34.76 1.91
CA PHE B 143 -16.47 33.95 1.91
C PHE B 143 -17.67 34.77 2.36
N ALA B 144 -17.45 35.83 3.13
CA ALA B 144 -18.53 36.68 3.59
C ALA B 144 -18.93 37.74 2.57
N VAL B 145 -18.12 37.98 1.54
CA VAL B 145 -18.45 38.94 0.51
C VAL B 145 -19.12 38.28 -0.70
N ILE B 146 -18.98 36.97 -0.87
CA ILE B 146 -19.66 36.26 -1.95
C ILE B 146 -20.92 35.55 -1.48
N LYS B 147 -21.07 35.33 -0.16
CA LYS B 147 -22.30 34.73 0.35
C LYS B 147 -23.45 35.73 0.35
N LYS B 148 -23.17 36.99 0.68
CA LYS B 148 -24.20 38.02 0.60
C LYS B 148 -24.55 38.36 -0.84
N GLU B 149 -23.58 38.21 -1.75
CA GLU B 149 -23.87 38.42 -3.17
C GLU B 149 -24.78 37.33 -3.71
N MET B 150 -24.61 36.10 -3.23
CA MET B 150 -25.49 35.01 -3.64
C MET B 150 -26.91 35.23 -3.12
N PHE B 151 -27.04 35.74 -1.90
CA PHE B 151 -28.36 36.03 -1.34
C PHE B 151 -29.05 37.20 -2.03
N ARG B 152 -28.31 38.02 -2.78
CA ARG B 152 -28.92 39.07 -3.58
C ARG B 152 -29.39 38.54 -4.93
N LEU B 153 -28.58 37.72 -5.60
CA LEU B 153 -28.99 37.14 -6.87
C LEU B 153 -30.14 36.16 -6.69
N ASN B 154 -30.17 35.45 -5.56
CA ASN B 154 -31.28 34.53 -5.31
C ASN B 154 -32.59 35.28 -5.13
N ALA B 155 -32.55 36.45 -4.49
CA ALA B 155 -33.75 37.25 -4.36
C ALA B 155 -34.12 37.95 -5.66
N GLU B 156 -33.12 38.27 -6.49
CA GLU B 156 -33.40 38.89 -7.78
C GLU B 156 -34.03 37.90 -8.74
N PHE B 157 -33.59 36.64 -8.70
CA PHE B 157 -34.12 35.63 -9.61
C PHE B 157 -35.51 35.18 -9.20
N THR B 158 -35.65 34.69 -7.98
CA THR B 158 -36.94 34.16 -7.52
C THR B 158 -37.96 35.25 -7.29
N GLY B 159 -37.54 36.49 -7.06
CA GLY B 159 -38.45 37.58 -6.79
C GLY B 159 -38.94 37.66 -5.36
N GLN B 160 -38.64 36.67 -4.53
CA GLN B 160 -39.05 36.70 -3.14
C GLN B 160 -38.28 37.79 -2.38
N PRO B 161 -38.82 38.26 -1.27
CA PRO B 161 -38.07 39.23 -0.44
C PRO B 161 -36.75 38.64 0.02
N ILE B 162 -35.79 39.53 0.29
CA ILE B 162 -34.45 39.09 0.66
C ILE B 162 -34.47 38.39 2.02
N GLU B 163 -35.35 38.81 2.93
CA GLU B 163 -35.40 38.23 4.26
C GLU B 163 -35.99 36.83 4.26
N ARG B 164 -36.53 36.35 3.14
CA ARG B 164 -37.12 35.01 3.11
C ARG B 164 -36.05 33.93 2.92
N ILE B 165 -35.08 34.17 2.04
CA ILE B 165 -34.06 33.16 1.79
C ILE B 165 -33.08 33.08 2.96
N GLU B 166 -32.82 34.20 3.64
CA GLU B 166 -31.97 34.16 4.81
C GLU B 166 -32.60 33.38 5.96
N ALA B 167 -33.92 33.18 5.94
CA ALA B 167 -34.59 32.35 6.93
C ALA B 167 -34.78 30.92 6.45
N ASP B 168 -34.96 30.71 5.15
CA ASP B 168 -35.14 29.38 4.61
C ASP B 168 -33.82 28.66 4.32
N SER B 169 -32.69 29.35 4.43
CA SER B 169 -31.39 28.75 4.12
C SER B 169 -30.79 27.98 5.29
N ASP B 170 -30.97 28.46 6.52
CA ASP B 170 -30.36 27.81 7.67
C ASP B 170 -31.16 26.61 8.16
N ARG B 171 -32.45 26.54 7.83
CA ARG B 171 -33.31 25.45 8.28
C ARG B 171 -33.20 24.21 7.40
N ASP B 172 -32.44 24.27 6.31
CA ASP B 172 -32.31 23.15 5.38
C ASP B 172 -33.68 22.71 4.87
N ARG B 173 -34.52 23.68 4.54
CA ARG B 173 -35.88 23.40 4.10
C ARG B 173 -35.86 22.81 2.70
N TRP B 174 -36.23 21.54 2.59
CA TRP B 174 -36.30 20.88 1.30
C TRP B 174 -37.60 21.27 0.58
N PHE B 175 -37.56 21.17 -0.75
CA PHE B 175 -38.69 21.54 -1.59
C PHE B 175 -39.02 20.42 -2.54
N THR B 176 -40.18 20.54 -3.19
CA THR B 176 -40.65 19.60 -4.19
C THR B 176 -40.85 20.35 -5.50
N ALA B 177 -41.25 19.63 -6.55
CA ALA B 177 -41.46 20.28 -7.84
C ALA B 177 -42.64 21.24 -7.81
N ALA B 178 -43.62 20.99 -6.94
CA ALA B 178 -44.77 21.88 -6.84
C ALA B 178 -44.48 23.07 -5.94
N GLU B 179 -43.70 22.87 -4.88
CA GLU B 179 -43.37 23.98 -3.99
C GLU B 179 -42.38 24.94 -4.64
N ALA B 180 -41.41 24.41 -5.38
CA ALA B 180 -40.45 25.26 -6.08
C ALA B 180 -41.09 26.06 -7.20
N LEU B 181 -42.25 25.61 -7.71
CA LEU B 181 -42.94 26.37 -8.75
C LEU B 181 -43.57 27.63 -8.18
N GLU B 182 -44.20 27.53 -7.01
CA GLU B 182 -44.82 28.68 -6.37
C GLU B 182 -43.83 29.50 -5.56
N TYR B 183 -42.65 28.95 -5.27
CA TYR B 183 -41.65 29.72 -4.53
C TYR B 183 -40.95 30.74 -5.43
N GLY B 184 -40.70 30.39 -6.69
CA GLY B 184 -40.06 31.29 -7.62
C GLY B 184 -38.83 30.70 -8.28
N PHE B 185 -38.55 29.43 -7.98
CA PHE B 185 -37.37 28.78 -8.56
C PHE B 185 -37.56 28.49 -10.04
N VAL B 186 -38.57 27.70 -10.37
CA VAL B 186 -38.83 27.30 -11.74
C VAL B 186 -40.12 27.95 -12.22
N ASP B 187 -40.39 27.80 -13.52
CA ASP B 187 -41.59 28.37 -14.12
C ASP B 187 -42.57 27.34 -14.67
N HIS B 188 -42.14 26.10 -14.90
CA HIS B 188 -43.01 25.07 -15.43
C HIS B 188 -42.63 23.72 -14.84
N ILE B 189 -43.56 22.78 -14.93
CA ILE B 189 -43.37 21.41 -14.46
C ILE B 189 -43.65 20.50 -15.65
N ILE B 190 -42.60 20.00 -16.30
CA ILE B 190 -42.74 19.17 -17.48
C ILE B 190 -43.13 17.77 -17.02
N THR B 191 -44.40 17.41 -17.24
CA THR B 191 -44.88 16.07 -16.92
C THR B 191 -44.90 15.17 -18.16
N ARG B 192 -45.30 15.71 -19.31
CA ARG B 192 -45.29 14.95 -20.56
C ARG B 192 -45.06 15.95 -21.70
N ALA B 193 -43.80 16.06 -22.13
CA ALA B 193 -43.42 16.99 -23.18
C ALA B 193 -42.38 16.32 -24.06
N HIS B 194 -41.75 17.10 -24.93
CA HIS B 194 -40.73 16.58 -25.85
C HIS B 194 -39.33 16.80 -25.28
N LEU C 14 -4.70 9.17 -27.49
CA LEU C 14 -3.84 10.31 -27.19
C LEU C 14 -4.37 11.08 -25.99
N SER C 15 -3.85 12.29 -25.80
CA SER C 15 -4.27 13.16 -24.70
C SER C 15 -4.19 14.60 -25.19
N LEU C 16 -4.33 15.54 -24.25
CA LEU C 16 -4.26 16.95 -24.60
C LEU C 16 -2.81 17.38 -24.88
N THR C 17 -1.90 17.07 -23.96
CA THR C 17 -0.50 17.42 -24.14
C THR C 17 0.20 16.53 -25.17
N ASP C 18 -0.36 15.36 -25.47
CA ASP C 18 0.22 14.48 -26.48
C ASP C 18 -0.25 14.80 -27.89
N SER C 19 -1.27 15.63 -28.04
CA SER C 19 -1.76 16.03 -29.36
C SER C 19 -1.13 17.33 -29.84
N VAL C 20 -0.91 18.29 -28.93
CA VAL C 20 -0.27 19.54 -29.30
C VAL C 20 1.17 19.30 -29.73
N TYR C 21 1.87 18.38 -29.06
CA TYR C 21 3.24 18.07 -29.44
C TYR C 21 3.29 17.42 -30.82
N GLU C 22 2.32 16.54 -31.12
CA GLU C 22 2.27 15.92 -32.44
C GLU C 22 1.94 16.94 -33.52
N ARG C 23 1.04 17.88 -33.22
CA ARG C 23 0.71 18.92 -34.21
C ARG C 23 1.87 19.86 -34.42
N LEU C 24 2.68 20.12 -33.39
CA LEU C 24 3.86 20.95 -33.55
C LEU C 24 5.00 20.21 -34.23
N LEU C 25 5.01 18.88 -34.14
CA LEU C 25 6.04 18.10 -34.81
C LEU C 25 5.93 18.22 -36.33
N SER C 26 4.70 18.36 -36.84
CA SER C 26 4.52 18.56 -38.28
C SER C 26 5.08 19.90 -38.75
N GLU C 27 5.24 20.86 -37.85
CA GLU C 27 5.82 22.15 -38.17
C GLU C 27 7.31 22.24 -37.82
N ARG C 28 7.95 21.09 -37.60
CA ARG C 28 9.37 21.01 -37.27
C ARG C 28 9.70 21.82 -36.01
N ILE C 29 9.02 21.45 -34.92
CA ILE C 29 9.22 22.07 -33.62
C ILE C 29 9.25 20.98 -32.57
N ILE C 30 10.37 20.87 -31.85
CA ILE C 30 10.53 19.88 -30.79
C ILE C 30 10.69 20.62 -29.46
N PHE C 31 10.36 19.91 -28.39
CA PHE C 31 10.37 20.50 -27.05
C PHE C 31 11.24 19.66 -26.12
N LEU C 32 11.68 20.29 -25.03
CA LEU C 32 12.41 19.61 -23.97
C LEU C 32 12.06 20.33 -22.67
N GLY C 33 11.08 19.78 -21.94
CA GLY C 33 10.59 20.43 -20.74
C GLY C 33 10.80 19.63 -19.47
N SER C 34 11.63 18.60 -19.54
CA SER C 34 11.92 17.76 -18.38
C SER C 34 13.41 17.50 -18.31
N GLU C 35 13.83 16.86 -17.21
CA GLU C 35 15.22 16.51 -17.03
C GLU C 35 15.61 15.41 -18.01
N VAL C 36 16.63 15.68 -18.83
CA VAL C 36 17.07 14.71 -19.82
C VAL C 36 17.63 13.48 -19.12
N ASN C 37 17.07 12.31 -19.44
CA ASN C 37 17.50 11.06 -18.84
C ASN C 37 17.50 9.98 -19.93
N ASP C 38 17.55 8.72 -19.50
CA ASP C 38 17.56 7.61 -20.44
C ASP C 38 16.27 7.51 -21.25
N GLU C 39 15.20 8.19 -20.82
CA GLU C 39 13.91 8.15 -21.51
C GLU C 39 13.74 9.31 -22.49
N ILE C 40 13.85 10.55 -22.01
CA ILE C 40 13.58 11.71 -22.84
C ILE C 40 14.58 11.82 -23.98
N ALA C 41 15.82 11.35 -23.74
CA ALA C 41 16.84 11.43 -24.77
C ALA C 41 16.48 10.58 -25.98
N ASN C 42 15.94 9.38 -25.74
CA ASN C 42 15.54 8.52 -26.85
C ASN C 42 14.44 9.16 -27.68
N ARG C 43 13.43 9.74 -27.02
CA ARG C 43 12.37 10.42 -27.74
C ARG C 43 12.88 11.62 -28.51
N LEU C 44 13.83 12.37 -27.93
CA LEU C 44 14.39 13.53 -28.62
C LEU C 44 15.16 13.12 -29.87
N CYS C 45 16.00 12.09 -29.76
CA CYS C 45 16.74 11.61 -30.92
C CYS C 45 15.79 11.05 -31.98
N ALA C 46 14.73 10.35 -31.55
CA ALA C 46 13.76 9.83 -32.50
C ALA C 46 13.06 10.96 -33.26
N GLN C 47 12.65 12.01 -32.54
CA GLN C 47 11.99 13.14 -33.18
C GLN C 47 12.94 13.86 -34.14
N ILE C 48 14.20 14.03 -33.73
CA ILE C 48 15.16 14.70 -34.59
C ILE C 48 15.41 13.90 -35.86
N LEU C 49 15.55 12.58 -35.72
CA LEU C 49 15.78 11.73 -36.89
C LEU C 49 14.55 11.71 -37.80
N LEU C 50 13.35 11.74 -37.22
CA LEU C 50 12.14 11.79 -38.04
C LEU C 50 12.06 13.11 -38.80
N LEU C 51 12.37 14.23 -38.14
CA LEU C 51 12.33 15.52 -38.81
C LEU C 51 13.42 15.65 -39.86
N ALA C 52 14.55 14.96 -39.66
CA ALA C 52 15.61 14.98 -40.66
C ALA C 52 15.28 14.09 -41.86
N ALA C 53 14.57 12.98 -41.63
CA ALA C 53 14.18 12.11 -42.73
C ALA C 53 13.00 12.67 -43.51
N GLU C 54 12.15 13.47 -42.87
CA GLU C 54 11.04 14.09 -43.58
C GLU C 54 11.53 15.14 -44.56
N ASP C 55 12.42 16.02 -44.12
CA ASP C 55 12.99 17.05 -44.98
C ASP C 55 14.41 17.34 -44.53
N ALA C 56 15.30 17.54 -45.50
CA ALA C 56 16.71 17.82 -45.23
C ALA C 56 17.11 19.21 -45.73
N SER C 57 16.15 20.13 -45.81
CA SER C 57 16.44 21.49 -46.28
C SER C 57 15.73 22.54 -45.44
N LYS C 58 15.37 22.23 -44.19
CA LYS C 58 14.69 23.19 -43.35
C LYS C 58 15.38 23.30 -41.99
N ASP C 59 14.77 24.03 -41.06
CA ASP C 59 15.30 24.21 -39.72
C ASP C 59 14.43 23.52 -38.70
N ILE C 60 15.03 23.14 -37.57
CA ILE C 60 14.35 22.44 -36.50
C ILE C 60 14.46 23.29 -35.24
N SER C 61 13.36 23.89 -34.81
CA SER C 61 13.34 24.71 -33.61
C SER C 61 13.38 23.81 -32.38
N LEU C 62 14.33 24.08 -31.48
CA LEU C 62 14.52 23.30 -30.27
C LEU C 62 14.37 24.23 -29.06
N TYR C 63 13.19 24.22 -28.45
CA TYR C 63 12.93 25.01 -27.25
C TYR C 63 13.44 24.25 -26.03
N ILE C 64 14.37 24.85 -25.30
CA ILE C 64 15.06 24.20 -24.19
C ILE C 64 14.56 24.78 -22.88
N ASN C 65 14.05 23.90 -22.02
CA ASN C 65 13.68 24.28 -20.64
C ASN C 65 13.90 23.03 -19.77
N SER C 66 15.08 22.95 -19.17
CA SER C 66 15.43 21.77 -18.40
C SER C 66 16.11 22.14 -17.09
N PRO C 67 15.52 21.79 -15.95
CA PRO C 67 16.16 22.06 -14.65
C PRO C 67 17.30 21.12 -14.29
N GLY C 68 17.71 20.24 -15.20
CA GLY C 68 18.79 19.31 -14.89
C GLY C 68 18.84 18.20 -15.91
N GLY C 69 19.58 17.16 -15.55
CA GLY C 69 19.71 15.99 -16.40
C GLY C 69 21.11 15.41 -16.28
N SER C 70 21.30 14.31 -17.00
CA SER C 70 22.57 13.60 -17.03
C SER C 70 23.34 13.93 -18.31
N ILE C 71 24.65 13.70 -18.26
CA ILE C 71 25.51 13.98 -19.41
C ILE C 71 25.57 12.81 -20.38
N SER C 72 25.49 11.57 -19.88
CA SER C 72 25.56 10.41 -20.76
C SER C 72 24.38 10.37 -21.72
N ALA C 73 23.22 10.87 -21.28
CA ALA C 73 22.05 10.94 -22.15
C ALA C 73 22.06 12.15 -23.06
N GLY C 74 22.54 13.30 -22.57
CA GLY C 74 22.63 14.49 -23.41
C GLY C 74 23.69 14.41 -24.50
N MET C 75 24.75 13.62 -24.28
CA MET C 75 25.73 13.43 -25.33
C MET C 75 25.11 12.77 -26.57
N ALA C 76 24.22 11.81 -26.36
CA ALA C 76 23.53 11.18 -27.49
C ALA C 76 22.66 12.19 -28.22
N ILE C 77 21.98 13.08 -27.48
CA ILE C 77 21.18 14.12 -28.13
C ILE C 77 22.08 15.05 -28.93
N TYR C 78 23.26 15.37 -28.41
CA TYR C 78 24.18 16.23 -29.15
C TYR C 78 24.66 15.55 -30.42
N ASP C 79 25.02 14.27 -30.34
CA ASP C 79 25.45 13.55 -31.54
C ASP C 79 24.32 13.45 -32.56
N THR C 80 23.08 13.30 -32.08
CA THR C 80 21.95 13.24 -33.00
C THR C 80 21.71 14.59 -33.67
N MET C 81 21.88 15.68 -32.91
CA MET C 81 21.74 17.01 -33.49
C MET C 81 22.82 17.27 -34.53
N VAL C 82 24.05 16.82 -34.27
CA VAL C 82 25.13 17.00 -35.24
C VAL C 82 24.91 16.13 -36.46
N LEU C 83 24.36 14.93 -36.28
CA LEU C 83 24.15 14.02 -37.40
C LEU C 83 23.07 14.53 -38.35
N ALA C 84 22.06 15.21 -37.83
CA ALA C 84 20.97 15.71 -38.67
C ALA C 84 21.51 16.77 -39.62
N PRO C 85 21.27 16.66 -40.92
CA PRO C 85 21.77 17.66 -41.87
C PRO C 85 21.01 18.97 -41.87
N CYS C 86 20.02 19.13 -40.99
CA CYS C 86 19.24 20.36 -40.93
C CYS C 86 20.00 21.39 -40.08
N ASP C 87 19.36 22.53 -39.84
CA ASP C 87 19.95 23.62 -39.06
C ASP C 87 19.13 23.77 -37.78
N ILE C 88 19.68 23.29 -36.68
CA ILE C 88 18.97 23.32 -35.40
C ILE C 88 18.99 24.75 -34.85
N ALA C 89 17.81 25.27 -34.53
CA ALA C 89 17.66 26.59 -33.94
C ALA C 89 17.23 26.41 -32.49
N THR C 90 18.19 26.51 -31.58
CA THR C 90 17.94 26.28 -30.17
C THR C 90 17.52 27.57 -29.48
N TYR C 91 16.53 27.47 -28.60
CA TYR C 91 16.01 28.61 -27.86
C TYR C 91 16.09 28.31 -26.37
N ALA C 92 16.22 29.38 -25.58
CA ALA C 92 16.24 29.28 -24.12
C ALA C 92 14.87 29.76 -23.61
N MET C 93 13.92 28.83 -23.56
CA MET C 93 12.56 29.18 -23.15
C MET C 93 12.50 29.42 -21.64
N GLY C 94 12.81 28.41 -20.85
CA GLY C 94 12.77 28.54 -19.40
C GLY C 94 14.14 28.79 -18.79
N MET C 95 14.68 27.76 -18.14
CA MET C 95 16.00 27.86 -17.52
C MET C 95 16.81 26.61 -17.85
N ALA C 96 18.08 26.81 -18.17
CA ALA C 96 19.00 25.73 -18.47
C ALA C 96 19.89 25.49 -17.25
N ALA C 97 19.91 24.25 -16.75
CA ALA C 97 20.64 23.90 -15.53
C ALA C 97 21.54 22.70 -15.81
N SER C 98 22.78 22.98 -16.23
CA SER C 98 23.86 22.00 -16.33
C SER C 98 23.66 21.03 -17.49
N MET C 99 22.49 21.07 -18.14
CA MET C 99 22.26 20.25 -19.33
C MET C 99 21.58 21.00 -20.47
N GLY C 100 20.86 22.09 -20.21
CA GLY C 100 20.24 22.82 -21.29
C GLY C 100 21.20 23.77 -22.00
N GLU C 101 22.25 24.22 -21.31
CA GLU C 101 23.21 25.12 -21.93
C GLU C 101 24.02 24.40 -23.01
N PHE C 102 24.37 23.14 -22.76
CA PHE C 102 25.16 22.39 -23.73
C PHE C 102 24.39 22.18 -25.03
N LEU C 103 23.08 21.94 -24.93
CA LEU C 103 22.24 21.81 -26.12
C LEU C 103 21.88 23.17 -26.71
N LEU C 104 21.88 24.22 -25.90
CA LEU C 104 21.60 25.57 -26.43
C LEU C 104 22.77 26.07 -27.26
N ALA C 105 24.00 25.81 -26.82
CA ALA C 105 25.18 26.20 -27.58
C ALA C 105 25.54 25.19 -28.66
N ALA C 106 24.86 24.05 -28.72
CA ALA C 106 25.15 23.04 -29.74
C ALA C 106 24.57 23.39 -31.09
N GLY C 107 23.64 24.35 -31.15
CA GLY C 107 23.06 24.74 -32.41
C GLY C 107 24.03 25.51 -33.29
N THR C 108 23.62 25.70 -34.53
CA THR C 108 24.46 26.42 -35.49
C THR C 108 24.64 27.88 -35.07
N LYS C 109 25.82 28.41 -35.35
CA LYS C 109 26.13 29.80 -34.99
C LYS C 109 25.26 30.75 -35.79
N GLY C 110 24.50 31.59 -35.10
CA GLY C 110 23.57 32.52 -35.71
C GLY C 110 22.11 32.17 -35.51
N LYS C 111 21.81 31.01 -34.92
CA LYS C 111 20.44 30.58 -34.67
C LYS C 111 20.20 30.24 -33.19
N ARG C 112 21.13 30.61 -32.31
CA ARG C 112 20.99 30.34 -30.88
C ARG C 112 20.39 31.58 -30.22
N TYR C 113 19.07 31.56 -30.01
CA TYR C 113 18.36 32.67 -29.41
C TYR C 113 18.07 32.38 -27.95
N ALA C 114 17.54 33.40 -27.26
CA ALA C 114 17.22 33.27 -25.85
C ALA C 114 16.15 34.29 -25.49
N LEU C 115 15.20 33.88 -24.65
CA LEU C 115 14.16 34.79 -24.20
C LEU C 115 14.73 35.75 -23.16
N PRO C 116 14.15 36.95 -23.05
CA PRO C 116 14.75 37.97 -22.16
C PRO C 116 14.72 37.62 -20.69
N HIS C 117 14.03 36.56 -20.28
CA HIS C 117 13.97 36.14 -18.88
C HIS C 117 14.50 34.73 -18.71
N ALA C 118 15.58 34.40 -19.42
CA ALA C 118 16.19 33.08 -19.32
C ALA C 118 17.29 33.09 -18.26
N ARG C 119 17.55 31.91 -17.71
CA ARG C 119 18.57 31.73 -16.67
C ARG C 119 19.42 30.51 -17.05
N ILE C 120 20.59 30.77 -17.63
CA ILE C 120 21.51 29.71 -18.02
C ILE C 120 22.44 29.41 -16.86
N LEU C 121 22.43 28.17 -16.39
CA LEU C 121 23.25 27.74 -15.26
C LEU C 121 24.40 26.90 -15.80
N MET C 122 25.60 27.49 -15.85
CA MET C 122 26.80 26.78 -16.28
C MET C 122 27.29 25.93 -15.10
N HIS C 123 27.07 24.62 -15.19
CA HIS C 123 27.40 23.73 -14.09
C HIS C 123 27.60 22.33 -14.65
N GLN C 124 28.42 21.53 -13.93
CA GLN C 124 28.56 20.16 -14.39
C GLN C 124 27.44 19.28 -13.80
N PRO C 125 27.12 18.17 -14.43
CA PRO C 125 26.09 17.28 -13.88
C PRO C 125 26.55 16.66 -12.56
N LEU C 126 25.56 16.24 -11.77
CA LEU C 126 25.86 15.67 -10.46
C LEU C 126 26.51 14.30 -10.58
N GLY C 127 26.15 13.52 -11.59
CA GLY C 127 26.72 12.20 -11.79
C GLY C 127 26.02 11.40 -12.87
N ALA C 133 28.50 -0.25 -5.70
CA ALA C 133 28.87 -1.61 -6.07
C ALA C 133 30.38 -1.79 -6.12
N ALA C 134 30.85 -2.58 -7.08
CA ALA C 134 32.27 -2.84 -7.24
C ALA C 134 32.85 -2.25 -8.52
N ASP C 135 32.02 -1.73 -9.42
CA ASP C 135 32.49 -1.15 -10.67
C ASP C 135 32.52 0.38 -10.63
N ILE C 136 32.67 0.95 -9.44
CA ILE C 136 32.70 2.41 -9.30
C ILE C 136 33.97 3.00 -9.92
N ALA C 137 35.04 2.22 -10.01
CA ALA C 137 36.27 2.72 -10.61
C ALA C 137 36.08 3.02 -12.09
N ILE C 138 35.52 2.07 -12.84
CA ILE C 138 35.28 2.30 -14.26
C ILE C 138 34.17 3.32 -14.45
N GLN C 139 33.25 3.42 -13.50
CA GLN C 139 32.20 4.44 -13.57
C GLN C 139 32.79 5.84 -13.40
N ALA C 140 33.83 5.97 -12.57
CA ALA C 140 34.50 7.26 -12.42
C ALA C 140 35.43 7.54 -13.58
N GLU C 141 36.04 6.51 -14.16
CA GLU C 141 36.92 6.72 -15.33
C GLU C 141 36.10 7.11 -16.56
N GLN C 142 34.93 6.52 -16.73
CA GLN C 142 34.08 6.90 -17.86
C GLN C 142 33.47 8.29 -17.66
N PHE C 143 33.22 8.69 -16.42
CA PHE C 143 32.71 10.03 -16.17
C PHE C 143 33.79 11.09 -16.30
N ALA C 144 35.05 10.71 -16.09
CA ALA C 144 36.17 11.63 -16.21
C ALA C 144 36.64 11.81 -17.64
N VAL C 145 36.23 10.93 -18.56
CA VAL C 145 36.60 11.06 -19.97
C VAL C 145 35.55 11.81 -20.78
N ILE C 146 34.31 11.90 -20.30
CA ILE C 146 33.28 12.66 -20.98
C ILE C 146 33.08 14.05 -20.36
N LYS C 147 33.54 14.27 -19.14
CA LYS C 147 33.44 15.59 -18.53
C LYS C 147 34.46 16.54 -19.13
N LYS C 148 35.68 16.06 -19.40
CA LYS C 148 36.67 16.89 -20.06
C LYS C 148 36.31 17.14 -21.53
N GLU C 149 35.62 16.19 -22.15
CA GLU C 149 35.15 16.40 -23.52
C GLU C 149 34.07 17.46 -23.58
N MET C 150 33.22 17.53 -22.56
CA MET C 150 32.20 18.57 -22.50
C MET C 150 32.85 19.95 -22.31
N PHE C 151 33.90 20.02 -21.48
CA PHE C 151 34.61 21.27 -21.28
C PHE C 151 35.37 21.73 -22.51
N ARG C 152 35.62 20.85 -23.47
CA ARG C 152 36.22 21.24 -24.73
C ARG C 152 35.18 21.76 -25.72
N LEU C 153 34.04 21.08 -25.82
CA LEU C 153 32.98 21.56 -26.71
C LEU C 153 32.37 22.87 -26.21
N ASN C 154 32.31 23.06 -24.89
CA ASN C 154 31.79 24.32 -24.35
C ASN C 154 32.72 25.48 -24.70
N ALA C 155 34.03 25.25 -24.68
CA ALA C 155 34.97 26.30 -25.08
C ALA C 155 34.98 26.50 -26.59
N GLU C 156 34.73 25.44 -27.35
CA GLU C 156 34.68 25.56 -28.80
C GLU C 156 33.43 26.34 -29.25
N PHE C 157 32.31 26.14 -28.57
CA PHE C 157 31.07 26.80 -28.95
C PHE C 157 31.07 28.26 -28.53
N THR C 158 31.26 28.52 -27.23
CA THR C 158 31.21 29.89 -26.73
C THR C 158 32.41 30.72 -27.15
N GLY C 159 33.53 30.09 -27.49
CA GLY C 159 34.74 30.80 -27.86
C GLY C 159 35.56 31.30 -26.71
N GLN C 160 35.07 31.21 -25.48
CA GLN C 160 35.83 31.64 -24.32
C GLN C 160 37.02 30.70 -24.09
N PRO C 161 38.05 31.18 -23.39
CA PRO C 161 39.17 30.30 -23.05
C PRO C 161 38.70 29.11 -22.22
N ILE C 162 39.47 28.03 -22.30
CA ILE C 162 39.07 26.79 -21.62
C ILE C 162 39.13 26.97 -20.11
N GLU C 163 40.06 27.77 -19.61
CA GLU C 163 40.21 27.98 -18.18
C GLU C 163 39.08 28.80 -17.56
N ARG C 164 38.20 29.39 -18.38
CA ARG C 164 37.11 30.19 -17.84
C ARG C 164 35.94 29.34 -17.38
N ILE C 165 35.58 28.32 -18.16
CA ILE C 165 34.44 27.48 -17.79
C ILE C 165 34.80 26.57 -16.64
N GLU C 166 36.06 26.13 -16.54
CA GLU C 166 36.47 25.33 -15.39
C GLU C 166 36.45 26.12 -14.09
N ALA C 167 36.44 27.45 -14.17
CA ALA C 167 36.31 28.27 -12.98
C ALA C 167 34.87 28.71 -12.73
N ASP C 168 34.09 28.88 -13.80
CA ASP C 168 32.69 29.28 -13.65
C ASP C 168 31.75 28.10 -13.43
N SER C 169 32.24 26.86 -13.55
CA SER C 169 31.38 25.69 -13.39
C SER C 169 31.20 25.26 -11.94
N ASP C 170 32.24 25.38 -11.11
CA ASP C 170 32.14 24.94 -9.73
C ASP C 170 31.46 25.95 -8.83
N ARG C 171 31.42 27.22 -9.22
CA ARG C 171 30.81 28.26 -8.39
C ARG C 171 29.30 28.35 -8.56
N ASP C 172 28.71 27.56 -9.47
CA ASP C 172 27.28 27.61 -9.75
C ASP C 172 26.84 29.02 -10.13
N ARG C 173 27.65 29.67 -10.95
CA ARG C 173 27.39 31.05 -11.37
C ARG C 173 26.19 31.09 -12.30
N TRP C 174 25.10 31.68 -11.85
CA TRP C 174 23.92 31.84 -12.67
C TRP C 174 24.08 33.02 -13.62
N PHE C 175 23.35 32.96 -14.73
CA PHE C 175 23.43 33.99 -15.77
C PHE C 175 22.04 34.48 -16.11
N THR C 176 22.00 35.59 -16.85
CA THR C 176 20.77 36.19 -17.32
C THR C 176 20.81 36.21 -18.86
N ALA C 177 19.74 36.71 -19.49
CA ALA C 177 19.70 36.77 -20.94
C ALA C 177 20.72 37.76 -21.49
N ALA C 178 21.07 38.79 -20.71
CA ALA C 178 22.04 39.78 -21.18
C ALA C 178 23.46 39.32 -20.92
N GLU C 179 23.69 38.60 -19.81
CA GLU C 179 25.03 38.11 -19.51
C GLU C 179 25.41 36.95 -20.44
N ALA C 180 24.45 36.06 -20.73
CA ALA C 180 24.71 34.95 -21.64
C ALA C 180 24.95 35.41 -23.07
N LEU C 181 24.48 36.61 -23.43
CA LEU C 181 24.73 37.14 -24.76
C LEU C 181 26.19 37.54 -24.94
N GLU C 182 26.75 38.23 -23.93
CA GLU C 182 28.15 38.64 -23.99
C GLU C 182 29.11 37.55 -23.55
N TYR C 183 28.61 36.48 -22.91
CA TYR C 183 29.49 35.38 -22.52
C TYR C 183 29.84 34.50 -23.71
N GLY C 184 28.88 34.28 -24.61
CA GLY C 184 29.13 33.46 -25.79
C GLY C 184 28.13 32.34 -25.96
N PHE C 185 27.13 32.30 -25.07
CA PHE C 185 26.13 31.23 -25.13
C PHE C 185 25.18 31.44 -26.31
N VAL C 186 24.48 32.56 -26.34
CA VAL C 186 23.51 32.85 -27.39
C VAL C 186 24.03 34.00 -28.25
N ASP C 187 23.31 34.26 -29.34
CA ASP C 187 23.68 35.31 -30.27
C ASP C 187 22.66 36.44 -30.37
N HIS C 188 21.42 36.23 -29.94
CA HIS C 188 20.39 37.26 -30.01
C HIS C 188 19.46 37.14 -28.81
N ILE C 189 18.73 38.21 -28.54
CA ILE C 189 17.75 38.27 -27.47
C ILE C 189 16.43 38.69 -28.12
N ILE C 190 15.55 37.72 -28.33
CA ILE C 190 14.26 37.97 -28.99
C ILE C 190 13.33 38.62 -27.97
N THR C 191 13.10 39.92 -28.12
CA THR C 191 12.16 40.64 -27.27
C THR C 191 10.79 40.78 -27.92
N ARG C 192 10.76 41.05 -29.23
CA ARG C 192 9.49 41.15 -29.97
C ARG C 192 9.78 40.71 -31.41
N ALA C 193 9.49 39.44 -31.70
CA ALA C 193 9.73 38.88 -33.02
C ALA C 193 8.57 37.95 -33.36
N HIS C 194 8.74 37.17 -34.43
CA HIS C 194 7.71 36.23 -34.86
C HIS C 194 7.97 34.83 -34.33
N LEU D 14 -8.42 9.82 -26.42
CA LEU D 14 -8.75 11.09 -25.78
C LEU D 14 -9.77 10.88 -24.66
N SER D 15 -10.35 11.97 -24.19
CA SER D 15 -11.35 11.93 -23.13
C SER D 15 -12.38 13.03 -23.39
N LEU D 16 -13.23 13.28 -22.40
CA LEU D 16 -14.24 14.33 -22.55
C LEU D 16 -13.61 15.71 -22.41
N THR D 17 -12.84 15.92 -21.34
CA THR D 17 -12.20 17.21 -21.13
C THR D 17 -11.00 17.43 -22.06
N ASP D 18 -10.45 16.36 -22.63
CA ASP D 18 -9.35 16.49 -23.58
C ASP D 18 -9.81 16.73 -25.01
N SER D 19 -11.10 16.56 -25.30
CA SER D 19 -11.62 16.82 -26.62
C SER D 19 -12.18 18.23 -26.77
N VAL D 20 -12.82 18.74 -25.72
CA VAL D 20 -13.34 20.11 -25.77
C VAL D 20 -12.20 21.12 -25.86
N TYR D 21 -11.09 20.86 -25.15
CA TYR D 21 -9.94 21.75 -25.23
C TYR D 21 -9.32 21.74 -26.62
N GLU D 22 -9.26 20.56 -27.25
CA GLU D 22 -8.74 20.48 -28.62
C GLU D 22 -9.66 21.19 -29.61
N ARG D 23 -10.98 21.05 -29.43
CA ARG D 23 -11.92 21.73 -30.31
C ARG D 23 -11.87 23.24 -30.13
N LEU D 24 -11.62 23.71 -28.90
CA LEU D 24 -11.48 25.14 -28.66
C LEU D 24 -10.13 25.67 -29.13
N LEU D 25 -9.12 24.81 -29.21
CA LEU D 25 -7.82 25.24 -29.71
C LEU D 25 -7.89 25.64 -31.18
N SER D 26 -8.75 24.98 -31.95
CA SER D 26 -8.92 25.36 -33.35
C SER D 26 -9.56 26.74 -33.50
N GLU D 27 -10.24 27.23 -32.47
CA GLU D 27 -10.84 28.56 -32.48
C GLU D 27 -9.97 29.59 -31.76
N ARG D 28 -8.69 29.26 -31.54
CA ARG D 28 -7.73 30.16 -30.89
C ARG D 28 -8.21 30.57 -29.50
N ILE D 29 -8.43 29.55 -28.66
CA ILE D 29 -8.87 29.75 -27.28
C ILE D 29 -8.07 28.79 -26.40
N ILE D 30 -7.31 29.33 -25.46
CA ILE D 30 -6.53 28.54 -24.52
C ILE D 30 -7.08 28.77 -23.12
N PHE D 31 -6.81 27.80 -22.24
CA PHE D 31 -7.33 27.81 -20.89
C PHE D 31 -6.20 27.66 -19.88
N LEU D 32 -6.46 28.10 -18.65
CA LEU D 32 -5.54 27.91 -17.53
C LEU D 32 -6.39 27.76 -16.28
N GLY D 33 -6.65 26.51 -15.89
CA GLY D 33 -7.54 26.24 -14.77
C GLY D 33 -6.88 25.55 -13.60
N SER D 34 -5.55 25.51 -13.60
CA SER D 34 -4.80 24.87 -12.52
C SER D 34 -3.64 25.77 -12.12
N GLU D 35 -2.97 25.38 -11.05
CA GLU D 35 -1.80 26.11 -10.58
C GLU D 35 -0.65 25.96 -11.56
N VAL D 36 -0.14 27.08 -12.07
CA VAL D 36 0.94 27.05 -13.03
C VAL D 36 2.19 26.48 -12.38
N ASN D 37 2.74 25.42 -12.98
CA ASN D 37 3.93 24.76 -12.46
C ASN D 37 4.81 24.38 -13.64
N ASP D 38 5.79 23.50 -13.38
CA ASP D 38 6.70 23.04 -14.41
C ASP D 38 5.99 22.26 -15.53
N GLU D 39 4.76 21.81 -15.29
CA GLU D 39 3.99 21.04 -16.26
C GLU D 39 3.06 21.92 -17.10
N ILE D 40 2.16 22.65 -16.45
CA ILE D 40 1.15 23.42 -17.18
C ILE D 40 1.79 24.52 -18.01
N ALA D 41 2.94 25.05 -17.53
CA ALA D 41 3.61 26.12 -18.27
C ALA D 41 4.10 25.64 -19.63
N ASN D 42 4.65 24.42 -19.68
CA ASN D 42 5.11 23.88 -20.95
C ASN D 42 3.95 23.72 -21.94
N ARG D 43 2.83 23.18 -21.48
CA ARG D 43 1.66 23.03 -22.34
C ARG D 43 1.13 24.39 -22.81
N LEU D 44 1.14 25.39 -21.93
CA LEU D 44 0.66 26.71 -22.31
C LEU D 44 1.55 27.34 -23.37
N CYS D 45 2.87 27.27 -23.18
CA CYS D 45 3.79 27.80 -24.18
C CYS D 45 3.66 27.04 -25.50
N ALA D 46 3.48 25.73 -25.43
CA ALA D 46 3.31 24.95 -26.66
C ALA D 46 2.05 25.35 -27.41
N GLN D 47 0.93 25.52 -26.69
CA GLN D 47 -0.31 25.94 -27.32
C GLN D 47 -0.18 27.34 -27.91
N ILE D 48 0.49 28.26 -27.19
CA ILE D 48 0.64 29.61 -27.70
C ILE D 48 1.50 29.61 -28.97
N LEU D 49 2.59 28.84 -28.97
CA LEU D 49 3.44 28.79 -30.15
C LEU D 49 2.72 28.13 -31.32
N LEU D 50 1.89 27.12 -31.06
CA LEU D 50 1.12 26.50 -32.13
C LEU D 50 0.11 27.49 -32.72
N LEU D 51 -0.58 28.24 -31.86
CA LEU D 51 -1.55 29.21 -32.35
C LEU D 51 -0.87 30.37 -33.07
N ALA D 52 0.37 30.69 -32.70
CA ALA D 52 1.10 31.74 -33.40
C ALA D 52 1.64 31.25 -34.74
N ALA D 53 2.01 29.97 -34.83
CA ALA D 53 2.50 29.43 -36.09
C ALA D 53 1.36 29.14 -37.07
N GLU D 54 0.15 28.87 -36.54
CA GLU D 54 -0.99 28.64 -37.43
C GLU D 54 -1.40 29.93 -38.13
N ASP D 55 -1.53 31.02 -37.37
CA ASP D 55 -1.89 32.31 -37.92
C ASP D 55 -1.22 33.40 -37.11
N ALA D 56 -0.74 34.45 -37.80
CA ALA D 56 -0.07 35.56 -37.16
C ALA D 56 -0.82 36.87 -37.37
N SER D 57 -2.14 36.78 -37.56
CA SER D 57 -2.95 37.98 -37.77
C SER D 57 -4.27 37.93 -37.00
N LYS D 58 -4.34 37.12 -35.94
CA LYS D 58 -5.57 37.01 -35.15
C LYS D 58 -5.29 37.22 -33.67
N ASP D 59 -6.31 36.98 -32.83
CA ASP D 59 -6.18 37.14 -31.39
C ASP D 59 -6.28 35.78 -30.71
N ILE D 60 -5.68 35.69 -29.53
CA ILE D 60 -5.65 34.45 -28.75
C ILE D 60 -6.30 34.75 -27.41
N SER D 61 -7.50 34.21 -27.19
CA SER D 61 -8.21 34.40 -25.94
C SER D 61 -7.58 33.53 -24.85
N LEU D 62 -7.23 34.15 -23.72
CA LEU D 62 -6.59 33.46 -22.61
C LEU D 62 -7.46 33.62 -21.37
N TYR D 63 -8.26 32.60 -21.07
CA TYR D 63 -9.10 32.60 -19.88
C TYR D 63 -8.27 32.15 -18.67
N ILE D 64 -8.18 33.01 -17.67
CA ILE D 64 -7.30 32.81 -16.52
C ILE D 64 -8.15 32.45 -15.31
N ASN D 65 -7.87 31.29 -14.71
CA ASN D 65 -8.48 30.90 -13.43
C ASN D 65 -7.45 30.03 -12.70
N SER D 66 -6.66 30.67 -11.84
CA SER D 66 -5.57 29.96 -11.18
C SER D 66 -5.50 30.35 -9.71
N PRO D 67 -5.68 29.39 -8.79
CA PRO D 67 -5.57 29.68 -7.35
C PRO D 67 -4.14 29.80 -6.85
N GLY D 68 -3.14 29.79 -7.73
CA GLY D 68 -1.76 29.90 -7.30
C GLY D 68 -0.82 29.50 -8.40
N GLY D 69 0.42 29.27 -8.01
CA GLY D 69 1.45 28.87 -8.95
C GLY D 69 2.79 29.47 -8.57
N SER D 70 3.81 29.10 -9.35
CA SER D 70 5.16 29.58 -9.15
C SER D 70 5.49 30.69 -10.15
N ILE D 71 6.51 31.46 -9.83
CA ILE D 71 6.91 32.58 -10.67
C ILE D 71 7.91 32.14 -11.74
N SER D 72 8.77 31.16 -11.44
CA SER D 72 9.75 30.70 -12.42
C SER D 72 9.07 30.09 -13.64
N ALA D 73 7.92 29.45 -13.43
CA ALA D 73 7.17 28.87 -14.55
C ALA D 73 6.31 29.90 -15.26
N GLY D 74 5.72 30.85 -14.53
CA GLY D 74 4.93 31.89 -15.16
C GLY D 74 5.73 32.90 -15.95
N MET D 75 7.01 33.10 -15.60
CA MET D 75 7.85 33.97 -16.39
C MET D 75 8.03 33.44 -17.81
N ALA D 76 8.18 32.12 -17.96
CA ALA D 76 8.27 31.53 -19.29
C ALA D 76 6.98 31.73 -20.08
N ILE D 77 5.83 31.61 -19.42
CA ILE D 77 4.56 31.87 -20.09
C ILE D 77 4.48 33.32 -20.54
N TYR D 78 4.98 34.23 -19.71
CA TYR D 78 4.96 35.65 -20.08
C TYR D 78 5.87 35.91 -21.28
N ASP D 79 7.07 35.33 -21.28
CA ASP D 79 7.97 35.50 -22.42
C ASP D 79 7.38 34.90 -23.68
N THR D 80 6.68 33.77 -23.55
CA THR D 80 6.04 33.17 -24.71
C THR D 80 4.90 34.03 -25.24
N MET D 81 4.13 34.64 -24.33
CA MET D 81 3.07 35.55 -24.76
C MET D 81 3.64 36.77 -25.46
N VAL D 82 4.75 37.29 -24.96
CA VAL D 82 5.37 38.46 -25.60
C VAL D 82 5.98 38.08 -26.95
N LEU D 83 6.52 36.86 -27.06
CA LEU D 83 7.15 36.43 -28.30
C LEU D 83 6.12 36.23 -29.42
N ALA D 84 4.92 35.79 -29.08
CA ALA D 84 3.89 35.55 -30.08
C ALA D 84 3.49 36.87 -30.73
N PRO D 85 3.50 36.97 -32.06
CA PRO D 85 3.12 38.22 -32.72
C PRO D 85 1.63 38.51 -32.73
N CYS D 86 0.82 37.65 -32.12
CA CYS D 86 -0.63 37.86 -32.08
C CYS D 86 -0.98 38.84 -30.95
N ASP D 87 -2.27 39.04 -30.74
CA ASP D 87 -2.76 39.95 -29.70
C ASP D 87 -3.50 39.11 -28.65
N ILE D 88 -2.84 38.90 -27.51
CA ILE D 88 -3.40 38.06 -26.46
C ILE D 88 -4.51 38.84 -25.74
N ALA D 89 -5.69 38.23 -25.66
CA ALA D 89 -6.84 38.81 -24.96
C ALA D 89 -7.06 37.99 -23.70
N THR D 90 -6.57 38.51 -22.58
CA THR D 90 -6.65 37.81 -21.30
C THR D 90 -7.94 38.14 -20.58
N TYR D 91 -8.57 37.12 -20.00
CA TYR D 91 -9.81 37.27 -19.25
C TYR D 91 -9.64 36.74 -17.83
N ALA D 92 -10.41 37.31 -16.91
CA ALA D 92 -10.42 36.86 -15.52
C ALA D 92 -11.69 36.04 -15.30
N MET D 93 -11.60 34.75 -15.60
CA MET D 93 -12.77 33.89 -15.49
C MET D 93 -13.10 33.59 -14.03
N GLY D 94 -12.17 32.96 -13.32
CA GLY D 94 -12.38 32.62 -11.93
C GLY D 94 -11.73 33.61 -10.98
N MET D 95 -10.64 33.18 -10.34
CA MET D 95 -9.90 34.02 -9.41
C MET D 95 -8.41 33.90 -9.69
N ALA D 96 -7.72 35.03 -9.66
CA ALA D 96 -6.27 35.09 -9.86
C ALA D 96 -5.60 35.26 -8.51
N ALA D 97 -4.68 34.35 -8.18
CA ALA D 97 -4.02 34.33 -6.88
C ALA D 97 -2.51 34.29 -7.08
N SER D 98 -1.89 35.48 -7.14
CA SER D 98 -0.44 35.66 -7.11
C SER D 98 0.24 35.21 -8.39
N MET D 99 -0.50 34.57 -9.29
CA MET D 99 0.04 34.20 -10.60
C MET D 99 -0.88 34.48 -11.76
N GLY D 100 -2.20 34.59 -11.55
CA GLY D 100 -3.09 34.90 -12.65
C GLY D 100 -3.15 36.38 -12.97
N GLU D 101 -2.86 37.24 -12.00
CA GLU D 101 -2.88 38.68 -12.24
C GLU D 101 -1.75 39.09 -13.17
N PHE D 102 -0.57 38.48 -13.01
CA PHE D 102 0.58 38.84 -13.86
C PHE D 102 0.32 38.49 -15.31
N LEU D 103 -0.36 37.37 -15.57
CA LEU D 103 -0.72 37.00 -16.93
C LEU D 103 -1.96 37.75 -17.42
N LEU D 104 -2.82 38.21 -16.51
CA LEU D 104 -3.98 39.00 -16.90
C LEU D 104 -3.56 40.38 -17.36
N ALA D 105 -2.59 41.00 -16.68
CA ALA D 105 -2.08 42.30 -17.06
C ALA D 105 -1.01 42.21 -18.15
N ALA D 106 -0.57 41.01 -18.51
CA ALA D 106 0.44 40.85 -19.55
C ALA D 106 -0.12 41.02 -20.94
N GLY D 107 -1.44 40.97 -21.11
CA GLY D 107 -2.04 41.14 -22.41
C GLY D 107 -1.92 42.56 -22.92
N THR D 108 -2.26 42.73 -24.19
CA THR D 108 -2.22 44.04 -24.82
C THR D 108 -3.23 44.97 -24.18
N LYS D 109 -2.86 46.25 -24.10
CA LYS D 109 -3.73 47.26 -23.50
C LYS D 109 -4.98 47.45 -24.36
N GLY D 110 -6.14 47.25 -23.77
CA GLY D 110 -7.41 47.33 -24.47
C GLY D 110 -8.10 46.00 -24.67
N LYS D 111 -7.44 44.89 -24.33
CA LYS D 111 -8.02 43.56 -24.47
C LYS D 111 -8.01 42.78 -23.16
N ARG D 112 -7.75 43.44 -22.04
CA ARG D 112 -7.73 42.79 -20.73
C ARG D 112 -9.09 42.96 -20.08
N TYR D 113 -9.94 41.95 -20.22
CA TYR D 113 -11.28 41.97 -19.66
C TYR D 113 -11.35 41.18 -18.36
N ALA D 114 -12.51 41.26 -17.70
CA ALA D 114 -12.71 40.58 -16.43
C ALA D 114 -14.19 40.36 -16.22
N LEU D 115 -14.54 39.19 -15.70
CA LEU D 115 -15.93 38.89 -15.41
C LEU D 115 -16.37 39.63 -14.14
N PRO D 116 -17.67 39.95 -14.02
CA PRO D 116 -18.12 40.80 -12.90
C PRO D 116 -17.95 40.16 -11.52
N HIS D 117 -17.62 38.87 -11.44
CA HIS D 117 -17.43 38.19 -10.17
C HIS D 117 -16.02 37.62 -10.05
N ALA D 118 -15.03 38.38 -10.51
CA ALA D 118 -13.65 37.98 -10.44
C ALA D 118 -13.00 38.48 -9.15
N ARG D 119 -11.96 37.78 -8.70
CA ARG D 119 -11.23 38.12 -7.48
C ARG D 119 -9.74 38.06 -7.79
N ILE D 120 -9.14 39.22 -8.04
CA ILE D 120 -7.72 39.32 -8.32
C ILE D 120 -6.97 39.50 -7.00
N LEU D 121 -6.05 38.57 -6.72
CA LEU D 121 -5.26 38.59 -5.49
C LEU D 121 -3.85 39.03 -5.84
N MET D 122 -3.53 40.28 -5.52
CA MET D 122 -2.19 40.82 -5.72
C MET D 122 -1.30 40.32 -4.58
N HIS D 123 -0.44 39.35 -4.89
CA HIS D 123 0.39 38.73 -3.86
C HIS D 123 1.62 38.13 -4.53
N GLN D 124 2.70 38.02 -3.74
CA GLN D 124 3.86 37.37 -4.32
C GLN D 124 3.78 35.86 -4.13
N PRO D 125 4.46 35.08 -4.97
CA PRO D 125 4.44 33.62 -4.80
C PRO D 125 5.13 33.21 -3.51
N LEU D 126 4.76 32.02 -3.03
CA LEU D 126 5.29 31.51 -1.77
C LEU D 126 6.77 31.15 -1.90
N GLY D 127 7.19 30.66 -3.06
CA GLY D 127 8.57 30.29 -3.27
C GLY D 127 8.81 29.56 -4.59
N ALA D 133 18.82 22.02 1.41
CA ALA D 133 20.11 21.52 0.98
C ALA D 133 21.23 22.51 1.28
N ALA D 134 22.19 22.61 0.37
CA ALA D 134 23.32 23.52 0.52
C ALA D 134 23.33 24.66 -0.49
N ASP D 135 22.46 24.62 -1.49
CA ASP D 135 22.39 25.67 -2.51
C ASP D 135 21.25 26.65 -2.26
N ILE D 136 20.82 26.80 -1.00
CA ILE D 136 19.74 27.72 -0.68
C ILE D 136 20.14 29.17 -0.89
N ALA D 137 21.43 29.47 -0.82
CA ALA D 137 21.89 30.85 -1.03
C ALA D 137 21.63 31.29 -2.46
N ILE D 138 22.04 30.48 -3.44
CA ILE D 138 21.80 30.84 -4.83
C ILE D 138 20.31 30.73 -5.16
N GLN D 139 19.58 29.87 -4.45
CA GLN D 139 18.13 29.80 -4.65
C GLN D 139 17.44 31.06 -4.17
N ALA D 140 17.95 31.68 -3.09
CA ALA D 140 17.41 32.94 -2.62
C ALA D 140 17.86 34.11 -3.48
N GLU D 141 19.08 34.05 -4.02
CA GLU D 141 19.56 35.11 -4.90
C GLU D 141 18.81 35.11 -6.23
N GLN D 142 18.50 33.92 -6.76
CA GLN D 142 17.74 33.86 -8.00
C GLN D 142 16.29 34.25 -7.79
N PHE D 143 15.74 33.99 -6.59
CA PHE D 143 14.37 34.40 -6.31
C PHE D 143 14.28 35.89 -6.04
N ALA D 144 15.37 36.51 -5.58
CA ALA D 144 15.39 37.94 -5.31
C ALA D 144 15.64 38.78 -6.55
N VAL D 145 16.11 38.17 -7.64
CA VAL D 145 16.34 38.90 -8.88
C VAL D 145 15.15 38.83 -9.83
N ILE D 146 14.25 37.87 -9.65
CA ILE D 146 13.04 37.79 -10.47
C ILE D 146 11.82 38.35 -9.74
N LYS D 147 11.87 38.50 -8.42
CA LYS D 147 10.76 39.10 -7.70
C LYS D 147 10.73 40.62 -7.90
N LYS D 148 11.91 41.25 -7.93
CA LYS D 148 11.96 42.68 -8.22
C LYS D 148 11.63 42.97 -9.68
N GLU D 149 11.94 42.02 -10.57
CA GLU D 149 11.57 42.20 -11.98
C GLU D 149 10.07 42.11 -12.16
N MET D 150 9.40 41.25 -11.37
CA MET D 150 7.94 41.17 -11.43
C MET D 150 7.31 42.46 -10.92
N PHE D 151 7.87 43.04 -9.87
CA PHE D 151 7.36 44.30 -9.33
C PHE D 151 7.59 45.48 -10.28
N ARG D 152 8.49 45.35 -11.25
CA ARG D 152 8.65 46.37 -12.27
C ARG D 152 7.65 46.22 -13.40
N LEU D 153 7.43 44.98 -13.86
CA LEU D 153 6.44 44.76 -14.91
C LEU D 153 5.03 45.02 -14.41
N ASN D 154 4.76 44.74 -13.13
CA ASN D 154 3.44 45.02 -12.58
C ASN D 154 3.16 46.52 -12.55
N ALA D 155 4.18 47.32 -12.24
CA ALA D 155 4.02 48.78 -12.25
C ALA D 155 3.96 49.32 -13.68
N GLU D 156 4.65 48.66 -14.61
CA GLU D 156 4.61 49.10 -16.01
C GLU D 156 3.25 48.81 -16.64
N PHE D 157 2.64 47.68 -16.28
CA PHE D 157 1.36 47.31 -16.87
C PHE D 157 0.21 48.14 -16.27
N THR D 158 0.06 48.08 -14.95
CA THR D 158 -1.04 48.78 -14.30
C THR D 158 -0.87 50.29 -14.31
N GLY D 159 0.37 50.79 -14.45
CA GLY D 159 0.62 52.22 -14.42
C GLY D 159 0.69 52.83 -13.04
N GLN D 160 0.38 52.08 -11.99
CA GLN D 160 0.46 52.59 -10.63
C GLN D 160 1.92 52.80 -10.25
N PRO D 161 2.18 53.66 -9.26
CA PRO D 161 3.56 53.82 -8.77
C PRO D 161 4.10 52.51 -8.24
N ILE D 162 5.43 52.39 -8.28
CA ILE D 162 6.07 51.14 -7.88
C ILE D 162 5.87 50.88 -6.39
N GLU D 163 5.83 51.94 -5.58
CA GLU D 163 5.69 51.79 -4.13
C GLU D 163 4.29 51.33 -3.71
N ARG D 164 3.34 51.29 -4.64
CA ARG D 164 1.98 50.88 -4.29
C ARG D 164 1.85 49.36 -4.24
N ILE D 165 2.44 48.65 -5.21
CA ILE D 165 2.32 47.20 -5.24
C ILE D 165 3.17 46.57 -4.15
N GLU D 166 4.31 47.17 -3.80
CA GLU D 166 5.12 46.66 -2.70
C GLU D 166 4.41 46.80 -1.36
N ALA D 167 3.41 47.65 -1.26
CA ALA D 167 2.61 47.77 -0.05
C ALA D 167 1.34 46.93 -0.10
N ASP D 168 0.77 46.77 -1.30
CA ASP D 168 -0.44 45.97 -1.45
C ASP D 168 -0.17 44.48 -1.62
N SER D 169 1.09 44.07 -1.76
CA SER D 169 1.42 42.67 -1.97
C SER D 169 1.54 41.87 -0.68
N ASP D 170 2.07 42.48 0.39
CA ASP D 170 2.26 41.76 1.64
C ASP D 170 0.99 41.67 2.48
N ARG D 171 0.02 42.55 2.25
CA ARG D 171 -1.22 42.56 3.02
C ARG D 171 -2.25 41.56 2.50
N ASP D 172 -1.97 40.88 1.40
CA ASP D 172 -2.92 39.95 0.78
C ASP D 172 -4.25 40.63 0.48
N ARG D 173 -4.17 41.85 -0.03
CA ARG D 173 -5.35 42.65 -0.32
C ARG D 173 -6.10 42.06 -1.51
N TRP D 174 -7.29 41.52 -1.25
CA TRP D 174 -8.12 40.98 -2.32
C TRP D 174 -8.86 42.11 -3.03
N PHE D 175 -9.22 41.84 -4.30
CA PHE D 175 -9.87 42.83 -5.14
C PHE D 175 -11.13 42.22 -5.74
N THR D 176 -11.95 43.09 -6.33
CA THR D 176 -13.18 42.72 -7.01
C THR D 176 -13.06 43.18 -8.47
N ALA D 177 -14.10 42.89 -9.26
CA ALA D 177 -14.08 43.29 -10.66
C ALA D 177 -14.13 44.81 -10.82
N ALA D 178 -14.75 45.50 -9.86
CA ALA D 178 -14.84 46.96 -9.94
C ALA D 178 -13.58 47.62 -9.41
N GLU D 179 -12.96 47.04 -8.38
CA GLU D 179 -11.73 47.61 -7.83
C GLU D 179 -10.55 47.40 -8.77
N ALA D 180 -10.48 46.21 -9.39
CA ALA D 180 -9.40 45.95 -10.35
C ALA D 180 -9.52 46.79 -11.60
N LEU D 181 -10.70 47.31 -11.91
CA LEU D 181 -10.86 48.18 -13.08
C LEU D 181 -10.23 49.54 -12.83
N GLU D 182 -10.43 50.12 -11.65
CA GLU D 182 -9.85 51.41 -11.30
C GLU D 182 -8.42 51.28 -10.78
N TYR D 183 -7.97 50.08 -10.43
CA TYR D 183 -6.59 49.91 -9.98
C TYR D 183 -5.63 49.92 -11.15
N GLY D 184 -6.02 49.33 -12.28
CA GLY D 184 -5.17 49.30 -13.46
C GLY D 184 -4.94 47.91 -13.99
N PHE D 185 -5.62 46.92 -13.40
CA PHE D 185 -5.44 45.54 -13.84
C PHE D 185 -6.13 45.30 -15.17
N VAL D 186 -7.44 45.52 -15.23
CA VAL D 186 -8.22 45.27 -16.43
C VAL D 186 -8.71 46.61 -16.99
N ASP D 187 -9.31 46.54 -18.19
CA ASP D 187 -9.81 47.72 -18.86
C ASP D 187 -11.32 47.74 -19.05
N HIS D 188 -11.99 46.59 -18.96
CA HIS D 188 -13.42 46.52 -19.16
C HIS D 188 -14.01 45.45 -18.24
N ILE D 189 -15.32 45.55 -18.03
CA ILE D 189 -16.07 44.58 -17.23
C ILE D 189 -17.20 44.07 -18.12
N ILE D 190 -17.02 42.86 -18.67
CA ILE D 190 -18.00 42.27 -19.58
C ILE D 190 -19.15 41.73 -18.74
N THR D 191 -20.29 42.43 -18.78
CA THR D 191 -21.50 41.99 -18.09
C THR D 191 -22.45 41.26 -19.05
N ARG D 192 -22.59 41.76 -20.27
CA ARG D 192 -23.42 41.10 -21.27
C ARG D 192 -22.81 41.41 -22.64
N ALA D 193 -22.03 40.47 -23.16
CA ALA D 193 -21.36 40.64 -24.44
C ALA D 193 -21.38 39.31 -25.17
N HIS D 194 -20.61 39.21 -26.25
CA HIS D 194 -20.54 37.99 -27.04
C HIS D 194 -19.33 37.15 -26.65
N LEU E 14 -2.92 5.79 -28.59
CA LEU E 14 -1.47 5.90 -28.66
C LEU E 14 -0.96 6.96 -27.69
N SER E 15 0.31 7.35 -27.86
CA SER E 15 0.92 8.36 -27.02
C SER E 15 1.89 9.17 -27.88
N LEU E 16 2.71 10.00 -27.23
CA LEU E 16 3.70 10.79 -27.95
C LEU E 16 4.87 9.93 -28.40
N THR E 17 5.46 9.15 -27.49
CA THR E 17 6.57 8.29 -27.84
C THR E 17 6.14 7.06 -28.63
N ASP E 18 4.85 6.70 -28.58
CA ASP E 18 4.34 5.56 -29.33
C ASP E 18 3.93 5.94 -30.75
N SER E 19 3.85 7.22 -31.07
CA SER E 19 3.50 7.66 -32.41
C SER E 19 4.73 7.94 -33.26
N VAL E 20 5.78 8.51 -32.65
CA VAL E 20 7.01 8.78 -33.39
C VAL E 20 7.67 7.47 -33.81
N TYR E 21 7.62 6.44 -32.96
CA TYR E 21 8.19 5.15 -33.33
C TYR E 21 7.42 4.52 -34.47
N GLU E 22 6.09 4.65 -34.47
CA GLU E 22 5.29 4.12 -35.57
C GLU E 22 5.55 4.88 -36.86
N ARG E 23 5.72 6.20 -36.78
CA ARG E 23 6.01 6.97 -37.98
C ARG E 23 7.40 6.66 -38.52
N LEU E 24 8.36 6.36 -37.63
CA LEU E 24 9.69 5.97 -38.08
C LEU E 24 9.72 4.53 -38.60
N LEU E 25 8.80 3.69 -38.15
CA LEU E 25 8.73 2.33 -38.64
C LEU E 25 8.38 2.28 -40.13
N SER E 26 7.57 3.23 -40.60
CA SER E 26 7.25 3.30 -42.02
C SER E 26 8.46 3.66 -42.87
N GLU E 27 9.48 4.27 -42.27
CA GLU E 27 10.72 4.62 -42.96
C GLU E 27 11.82 3.60 -42.72
N ARG E 28 11.46 2.40 -42.24
CA ARG E 28 12.41 1.32 -41.98
C ARG E 28 13.50 1.74 -41.01
N ILE E 29 13.06 2.17 -39.83
CA ILE E 29 13.96 2.60 -38.75
C ILE E 29 13.43 2.02 -37.45
N ILE E 30 14.25 1.19 -36.79
CA ILE E 30 13.90 0.59 -35.52
C ILE E 30 14.85 1.11 -34.45
N PHE E 31 14.40 1.06 -33.20
CA PHE E 31 15.13 1.59 -32.08
C PHE E 31 15.32 0.53 -31.00
N LEU E 32 16.32 0.75 -30.16
CA LEU E 32 16.57 -0.09 -28.99
C LEU E 32 17.16 0.80 -27.91
N GLY E 33 16.31 1.29 -27.01
CA GLY E 33 16.75 2.24 -26.01
C GLY E 33 16.62 1.75 -24.59
N SER E 34 16.39 0.44 -24.42
CA SER E 34 16.25 -0.14 -23.09
C SER E 34 17.05 -1.43 -23.04
N GLU E 35 17.12 -2.01 -21.84
CA GLU E 35 17.82 -3.27 -21.64
C GLU E 35 17.03 -4.39 -22.31
N VAL E 36 17.69 -5.11 -23.23
CA VAL E 36 17.03 -6.20 -23.94
C VAL E 36 16.68 -7.30 -22.96
N ASN E 37 15.40 -7.67 -22.93
CA ASN E 37 14.90 -8.71 -22.03
C ASN E 37 13.87 -9.54 -22.79
N ASP E 38 13.10 -10.33 -22.04
CA ASP E 38 12.07 -11.17 -22.64
C ASP E 38 10.96 -10.36 -23.32
N GLU E 39 10.86 -9.06 -23.04
CA GLU E 39 9.84 -8.19 -23.62
C GLU E 39 10.33 -7.46 -24.86
N ILE E 40 11.41 -6.68 -24.73
CA ILE E 40 11.88 -5.85 -25.84
C ILE E 40 12.34 -6.71 -27.01
N ALA E 41 12.85 -7.91 -26.72
CA ALA E 41 13.32 -8.78 -27.79
C ALA E 41 12.18 -9.21 -28.71
N ASN E 42 11.02 -9.53 -28.12
CA ASN E 42 9.88 -9.92 -28.94
C ASN E 42 9.43 -8.79 -29.85
N ARG E 43 9.35 -7.56 -29.32
CA ARG E 43 8.98 -6.41 -30.13
C ARG E 43 10.00 -6.15 -31.23
N LEU E 44 11.29 -6.32 -30.93
CA LEU E 44 12.33 -6.10 -31.93
C LEU E 44 12.22 -7.12 -33.06
N CYS E 45 12.06 -8.40 -32.72
CA CYS E 45 11.90 -9.42 -33.76
C CYS E 45 10.63 -9.19 -34.56
N ALA E 46 9.55 -8.77 -33.90
CA ALA E 46 8.31 -8.49 -34.63
C ALA E 46 8.49 -7.35 -35.61
N GLN E 47 9.15 -6.26 -35.17
CA GLN E 47 9.39 -5.13 -36.07
C GLN E 47 10.30 -5.52 -37.23
N ILE E 48 11.33 -6.32 -36.96
CA ILE E 48 12.24 -6.75 -38.02
C ILE E 48 11.50 -7.62 -39.04
N LEU E 49 10.68 -8.54 -38.56
CA LEU E 49 9.93 -9.40 -39.48
C LEU E 49 8.91 -8.60 -40.28
N LEU E 50 8.28 -7.60 -39.66
CA LEU E 50 7.35 -6.75 -40.40
C LEU E 50 8.06 -5.96 -41.47
N LEU E 51 9.23 -5.40 -41.15
CA LEU E 51 9.97 -4.63 -42.15
C LEU E 51 10.52 -5.53 -43.25
N ALA E 52 10.81 -6.79 -42.94
CA ALA E 52 11.26 -7.72 -43.96
C ALA E 52 10.12 -8.19 -44.86
N ALA E 53 8.92 -8.33 -44.30
CA ALA E 53 7.77 -8.74 -45.09
C ALA E 53 7.21 -7.59 -45.93
N GLU E 54 7.41 -6.35 -45.48
CA GLU E 54 6.95 -5.21 -46.27
C GLU E 54 7.79 -5.05 -47.53
N ASP E 55 9.11 -5.10 -47.39
CA ASP E 55 10.03 -5.00 -48.53
C ASP E 55 11.26 -5.84 -48.25
N ALA E 56 11.75 -6.51 -49.28
CA ALA E 56 12.93 -7.37 -49.18
C ALA E 56 14.07 -6.86 -50.06
N SER E 57 14.10 -5.54 -50.33
CA SER E 57 15.15 -4.98 -51.16
C SER E 57 15.67 -3.65 -50.60
N LYS E 58 15.50 -3.40 -49.30
CA LYS E 58 15.96 -2.15 -48.70
C LYS E 58 16.81 -2.43 -47.47
N ASP E 59 17.15 -1.38 -46.74
CA ASP E 59 17.97 -1.49 -45.54
C ASP E 59 17.14 -1.13 -44.31
N ILE E 60 17.54 -1.67 -43.17
CA ILE E 60 16.85 -1.46 -41.90
C ILE E 60 17.84 -0.84 -40.93
N SER E 61 17.65 0.44 -40.63
CA SER E 61 18.52 1.14 -39.69
C SER E 61 18.20 0.71 -38.26
N LEU E 62 19.22 0.28 -37.53
CA LEU E 62 19.08 -0.20 -36.16
C LEU E 62 19.94 0.66 -35.24
N TYR E 63 19.31 1.64 -34.58
CA TYR E 63 20.02 2.50 -33.63
C TYR E 63 20.09 1.80 -32.28
N ILE E 64 21.31 1.57 -31.79
CA ILE E 64 21.54 0.77 -30.60
C ILE E 64 21.94 1.71 -29.46
N ASN E 65 21.19 1.65 -28.36
CA ASN E 65 21.55 2.35 -27.12
C ASN E 65 21.01 1.52 -25.96
N SER E 66 21.85 0.65 -25.42
CA SER E 66 21.42 -0.28 -24.38
C SER E 66 22.44 -0.39 -23.27
N PRO E 67 22.08 -0.01 -22.04
CA PRO E 67 23.01 -0.14 -20.91
C PRO E 67 23.14 -1.55 -20.37
N GLY E 68 22.55 -2.55 -21.02
CA GLY E 68 22.66 -3.91 -20.54
C GLY E 68 21.64 -4.80 -21.22
N GLY E 69 21.45 -5.97 -20.63
CA GLY E 69 20.49 -6.93 -21.15
C GLY E 69 21.01 -8.35 -20.96
N SER E 70 20.17 -9.29 -21.36
CA SER E 70 20.47 -10.71 -21.26
C SER E 70 20.90 -11.26 -22.63
N ILE E 71 21.58 -12.39 -22.59
CA ILE E 71 22.07 -13.02 -23.82
C ILE E 71 21.03 -13.94 -24.44
N SER E 72 20.21 -14.60 -23.62
CA SER E 72 19.20 -15.50 -24.15
C SER E 72 18.18 -14.76 -25.01
N ALA E 73 17.89 -13.51 -24.65
CA ALA E 73 16.96 -12.70 -25.44
C ALA E 73 17.64 -12.05 -26.64
N GLY E 74 18.90 -11.63 -26.52
CA GLY E 74 19.62 -11.05 -27.64
C GLY E 74 19.98 -12.04 -28.72
N MET E 75 20.14 -13.32 -28.37
CA MET E 75 20.39 -14.33 -29.38
C MET E 75 19.22 -14.45 -30.35
N ALA E 76 17.99 -14.36 -29.84
CA ALA E 76 16.82 -14.37 -30.72
C ALA E 76 16.81 -13.17 -31.65
N ILE E 77 17.19 -12.00 -31.14
CA ILE E 77 17.27 -10.81 -31.99
C ILE E 77 18.32 -11.01 -33.07
N TYR E 78 19.45 -11.63 -32.72
CA TYR E 78 20.49 -11.89 -33.71
C TYR E 78 20.00 -12.86 -34.79
N ASP E 79 19.32 -13.93 -34.39
CA ASP E 79 18.80 -14.88 -35.36
C ASP E 79 17.74 -14.22 -36.25
N THR E 80 16.95 -13.32 -35.68
CA THR E 80 15.95 -12.62 -36.49
C THR E 80 16.62 -11.67 -37.48
N MET E 81 17.69 -10.99 -37.05
CA MET E 81 18.43 -10.12 -37.96
C MET E 81 19.06 -10.92 -39.09
N VAL E 82 19.59 -12.11 -38.79
CA VAL E 82 20.19 -12.93 -39.82
C VAL E 82 19.13 -13.50 -40.76
N LEU E 83 17.94 -13.81 -40.22
CA LEU E 83 16.88 -14.38 -41.04
C LEU E 83 16.33 -13.37 -42.03
N ALA E 84 16.28 -12.09 -41.66
CA ALA E 84 15.74 -11.07 -42.54
C ALA E 84 16.64 -10.92 -43.78
N PRO E 85 16.08 -10.98 -44.99
CA PRO E 85 16.90 -10.87 -46.20
C PRO E 85 17.35 -9.45 -46.50
N CYS E 86 17.04 -8.48 -45.65
CA CYS E 86 17.44 -7.10 -45.87
C CYS E 86 18.88 -6.89 -45.38
N ASP E 87 19.35 -5.66 -45.42
CA ASP E 87 20.71 -5.31 -45.00
C ASP E 87 20.60 -4.41 -43.77
N ILE E 88 20.87 -4.99 -42.59
CA ILE E 88 20.74 -4.26 -41.34
C ILE E 88 21.91 -3.30 -41.20
N ALA E 89 21.60 -2.02 -40.98
CA ALA E 89 22.60 -0.98 -40.76
C ALA E 89 22.55 -0.58 -39.29
N THR E 90 23.45 -1.13 -38.49
CA THR E 90 23.47 -0.89 -37.06
C THR E 90 24.30 0.34 -36.72
N TYR E 91 23.79 1.15 -35.80
CA TYR E 91 24.46 2.36 -35.36
C TYR E 91 24.66 2.33 -33.85
N ALA E 92 25.70 3.01 -33.38
CA ALA E 92 25.99 3.12 -31.96
C ALA E 92 25.58 4.53 -31.52
N MET E 93 24.30 4.67 -31.16
CA MET E 93 23.77 5.98 -30.79
C MET E 93 24.27 6.39 -29.41
N GLY E 94 23.93 5.61 -28.39
CA GLY E 94 24.35 5.92 -27.04
C GLY E 94 25.55 5.12 -26.59
N MET E 95 25.33 4.14 -25.72
CA MET E 95 26.39 3.28 -25.22
C MET E 95 25.94 1.83 -25.24
N ALA E 96 26.84 0.95 -25.68
CA ALA E 96 26.57 -0.48 -25.73
C ALA E 96 27.28 -1.14 -24.54
N ALA E 97 26.51 -1.88 -23.73
CA ALA E 97 27.03 -2.49 -22.51
C ALA E 97 26.67 -3.98 -22.50
N SER E 98 27.58 -4.79 -23.04
CA SER E 98 27.54 -6.25 -22.94
C SER E 98 26.42 -6.88 -23.78
N MET E 99 25.55 -6.05 -24.35
CA MET E 99 24.53 -6.55 -25.26
C MET E 99 24.35 -5.72 -26.51
N GLY E 100 24.73 -4.44 -26.52
CA GLY E 100 24.61 -3.65 -27.73
C GLY E 100 25.73 -3.85 -28.71
N GLU E 101 26.90 -4.29 -28.23
CA GLU E 101 28.02 -4.53 -29.12
C GLU E 101 27.77 -5.75 -30.00
N PHE E 102 27.15 -6.79 -29.45
CA PHE E 102 26.88 -8.00 -30.23
C PHE E 102 25.92 -7.70 -31.38
N LEU E 103 24.92 -6.86 -31.14
CA LEU E 103 24.01 -6.46 -32.21
C LEU E 103 24.60 -5.40 -33.12
N LEU E 104 25.56 -4.61 -32.62
CA LEU E 104 26.23 -3.63 -33.47
C LEU E 104 27.14 -4.30 -34.49
N ALA E 105 27.86 -5.34 -34.05
CA ALA E 105 28.72 -6.09 -34.95
C ALA E 105 27.97 -7.16 -35.74
N ALA E 106 26.69 -7.38 -35.45
CA ALA E 106 25.90 -8.37 -36.18
C ALA E 106 25.46 -7.89 -37.54
N GLY E 107 25.53 -6.59 -37.80
CA GLY E 107 25.13 -6.06 -39.09
C GLY E 107 26.11 -6.45 -40.19
N THR E 108 25.69 -6.17 -41.43
CA THR E 108 26.52 -6.47 -42.59
C THR E 108 27.78 -5.63 -42.58
N LYS E 109 28.87 -6.22 -43.06
CA LYS E 109 30.15 -5.53 -43.10
C LYS E 109 30.09 -4.37 -44.09
N GLY E 110 30.37 -3.17 -43.60
CA GLY E 110 30.29 -1.95 -44.39
C GLY E 110 29.14 -1.04 -44.01
N LYS E 111 28.25 -1.47 -43.12
CA LYS E 111 27.11 -0.66 -42.69
C LYS E 111 27.07 -0.50 -41.17
N ARG E 112 28.15 -0.85 -40.47
CA ARG E 112 28.20 -0.72 -39.02
C ARG E 112 28.87 0.61 -38.68
N TYR E 113 28.06 1.62 -38.40
CA TYR E 113 28.54 2.95 -38.09
C TYR E 113 28.50 3.19 -36.57
N ALA E 114 29.05 4.32 -36.16
CA ALA E 114 29.10 4.68 -34.75
C ALA E 114 29.23 6.19 -34.62
N LEU E 115 28.52 6.75 -33.66
CA LEU E 115 28.61 8.19 -33.40
C LEU E 115 29.92 8.52 -32.70
N PRO E 116 30.45 9.73 -32.89
CA PRO E 116 31.78 10.05 -32.35
C PRO E 116 31.87 10.04 -30.82
N HIS E 117 30.75 9.95 -30.11
CA HIS E 117 30.74 9.92 -28.66
C HIS E 117 30.12 8.64 -28.13
N ALA E 118 30.39 7.52 -28.79
CA ALA E 118 29.87 6.22 -28.38
C ALA E 118 30.84 5.53 -27.42
N ARG E 119 30.29 4.66 -26.59
CA ARG E 119 31.06 3.91 -25.60
C ARG E 119 30.65 2.44 -25.68
N ILE E 120 31.45 1.63 -26.37
CA ILE E 120 31.18 0.21 -26.51
C ILE E 120 31.86 -0.52 -25.36
N LEU E 121 31.06 -1.25 -24.58
CA LEU E 121 31.55 -2.00 -23.43
C LEU E 121 31.56 -3.48 -23.78
N MET E 122 32.76 -4.01 -24.05
CA MET E 122 32.91 -5.44 -24.34
C MET E 122 32.90 -6.19 -23.01
N HIS E 123 31.80 -6.87 -22.72
CA HIS E 123 31.62 -7.54 -21.45
C HIS E 123 30.61 -8.66 -21.62
N GLN E 124 30.73 -9.68 -20.76
CA GLN E 124 29.72 -10.73 -20.83
C GLN E 124 28.51 -10.36 -19.96
N PRO E 125 27.34 -10.91 -20.26
CA PRO E 125 26.17 -10.63 -19.42
C PRO E 125 26.33 -11.19 -18.02
N LEU E 126 25.58 -10.59 -17.09
CA LEU E 126 25.68 -11.00 -15.69
C LEU E 126 25.09 -12.39 -15.47
N GLY E 127 24.05 -12.75 -16.22
CA GLY E 127 23.41 -14.05 -16.07
C GLY E 127 22.12 -14.17 -16.86
N ALA E 133 17.03 -22.51 -6.97
CA ALA E 133 16.18 -23.69 -6.97
C ALA E 133 17.03 -24.96 -7.06
N ALA E 134 16.53 -25.95 -7.80
CA ALA E 134 17.23 -27.22 -7.97
C ALA E 134 17.72 -27.47 -9.38
N ASP E 135 17.34 -26.62 -10.34
CA ASP E 135 17.76 -26.77 -11.73
C ASP E 135 18.89 -25.81 -12.10
N ILE E 136 19.70 -25.40 -11.12
CA ILE E 136 20.80 -24.49 -11.39
C ILE E 136 21.89 -25.15 -12.20
N ALA E 137 22.00 -26.49 -12.14
CA ALA E 137 23.02 -27.18 -12.92
C ALA E 137 22.75 -27.04 -14.41
N ILE E 138 21.52 -27.32 -14.85
CA ILE E 138 21.21 -27.18 -16.26
C ILE E 138 21.17 -25.71 -16.67
N GLN E 139 20.87 -24.82 -15.71
CA GLN E 139 20.92 -23.39 -16.01
C GLN E 139 22.35 -22.92 -16.25
N ALA E 140 23.32 -23.51 -15.55
CA ALA E 140 24.72 -23.19 -15.79
C ALA E 140 25.25 -23.87 -17.04
N GLU E 141 24.75 -25.07 -17.36
CA GLU E 141 25.19 -25.75 -18.57
C GLU E 141 24.66 -25.06 -19.82
N GLN E 142 23.42 -24.55 -19.76
CA GLN E 142 22.88 -23.83 -20.89
C GLN E 142 23.53 -22.46 -21.05
N PHE E 143 23.96 -21.85 -19.95
CA PHE E 143 24.66 -20.57 -20.04
C PHE E 143 26.09 -20.74 -20.51
N ALA E 144 26.68 -21.91 -20.28
CA ALA E 144 28.04 -22.18 -20.71
C ALA E 144 28.14 -22.62 -22.16
N VAL E 145 27.01 -22.99 -22.78
CA VAL E 145 27.01 -23.38 -24.18
C VAL E 145 26.68 -22.22 -25.12
N ILE E 146 26.06 -21.15 -24.60
CA ILE E 146 25.77 -19.97 -25.41
C ILE E 146 26.78 -18.86 -25.17
N LYS E 147 27.54 -18.90 -24.08
CA LYS E 147 28.58 -17.91 -23.85
C LYS E 147 29.79 -18.15 -24.74
N LYS E 148 30.15 -19.42 -24.94
CA LYS E 148 31.25 -19.74 -25.85
C LYS E 148 30.84 -19.51 -27.30
N GLU E 149 29.55 -19.66 -27.62
CA GLU E 149 29.08 -19.37 -28.96
C GLU E 149 29.14 -17.87 -29.25
N MET E 150 28.87 -17.05 -28.23
CA MET E 150 28.99 -15.61 -28.41
C MET E 150 30.44 -15.19 -28.63
N PHE E 151 31.37 -15.83 -27.91
CA PHE E 151 32.79 -15.54 -28.09
C PHE E 151 33.32 -16.01 -29.44
N ARG E 152 32.60 -16.88 -30.14
CA ARG E 152 32.97 -17.26 -31.50
C ARG E 152 32.45 -16.27 -32.53
N LEU E 153 31.18 -15.85 -32.38
CA LEU E 153 30.63 -14.86 -33.30
C LEU E 153 31.30 -13.50 -33.13
N ASN E 154 31.72 -13.15 -31.91
CA ASN E 154 32.42 -11.89 -31.71
C ASN E 154 33.78 -11.89 -32.42
N ALA E 155 34.47 -13.04 -32.41
CA ALA E 155 35.74 -13.13 -33.13
C ALA E 155 35.52 -13.22 -34.62
N GLU E 156 34.41 -13.81 -35.07
CA GLU E 156 34.13 -13.88 -36.49
C GLU E 156 33.77 -12.51 -37.06
N PHE E 157 33.06 -11.69 -36.28
CA PHE E 157 32.64 -10.38 -36.76
C PHE E 157 33.81 -9.39 -36.75
N THR E 158 34.43 -9.20 -35.59
CA THR E 158 35.51 -8.22 -35.46
C THR E 158 36.78 -8.67 -36.17
N GLY E 159 36.96 -9.96 -36.38
CA GLY E 159 38.17 -10.47 -37.00
C GLY E 159 39.35 -10.62 -36.08
N GLN E 160 39.25 -10.14 -34.84
CA GLN E 160 40.33 -10.30 -33.88
C GLN E 160 40.49 -11.76 -33.48
N PRO E 161 41.68 -12.14 -33.00
CA PRO E 161 41.84 -13.51 -32.49
C PRO E 161 40.88 -13.80 -31.34
N ILE E 162 40.57 -15.09 -31.18
CA ILE E 162 39.59 -15.48 -30.17
C ILE E 162 40.11 -15.19 -28.77
N GLU E 163 41.42 -15.33 -28.55
CA GLU E 163 42.01 -15.12 -27.24
C GLU E 163 42.02 -13.66 -26.81
N ARG E 164 41.67 -12.73 -27.70
CA ARG E 164 41.69 -11.31 -27.34
C ARG E 164 40.41 -10.91 -26.60
N ILE E 165 39.26 -11.39 -27.06
CA ILE E 165 38.00 -11.00 -26.41
C ILE E 165 37.85 -11.70 -25.07
N GLU E 166 38.38 -12.93 -24.94
CA GLU E 166 38.34 -13.59 -23.64
C GLU E 166 39.21 -12.89 -22.60
N ALA E 167 40.15 -12.07 -23.03
CA ALA E 167 40.94 -11.27 -22.10
C ALA E 167 40.39 -9.87 -21.90
N ASP E 168 39.74 -9.30 -22.93
CA ASP E 168 39.16 -7.97 -22.82
C ASP E 168 37.76 -7.97 -22.23
N SER E 169 37.15 -9.15 -22.03
CA SER E 169 35.79 -9.22 -21.52
C SER E 169 35.72 -9.16 -20.00
N ASP E 170 36.67 -9.76 -19.30
CA ASP E 170 36.62 -9.79 -17.84
C ASP E 170 37.13 -8.50 -17.21
N ARG E 171 37.92 -7.72 -17.92
CA ARG E 171 38.48 -6.49 -17.39
C ARG E 171 37.53 -5.31 -17.49
N ASP E 172 36.36 -5.48 -18.10
CA ASP E 172 35.40 -4.39 -18.30
C ASP E 172 36.05 -3.22 -19.04
N ARG E 173 36.84 -3.53 -20.06
CA ARG E 173 37.57 -2.52 -20.80
C ARG E 173 36.59 -1.71 -21.65
N TRP E 174 36.42 -0.43 -21.30
CA TRP E 174 35.57 0.45 -22.08
C TRP E 174 36.30 0.95 -23.31
N PHE E 175 35.52 1.32 -24.33
CA PHE E 175 36.06 1.77 -25.60
C PHE E 175 35.44 3.10 -26.00
N THR E 176 36.03 3.73 -27.00
CA THR E 176 35.56 5.00 -27.55
C THR E 176 35.23 4.76 -29.04
N ALA E 177 34.75 5.81 -29.71
CA ALA E 177 34.42 5.68 -31.12
C ALA E 177 35.66 5.46 -31.98
N ALA E 178 36.81 5.97 -31.53
CA ALA E 178 38.04 5.79 -32.30
C ALA E 178 38.69 4.44 -32.00
N GLU E 179 38.59 3.96 -30.75
CA GLU E 179 39.17 2.67 -30.42
C GLU E 179 38.36 1.53 -31.01
N ALA E 180 37.03 1.65 -30.99
CA ALA E 180 36.18 0.62 -31.58
C ALA E 180 36.32 0.54 -33.09
N LEU E 181 36.80 1.62 -33.73
CA LEU E 181 37.01 1.57 -35.18
C LEU E 181 38.22 0.71 -35.53
N GLU E 182 39.31 0.85 -34.78
CA GLU E 182 40.50 0.04 -35.02
C GLU E 182 40.44 -1.33 -34.36
N TYR E 183 39.50 -1.54 -33.43
CA TYR E 183 39.36 -2.85 -32.81
C TYR E 183 38.67 -3.84 -33.74
N GLY E 184 37.68 -3.37 -34.50
CA GLY E 184 36.96 -4.24 -35.42
C GLY E 184 35.46 -4.21 -35.22
N PHE E 185 34.99 -3.36 -34.30
CA PHE E 185 33.56 -3.29 -34.02
C PHE E 185 32.82 -2.60 -35.15
N VAL E 186 33.17 -1.35 -35.45
CA VAL E 186 32.50 -0.57 -36.47
C VAL E 186 33.45 -0.35 -37.63
N ASP E 187 32.91 0.21 -38.72
CA ASP E 187 33.68 0.48 -39.92
C ASP E 187 33.83 1.95 -40.26
N HIS E 188 32.96 2.82 -39.72
CA HIS E 188 33.02 4.25 -40.01
C HIS E 188 32.64 5.03 -38.77
N ILE E 189 33.00 6.31 -38.77
CA ILE E 189 32.66 7.24 -37.70
C ILE E 189 31.96 8.42 -38.35
N ILE E 190 30.63 8.45 -38.25
CA ILE E 190 29.83 9.50 -38.88
C ILE E 190 29.93 10.75 -38.02
N THR E 191 30.69 11.74 -38.51
CA THR E 191 30.80 13.03 -37.83
C THR E 191 29.86 14.07 -38.42
N ARG E 192 29.72 14.08 -39.74
CA ARG E 192 28.80 15.00 -40.41
C ARG E 192 28.31 14.32 -41.69
N ALA E 193 27.14 13.70 -41.61
CA ALA E 193 26.57 12.98 -42.74
C ALA E 193 25.07 13.22 -42.75
N HIS E 194 24.35 12.46 -43.58
CA HIS E 194 22.91 12.58 -43.69
C HIS E 194 22.19 11.56 -42.81
N LEU F 14 -4.44 2.23 -29.02
CA LEU F 14 -3.44 1.19 -29.19
C LEU F 14 -2.11 1.60 -28.58
N SER F 15 -1.05 0.87 -28.90
CA SER F 15 0.29 1.16 -28.40
C SER F 15 1.30 0.82 -29.50
N LEU F 16 2.58 0.81 -29.14
CA LEU F 16 3.61 0.46 -30.10
C LEU F 16 3.64 -1.04 -30.37
N THR F 17 3.68 -1.85 -29.32
CA THR F 17 3.69 -3.30 -29.48
C THR F 17 2.33 -3.85 -29.88
N ASP F 18 1.25 -3.11 -29.66
CA ASP F 18 -0.08 -3.54 -30.06
C ASP F 18 -0.42 -3.18 -31.50
N SER F 19 0.39 -2.34 -32.14
CA SER F 19 0.15 -1.99 -33.54
C SER F 19 0.95 -2.86 -34.49
N VAL F 20 2.18 -3.21 -34.12
CA VAL F 20 2.99 -4.08 -34.97
C VAL F 20 2.37 -5.47 -35.06
N TYR F 21 1.81 -5.96 -33.96
CA TYR F 21 1.15 -7.26 -33.99
C TYR F 21 -0.09 -7.24 -34.88
N GLU F 22 -0.85 -6.14 -34.83
CA GLU F 22 -2.01 -6.02 -35.71
C GLU F 22 -1.61 -5.91 -37.17
N ARG F 23 -0.53 -5.19 -37.46
CA ARG F 23 -0.06 -5.09 -38.84
C ARG F 23 0.48 -6.42 -39.35
N LEU F 24 1.09 -7.22 -38.47
CA LEU F 24 1.56 -8.54 -38.86
C LEU F 24 0.42 -9.55 -38.98
N LEU F 25 -0.68 -9.31 -38.26
CA LEU F 25 -1.82 -10.20 -38.36
C LEU F 25 -2.44 -10.16 -39.76
N SER F 26 -2.39 -9.01 -40.42
CA SER F 26 -2.89 -8.91 -41.79
C SER F 26 -2.05 -9.71 -42.77
N GLU F 27 -0.80 -10.03 -42.41
CA GLU F 27 0.08 -10.84 -43.24
C GLU F 27 0.11 -12.29 -42.79
N ARG F 28 -0.87 -12.71 -41.99
CA ARG F 28 -0.99 -14.09 -41.49
C ARG F 28 0.27 -14.52 -40.74
N ILE F 29 0.58 -13.75 -39.68
CA ILE F 29 1.72 -14.01 -38.82
C ILE F 29 1.28 -13.81 -37.39
N ILE F 30 1.36 -14.87 -36.58
CA ILE F 30 1.01 -14.80 -35.16
C ILE F 30 2.26 -15.05 -34.33
N PHE F 31 2.23 -14.57 -33.09
CA PHE F 31 3.36 -14.64 -32.20
C PHE F 31 2.97 -15.31 -30.88
N LEU F 32 3.98 -15.82 -30.18
CA LEU F 32 3.80 -16.38 -28.85
C LEU F 32 5.10 -16.12 -28.09
N GLY F 33 5.12 -15.04 -27.31
CA GLY F 33 6.33 -14.63 -26.63
C GLY F 33 6.23 -14.65 -25.11
N SER F 34 5.18 -15.29 -24.59
CA SER F 34 4.97 -15.37 -23.16
C SER F 34 4.57 -16.79 -22.78
N GLU F 35 4.49 -17.05 -21.49
CA GLU F 35 4.08 -18.35 -20.99
C GLU F 35 2.59 -18.56 -21.29
N VAL F 36 2.29 -19.64 -22.01
CA VAL F 36 0.90 -19.93 -22.37
C VAL F 36 0.11 -20.22 -21.11
N ASN F 37 -0.98 -19.48 -20.91
CA ASN F 37 -1.84 -19.64 -19.74
C ASN F 37 -3.29 -19.48 -20.18
N ASP F 38 -4.18 -19.29 -19.21
CA ASP F 38 -5.60 -19.11 -19.51
C ASP F 38 -5.90 -17.86 -20.32
N GLU F 39 -4.95 -16.92 -20.40
CA GLU F 39 -5.12 -15.67 -21.14
C GLU F 39 -4.57 -15.75 -22.55
N ILE F 40 -3.28 -16.06 -22.70
CA ILE F 40 -2.64 -16.03 -24.01
C ILE F 40 -3.25 -17.09 -24.93
N ALA F 41 -3.71 -18.20 -24.36
CA ALA F 41 -4.29 -19.26 -25.17
C ALA F 41 -5.56 -18.79 -25.88
N ASN F 42 -6.41 -18.03 -25.16
CA ASN F 42 -7.63 -17.52 -25.79
C ASN F 42 -7.31 -16.58 -26.94
N ARG F 43 -6.34 -15.67 -26.76
CA ARG F 43 -5.94 -14.78 -27.82
C ARG F 43 -5.37 -15.53 -29.01
N LEU F 44 -4.58 -16.58 -28.75
CA LEU F 44 -3.99 -17.35 -29.83
C LEU F 44 -5.06 -18.09 -30.63
N CYS F 45 -6.02 -18.73 -29.94
CA CYS F 45 -7.10 -19.40 -30.66
C CYS F 45 -7.95 -18.39 -31.43
N ALA F 46 -8.20 -17.22 -30.86
CA ALA F 46 -8.96 -16.20 -31.55
C ALA F 46 -8.26 -15.74 -32.82
N GLN F 47 -6.94 -15.49 -32.74
CA GLN F 47 -6.18 -15.08 -33.90
C GLN F 47 -6.16 -16.18 -34.96
N ILE F 48 -6.01 -17.43 -34.55
CA ILE F 48 -5.97 -18.54 -35.50
C ILE F 48 -7.32 -18.67 -36.20
N LEU F 49 -8.42 -18.56 -35.45
CA LEU F 49 -9.74 -18.67 -36.05
C LEU F 49 -10.02 -17.49 -36.98
N LEU F 50 -9.55 -16.29 -36.62
CA LEU F 50 -9.72 -15.15 -37.51
C LEU F 50 -8.94 -15.33 -38.81
N LEU F 51 -7.69 -15.81 -38.71
CA LEU F 51 -6.90 -16.03 -39.91
C LEU F 51 -7.45 -17.17 -40.76
N ALA F 52 -8.11 -18.15 -40.13
CA ALA F 52 -8.73 -19.22 -40.90
C ALA F 52 -10.03 -18.77 -41.56
N ALA F 53 -10.78 -17.87 -40.92
CA ALA F 53 -12.01 -17.36 -41.51
C ALA F 53 -11.74 -16.33 -42.60
N GLU F 54 -10.60 -15.62 -42.52
CA GLU F 54 -10.25 -14.66 -43.56
C GLU F 54 -9.90 -15.37 -44.86
N ASP F 55 -9.06 -16.40 -44.78
CA ASP F 55 -8.67 -17.17 -45.95
C ASP F 55 -8.41 -18.61 -45.52
N ALA F 56 -8.82 -19.55 -46.37
CA ALA F 56 -8.65 -20.98 -46.10
C ALA F 56 -7.76 -21.64 -47.13
N SER F 57 -6.86 -20.87 -47.75
CA SER F 57 -5.97 -21.41 -48.76
C SER F 57 -4.53 -20.89 -48.61
N LYS F 58 -4.16 -20.44 -47.42
CA LYS F 58 -2.81 -19.91 -47.21
C LYS F 58 -2.17 -20.56 -46.00
N ASP F 59 -1.00 -20.06 -45.59
CA ASP F 59 -0.27 -20.58 -44.45
C ASP F 59 -0.25 -19.56 -43.33
N ILE F 60 -0.12 -20.05 -42.10
CA ILE F 60 -0.10 -19.22 -40.91
C ILE F 60 1.23 -19.45 -40.19
N SER F 61 2.10 -18.45 -40.24
CA SER F 61 3.40 -18.54 -39.57
C SER F 61 3.22 -18.38 -38.07
N LEU F 62 3.75 -19.33 -37.30
CA LEU F 62 3.64 -19.33 -35.85
C LEU F 62 5.03 -19.31 -35.25
N TYR F 63 5.50 -18.13 -34.84
CA TYR F 63 6.80 -17.99 -34.20
C TYR F 63 6.66 -18.31 -32.72
N ILE F 64 7.40 -19.31 -32.25
CA ILE F 64 7.27 -19.84 -30.90
C ILE F 64 8.48 -19.40 -30.08
N ASN F 65 8.21 -18.71 -28.97
CA ASN F 65 9.26 -18.37 -27.99
C ASN F 65 8.57 -18.33 -26.61
N SER F 66 8.62 -19.45 -25.91
CA SER F 66 7.91 -19.56 -24.64
C SER F 66 8.77 -20.25 -23.59
N PRO F 67 9.11 -19.58 -22.49
CA PRO F 67 9.88 -20.20 -21.42
C PRO F 67 9.08 -21.13 -20.53
N GLY F 68 7.82 -21.41 -20.84
CA GLY F 68 7.01 -22.29 -20.02
C GLY F 68 5.54 -22.17 -20.38
N GLY F 69 4.72 -22.69 -19.50
CA GLY F 69 3.28 -22.64 -19.68
C GLY F 69 2.63 -23.90 -19.13
N SER F 70 1.30 -23.92 -19.22
CA SER F 70 0.50 -25.03 -18.76
C SER F 70 0.06 -25.89 -19.94
N ILE F 71 -0.32 -27.13 -19.64
CA ILE F 71 -0.74 -28.06 -20.68
C ILE F 71 -2.24 -27.94 -20.97
N SER F 72 -3.06 -27.62 -19.96
CA SER F 72 -4.49 -27.50 -20.17
C SER F 72 -4.81 -26.37 -21.14
N ALA F 73 -4.00 -25.31 -21.12
CA ALA F 73 -4.21 -24.20 -22.05
C ALA F 73 -3.60 -24.47 -23.41
N GLY F 74 -2.44 -25.14 -23.48
CA GLY F 74 -1.83 -25.47 -24.75
C GLY F 74 -2.57 -26.52 -25.54
N MET F 75 -3.31 -27.41 -24.86
CA MET F 75 -4.12 -28.38 -25.58
C MET F 75 -5.20 -27.69 -26.41
N ALA F 76 -5.81 -26.62 -25.88
CA ALA F 76 -6.78 -25.87 -26.67
C ALA F 76 -6.15 -25.23 -27.88
N ILE F 77 -4.92 -24.70 -27.73
CA ILE F 77 -4.22 -24.12 -28.87
C ILE F 77 -3.93 -25.20 -29.91
N TYR F 78 -3.58 -26.40 -29.47
CA TYR F 78 -3.33 -27.49 -30.40
C TYR F 78 -4.61 -27.89 -31.15
N ASP F 79 -5.73 -27.99 -30.44
CA ASP F 79 -6.99 -28.33 -31.10
C ASP F 79 -7.40 -27.23 -32.07
N THR F 80 -7.13 -25.97 -31.73
CA THR F 80 -7.46 -24.88 -32.63
C THR F 80 -6.58 -24.92 -33.88
N MET F 81 -5.29 -25.26 -33.71
CA MET F 81 -4.41 -25.38 -34.86
C MET F 81 -4.84 -26.52 -35.76
N VAL F 82 -5.29 -27.64 -35.18
CA VAL F 82 -5.74 -28.76 -35.99
C VAL F 82 -7.06 -28.44 -36.67
N LEU F 83 -7.93 -27.66 -36.00
CA LEU F 83 -9.23 -27.32 -36.59
C LEU F 83 -9.09 -26.39 -37.79
N ALA F 84 -8.11 -25.50 -37.76
CA ALA F 84 -7.93 -24.57 -38.87
C ALA F 84 -7.54 -25.32 -40.13
N PRO F 85 -8.24 -25.10 -41.25
CA PRO F 85 -7.90 -25.81 -42.50
C PRO F 85 -6.66 -25.30 -43.19
N CYS F 86 -5.95 -24.33 -42.62
CA CYS F 86 -4.75 -23.79 -43.22
C CYS F 86 -3.57 -24.68 -42.89
N ASP F 87 -2.37 -24.26 -43.29
CA ASP F 87 -1.14 -25.01 -43.05
C ASP F 87 -0.26 -24.20 -42.10
N ILE F 88 -0.23 -24.61 -40.84
CA ILE F 88 0.52 -23.88 -39.82
C ILE F 88 2.01 -24.14 -40.01
N ALA F 89 2.78 -23.07 -40.12
CA ALA F 89 4.24 -23.14 -40.25
C ALA F 89 4.84 -22.64 -38.94
N THR F 90 5.22 -23.57 -38.07
CA THR F 90 5.75 -23.23 -36.75
C THR F 90 7.27 -23.04 -36.82
N TYR F 91 7.75 -22.02 -36.12
CA TYR F 91 9.16 -21.69 -36.07
C TYR F 91 9.62 -21.66 -34.62
N ALA F 92 10.90 -21.96 -34.41
CA ALA F 92 11.52 -21.91 -33.09
C ALA F 92 12.37 -20.65 -33.02
N MET F 93 11.74 -19.54 -32.65
CA MET F 93 12.43 -18.25 -32.61
C MET F 93 13.38 -18.18 -31.42
N GLY F 94 12.85 -18.28 -30.21
CA GLY F 94 13.66 -18.22 -29.01
C GLY F 94 13.97 -19.58 -28.44
N MET F 95 13.33 -19.92 -27.32
CA MET F 95 13.51 -21.21 -26.67
C MET F 95 12.16 -21.78 -26.28
N ALA F 96 12.00 -23.08 -26.50
CA ALA F 96 10.79 -23.80 -26.15
C ALA F 96 11.04 -24.59 -24.87
N ALA F 97 10.21 -24.37 -23.85
CA ALA F 97 10.40 -24.97 -22.53
C ALA F 97 9.09 -25.64 -22.10
N SER F 98 8.95 -26.93 -22.45
CA SER F 98 7.90 -27.81 -21.95
C SER F 98 6.53 -27.48 -22.54
N MET F 99 6.42 -26.37 -23.26
CA MET F 99 5.18 -26.03 -23.94
C MET F 99 5.36 -25.53 -25.37
N GLY F 100 6.53 -25.02 -25.74
CA GLY F 100 6.74 -24.58 -27.11
C GLY F 100 7.07 -25.70 -28.06
N GLU F 101 7.64 -26.80 -27.54
CA GLU F 101 7.97 -27.93 -28.39
C GLU F 101 6.72 -28.63 -28.89
N PHE F 102 5.69 -28.74 -28.05
CA PHE F 102 4.46 -29.41 -28.45
C PHE F 102 3.76 -28.66 -29.58
N LEU F 103 3.80 -27.33 -29.54
CA LEU F 103 3.24 -26.53 -30.62
C LEU F 103 4.17 -26.43 -31.82
N LEU F 104 5.48 -26.58 -31.61
CA LEU F 104 6.42 -26.58 -32.72
C LEU F 104 6.29 -27.84 -33.56
N ALA F 105 6.10 -28.99 -32.91
CA ALA F 105 5.89 -30.25 -33.61
C ALA F 105 4.44 -30.46 -34.05
N ALA F 106 3.53 -29.58 -33.63
CA ALA F 106 2.13 -29.71 -34.01
C ALA F 106 1.86 -29.25 -35.44
N GLY F 107 2.78 -28.52 -36.05
CA GLY F 107 2.61 -28.06 -37.41
C GLY F 107 2.68 -29.18 -38.41
N THR F 108 2.31 -28.86 -39.65
CA THR F 108 2.36 -29.85 -40.72
C THR F 108 3.79 -30.27 -41.01
N LYS F 109 3.95 -31.54 -41.38
CA LYS F 109 5.27 -32.09 -41.68
C LYS F 109 5.83 -31.43 -42.93
N GLY F 110 7.00 -30.82 -42.80
CA GLY F 110 7.63 -30.09 -43.89
C GLY F 110 7.65 -28.59 -43.71
N LYS F 111 6.97 -28.07 -42.69
CA LYS F 111 6.93 -26.64 -42.43
C LYS F 111 7.38 -26.29 -41.02
N ARG F 112 8.00 -27.24 -40.30
CA ARG F 112 8.47 -27.00 -38.94
C ARG F 112 9.95 -26.62 -39.01
N TYR F 113 10.22 -25.32 -38.98
CA TYR F 113 11.57 -24.80 -39.06
C TYR F 113 12.08 -24.41 -37.68
N ALA F 114 13.35 -24.06 -37.61
CA ALA F 114 13.98 -23.66 -36.35
C ALA F 114 15.19 -22.80 -36.65
N LEU F 115 15.37 -21.76 -35.83
CA LEU F 115 16.53 -20.88 -35.99
C LEU F 115 17.78 -21.59 -35.47
N PRO F 116 18.96 -21.24 -36.00
CA PRO F 116 20.18 -21.98 -35.64
C PRO F 116 20.60 -21.84 -34.19
N HIS F 117 19.97 -20.96 -33.41
CA HIS F 117 20.30 -20.77 -32.00
C HIS F 117 19.09 -21.03 -31.12
N ALA F 118 18.31 -22.04 -31.46
CA ALA F 118 17.13 -22.41 -30.69
C ALA F 118 17.49 -23.46 -29.63
N ARG F 119 16.69 -23.48 -28.56
CA ARG F 119 16.89 -24.41 -27.45
C ARG F 119 15.54 -25.03 -27.11
N ILE F 120 15.31 -26.26 -27.60
CA ILE F 120 14.07 -26.98 -27.34
C ILE F 120 14.25 -27.80 -26.07
N LEU F 121 13.40 -27.55 -25.08
CA LEU F 121 13.46 -28.24 -23.78
C LEU F 121 12.31 -29.24 -23.73
N MET F 122 12.62 -30.51 -23.92
CA MET F 122 11.63 -31.58 -23.81
C MET F 122 11.39 -31.87 -22.33
N HIS F 123 10.25 -31.41 -21.82
CA HIS F 123 9.97 -31.54 -20.39
C HIS F 123 8.46 -31.49 -20.20
N GLN F 124 8.00 -32.12 -19.11
CA GLN F 124 6.57 -32.02 -18.84
C GLN F 124 6.27 -30.76 -18.04
N PRO F 125 5.04 -30.25 -18.10
CA PRO F 125 4.69 -29.07 -17.32
C PRO F 125 4.72 -29.36 -15.83
N LEU F 126 4.89 -28.28 -15.06
CA LEU F 126 4.99 -28.43 -13.60
C LEU F 126 3.65 -28.82 -12.99
N GLY F 127 2.54 -28.35 -13.55
CA GLY F 127 1.23 -28.68 -13.03
C GLY F 127 0.12 -27.88 -13.68
N ALA F 133 -6.83 -27.95 -1.64
CA ALA F 133 -8.24 -28.07 -1.29
C ALA F 133 -8.64 -29.53 -1.06
N ALA F 134 -9.85 -29.87 -1.48
CA ALA F 134 -10.36 -31.23 -1.33
C ALA F 134 -10.55 -31.96 -2.65
N ASP F 135 -10.43 -31.26 -3.79
CA ASP F 135 -10.59 -31.86 -5.11
C ASP F 135 -9.26 -32.18 -5.78
N ILE F 136 -8.20 -32.39 -4.98
CA ILE F 136 -6.89 -32.68 -5.55
C ILE F 136 -6.87 -34.04 -6.22
N ALA F 137 -7.74 -34.97 -5.81
CA ALA F 137 -7.77 -36.29 -6.42
C ALA F 137 -8.20 -36.20 -7.88
N ILE F 138 -9.31 -35.51 -8.15
CA ILE F 138 -9.75 -35.36 -9.53
C ILE F 138 -8.81 -34.46 -10.31
N GLN F 139 -8.12 -33.53 -9.63
CA GLN F 139 -7.13 -32.71 -10.30
C GLN F 139 -5.93 -33.53 -10.74
N ALA F 140 -5.56 -34.55 -9.95
CA ALA F 140 -4.47 -35.44 -10.35
C ALA F 140 -4.92 -36.45 -11.40
N GLU F 141 -6.20 -36.88 -11.34
CA GLU F 141 -6.70 -37.81 -12.35
C GLU F 141 -6.84 -37.13 -13.71
N GLN F 142 -7.26 -35.85 -13.72
CA GLN F 142 -7.36 -35.13 -14.98
C GLN F 142 -5.97 -34.79 -15.54
N PHE F 143 -4.99 -34.58 -14.67
CA PHE F 143 -3.64 -34.30 -15.14
C PHE F 143 -2.95 -35.58 -15.62
N ALA F 144 -3.36 -36.73 -15.11
CA ALA F 144 -2.77 -38.00 -15.53
C ALA F 144 -3.39 -38.54 -16.81
N VAL F 145 -4.53 -38.01 -17.25
CA VAL F 145 -5.14 -38.45 -18.50
C VAL F 145 -4.75 -37.58 -19.68
N ILE F 146 -4.25 -36.37 -19.45
CA ILE F 146 -3.77 -35.51 -20.53
C ILE F 146 -2.25 -35.55 -20.66
N LYS F 147 -1.54 -36.00 -19.63
CA LYS F 147 -0.09 -36.13 -19.74
C LYS F 147 0.30 -37.33 -20.59
N LYS F 148 -0.43 -38.43 -20.46
CA LYS F 148 -0.18 -39.59 -21.31
C LYS F 148 -0.62 -39.32 -22.74
N GLU F 149 -1.63 -38.49 -22.93
CA GLU F 149 -2.06 -38.12 -24.28
C GLU F 149 -1.00 -37.26 -24.96
N MET F 150 -0.33 -36.40 -24.20
CA MET F 150 0.75 -35.59 -24.76
C MET F 150 1.94 -36.47 -25.16
N PHE F 151 2.25 -37.49 -24.35
CA PHE F 151 3.32 -38.41 -24.68
C PHE F 151 3.01 -39.28 -25.88
N ARG F 152 1.75 -39.38 -26.27
CA ARG F 152 1.39 -40.09 -27.50
C ARG F 152 1.51 -39.21 -28.72
N LEU F 153 1.04 -37.97 -28.64
CA LEU F 153 1.17 -37.04 -29.75
C LEU F 153 2.63 -36.66 -30.00
N ASN F 154 3.44 -36.60 -28.95
CA ASN F 154 4.86 -36.30 -29.13
C ASN F 154 5.56 -37.43 -29.87
N ALA F 155 5.19 -38.68 -29.60
CA ALA F 155 5.76 -39.80 -30.32
C ALA F 155 5.21 -39.90 -31.73
N GLU F 156 3.96 -39.48 -31.94
CA GLU F 156 3.38 -39.51 -33.27
C GLU F 156 4.01 -38.45 -34.17
N PHE F 157 4.32 -37.28 -33.61
CA PHE F 157 4.89 -36.20 -34.41
C PHE F 157 6.36 -36.45 -34.72
N THR F 158 7.18 -36.64 -33.68
CA THR F 158 8.62 -36.83 -33.89
C THR F 158 8.95 -38.18 -34.52
N GLY F 159 8.08 -39.17 -34.38
CA GLY F 159 8.33 -40.50 -34.91
C GLY F 159 9.21 -41.37 -34.03
N GLN F 160 9.79 -40.81 -32.97
CA GLN F 160 10.62 -41.60 -32.07
C GLN F 160 9.75 -42.60 -31.29
N PRO F 161 10.35 -43.67 -30.79
CA PRO F 161 9.59 -44.60 -29.94
C PRO F 161 9.04 -43.90 -28.71
N ILE F 162 7.94 -44.45 -28.19
CA ILE F 162 7.27 -43.82 -27.06
C ILE F 162 8.15 -43.85 -25.81
N GLU F 163 8.95 -44.90 -25.65
CA GLU F 163 9.80 -45.04 -24.47
C GLU F 163 10.97 -44.05 -24.45
N ARG F 164 11.21 -43.33 -25.54
CA ARG F 164 12.32 -42.39 -25.58
C ARG F 164 11.97 -41.06 -24.91
N ILE F 165 10.76 -40.55 -25.16
CA ILE F 165 10.38 -39.27 -24.57
C ILE F 165 10.10 -39.41 -23.08
N GLU F 166 9.59 -40.57 -22.65
CA GLU F 166 9.39 -40.79 -21.22
C GLU F 166 10.71 -40.87 -20.46
N ALA F 167 11.82 -41.11 -21.15
CA ALA F 167 13.13 -41.09 -20.51
C ALA F 167 13.83 -39.75 -20.67
N ASP F 168 13.59 -39.04 -21.77
CA ASP F 168 14.19 -37.73 -22.00
C ASP F 168 13.42 -36.59 -21.37
N SER F 169 12.23 -36.85 -20.82
CA SER F 169 11.42 -35.78 -20.24
C SER F 169 11.78 -35.48 -18.79
N ASP F 170 12.13 -36.50 -18.00
CA ASP F 170 12.43 -36.28 -16.59
C ASP F 170 13.84 -35.76 -16.36
N ARG F 171 14.75 -35.96 -17.31
CA ARG F 171 16.14 -35.53 -17.15
C ARG F 171 16.35 -34.08 -17.51
N ASP F 172 15.32 -33.38 -18.00
CA ASP F 172 15.43 -31.99 -18.43
C ASP F 172 16.53 -31.83 -19.48
N ARG F 173 16.57 -32.77 -20.42
CA ARG F 173 17.60 -32.78 -21.46
C ARG F 173 17.35 -31.64 -22.44
N TRP F 174 18.24 -30.66 -22.44
CA TRP F 174 18.14 -29.55 -23.38
C TRP F 174 18.69 -29.96 -24.74
N PHE F 175 18.21 -29.27 -25.78
CA PHE F 175 18.58 -29.57 -27.15
C PHE F 175 19.04 -28.31 -27.85
N THR F 176 19.64 -28.49 -29.02
CA THR F 176 20.12 -27.41 -29.87
C THR F 176 19.38 -27.50 -31.21
N ALA F 177 19.67 -26.57 -32.11
CA ALA F 177 19.03 -26.59 -33.42
C ALA F 177 19.46 -27.79 -34.25
N ALA F 178 20.68 -28.29 -34.02
CA ALA F 178 21.16 -29.44 -34.77
C ALA F 178 20.67 -30.75 -34.16
N GLU F 179 20.56 -30.81 -32.83
CA GLU F 179 20.09 -32.02 -32.18
C GLU F 179 18.59 -32.21 -32.40
N ALA F 180 17.82 -31.12 -32.34
CA ALA F 180 16.38 -31.20 -32.58
C ALA F 180 16.06 -31.57 -34.03
N LEU F 181 16.99 -31.34 -34.96
CA LEU F 181 16.75 -31.73 -36.35
C LEU F 181 16.82 -33.24 -36.52
N GLU F 182 17.80 -33.88 -35.89
CA GLU F 182 17.93 -35.33 -35.97
C GLU F 182 17.06 -36.06 -34.96
N TYR F 183 16.53 -35.36 -33.96
CA TYR F 183 15.64 -36.00 -33.00
C TYR F 183 14.24 -36.22 -33.59
N GLY F 184 13.76 -35.27 -34.39
CA GLY F 184 12.45 -35.40 -35.00
C GLY F 184 11.55 -34.22 -34.73
N PHE F 185 12.08 -33.20 -34.06
CA PHE F 185 11.28 -32.03 -33.73
C PHE F 185 11.02 -31.18 -34.97
N VAL F 186 12.08 -30.69 -35.61
CA VAL F 186 11.97 -29.82 -36.76
C VAL F 186 12.46 -30.57 -38.00
N ASP F 187 12.26 -29.95 -39.17
CA ASP F 187 12.67 -30.53 -40.44
C ASP F 187 13.75 -29.75 -41.16
N HIS F 188 13.94 -28.47 -40.83
CA HIS F 188 14.94 -27.65 -41.50
C HIS F 188 15.56 -26.68 -40.50
N ILE F 189 16.73 -26.16 -40.87
CA ILE F 189 17.44 -25.16 -40.07
C ILE F 189 17.67 -23.96 -40.98
N ILE F 190 16.87 -22.92 -40.82
CA ILE F 190 16.95 -21.73 -41.66
C ILE F 190 18.14 -20.90 -41.18
N THR F 191 19.22 -20.92 -41.96
CA THR F 191 20.39 -20.09 -41.66
C THR F 191 20.39 -18.79 -42.46
N ARG F 192 20.00 -18.86 -43.73
CA ARG F 192 19.90 -17.66 -44.58
C ARG F 192 18.79 -17.91 -45.59
N ALA F 193 17.60 -17.39 -45.28
CA ALA F 193 16.43 -17.58 -46.15
C ALA F 193 15.64 -16.27 -46.15
N HIS F 194 14.43 -16.33 -46.69
CA HIS F 194 13.56 -15.16 -46.76
C HIS F 194 12.56 -15.15 -45.59
N LEU G 14 -8.13 0.95 -28.24
CA LEU G 14 -8.27 -0.50 -28.19
C LEU G 14 -6.96 -1.17 -27.78
N SER G 15 -6.89 -2.48 -27.97
CA SER G 15 -5.70 -3.26 -27.64
C SER G 15 -5.56 -4.38 -28.66
N LEU G 16 -4.65 -5.32 -28.38
CA LEU G 16 -4.46 -6.46 -29.29
C LEU G 16 -5.59 -7.46 -29.15
N THR G 17 -5.90 -7.86 -27.91
CA THR G 17 -6.99 -8.82 -27.68
C THR G 17 -8.36 -8.20 -27.84
N ASP G 18 -8.46 -6.86 -27.77
CA ASP G 18 -9.73 -6.18 -27.96
C ASP G 18 -10.04 -5.88 -29.42
N SER G 19 -9.07 -6.04 -30.31
CA SER G 19 -9.29 -5.82 -31.74
C SER G 19 -9.63 -7.11 -32.47
N VAL G 20 -9.00 -8.23 -32.09
CA VAL G 20 -9.31 -9.50 -32.72
C VAL G 20 -10.74 -9.93 -32.40
N TYR G 21 -11.20 -9.66 -31.18
CA TYR G 21 -12.58 -10.00 -30.82
C TYR G 21 -13.56 -9.16 -31.61
N GLU G 22 -13.26 -7.88 -31.82
CA GLU G 22 -14.13 -7.03 -32.63
C GLU G 22 -14.14 -7.46 -34.08
N ARG G 23 -12.99 -7.86 -34.62
CA ARG G 23 -12.94 -8.33 -36.00
C ARG G 23 -13.67 -9.66 -36.17
N LEU G 24 -13.65 -10.51 -35.14
CA LEU G 24 -14.39 -11.77 -35.20
C LEU G 24 -15.88 -11.55 -34.98
N LEU G 25 -16.26 -10.46 -34.29
CA LEU G 25 -17.67 -10.18 -34.09
C LEU G 25 -18.37 -9.87 -35.40
N SER G 26 -17.66 -9.26 -36.35
CA SER G 26 -18.24 -9.00 -37.67
C SER G 26 -18.51 -10.28 -38.44
N GLU G 27 -17.84 -11.37 -38.09
CA GLU G 27 -18.06 -12.67 -38.72
C GLU G 27 -18.99 -13.56 -37.90
N ARG G 28 -19.74 -12.98 -36.96
CA ARG G 28 -20.69 -13.71 -36.12
C ARG G 28 -20.00 -14.83 -35.34
N ILE G 29 -19.00 -14.44 -34.56
CA ILE G 29 -18.25 -15.36 -33.71
C ILE G 29 -18.04 -14.70 -32.36
N ILE G 30 -18.55 -15.33 -31.30
CA ILE G 30 -18.41 -14.84 -29.95
C ILE G 30 -17.58 -15.84 -29.16
N PHE G 31 -16.95 -15.35 -28.09
CA PHE G 31 -16.05 -16.15 -27.26
C PHE G 31 -16.48 -16.10 -25.81
N LEU G 32 -16.03 -17.10 -25.06
CA LEU G 32 -16.24 -17.14 -23.61
C LEU G 32 -15.03 -17.87 -23.01
N GLY G 33 -14.05 -17.10 -22.56
CA GLY G 33 -12.80 -17.66 -22.07
C GLY G 33 -12.52 -17.40 -20.61
N SER G 34 -13.53 -16.94 -19.88
CA SER G 34 -13.38 -16.65 -18.46
C SER G 34 -14.58 -17.20 -17.71
N GLU G 35 -14.51 -17.13 -16.38
CA GLU G 35 -15.61 -17.58 -15.54
C GLU G 35 -16.79 -16.63 -15.69
N VAL G 36 -17.94 -17.17 -16.08
CA VAL G 36 -19.13 -16.35 -16.27
C VAL G 36 -19.57 -15.76 -14.93
N ASN G 37 -19.68 -14.45 -14.87
CA ASN G 37 -20.07 -13.74 -13.65
C ASN G 37 -21.00 -12.59 -14.05
N ASP G 38 -21.20 -11.66 -13.11
CA ASP G 38 -22.07 -10.52 -13.36
C ASP G 38 -21.55 -9.60 -14.46
N GLU G 39 -20.27 -9.73 -14.83
CA GLU G 39 -19.65 -8.91 -15.86
C GLU G 39 -19.70 -9.56 -17.24
N ILE G 40 -19.12 -10.75 -17.36
CA ILE G 40 -18.99 -11.40 -18.67
C ILE G 40 -20.37 -11.72 -19.24
N ALA G 41 -21.34 -12.01 -18.37
CA ALA G 41 -22.68 -12.34 -18.84
C ALA G 41 -23.33 -11.17 -19.57
N ASN G 42 -23.16 -9.96 -19.04
CA ASN G 42 -23.72 -8.78 -19.71
C ASN G 42 -23.11 -8.57 -21.09
N ARG G 43 -21.79 -8.71 -21.20
CA ARG G 43 -21.13 -8.58 -22.49
C ARG G 43 -21.59 -9.66 -23.47
N LEU G 44 -21.77 -10.89 -22.98
CA LEU G 44 -22.22 -11.97 -23.85
C LEU G 44 -23.63 -11.73 -24.37
N CYS G 45 -24.54 -11.32 -23.48
CA CYS G 45 -25.90 -11.02 -23.93
C CYS G 45 -25.91 -9.83 -24.88
N ALA G 46 -25.07 -8.81 -24.63
CA ALA G 46 -25.01 -7.67 -25.53
C ALA G 46 -24.52 -8.08 -26.91
N GLN G 47 -23.47 -8.92 -26.96
CA GLN G 47 -22.96 -9.39 -28.25
C GLN G 47 -23.99 -10.24 -28.98
N ILE G 48 -24.69 -11.10 -28.25
CA ILE G 48 -25.71 -11.96 -28.87
C ILE G 48 -26.84 -11.11 -29.44
N LEU G 49 -27.29 -10.10 -28.68
CA LEU G 49 -28.36 -9.25 -29.16
C LEU G 49 -27.92 -8.40 -30.36
N LEU G 50 -26.67 -7.95 -30.35
CA LEU G 50 -26.15 -7.22 -31.50
C LEU G 50 -26.09 -8.09 -32.75
N LEU G 51 -25.61 -9.33 -32.60
CA LEU G 51 -25.53 -10.23 -33.73
C LEU G 51 -26.92 -10.64 -34.22
N ALA G 52 -27.91 -10.68 -33.32
CA ALA G 52 -29.28 -10.99 -33.73
C ALA G 52 -29.94 -9.81 -34.41
N ALA G 53 -29.63 -8.59 -33.99
CA ALA G 53 -30.19 -7.41 -34.63
C ALA G 53 -29.53 -7.10 -35.97
N GLU G 54 -28.27 -7.50 -36.14
CA GLU G 54 -27.59 -7.29 -37.42
C GLU G 54 -28.19 -8.18 -38.50
N ASP G 55 -28.35 -9.47 -38.20
CA ASP G 55 -28.95 -10.41 -39.15
C ASP G 55 -29.72 -11.46 -38.37
N ALA G 56 -30.87 -11.86 -38.90
CA ALA G 56 -31.73 -12.85 -38.27
C ALA G 56 -31.89 -14.09 -39.15
N SER G 57 -30.89 -14.37 -40.00
CA SER G 57 -30.95 -15.53 -40.87
C SER G 57 -29.61 -16.26 -40.96
N LYS G 58 -28.74 -16.11 -39.96
CA LYS G 58 -27.45 -16.76 -39.96
C LYS G 58 -27.21 -17.51 -38.66
N ASP G 59 -25.99 -18.03 -38.47
CA ASP G 59 -25.63 -18.77 -37.28
C ASP G 59 -24.61 -17.98 -36.47
N ILE G 60 -24.59 -18.24 -35.16
CA ILE G 60 -23.69 -17.55 -34.23
C ILE G 60 -22.83 -18.62 -33.57
N SER G 61 -21.55 -18.66 -33.92
CA SER G 61 -20.62 -19.61 -33.33
C SER G 61 -20.25 -19.18 -31.92
N LEU G 62 -20.42 -20.08 -30.96
CA LEU G 62 -20.15 -19.81 -29.55
C LEU G 62 -19.08 -20.79 -29.06
N TYR G 63 -17.84 -20.33 -29.00
CA TYR G 63 -16.74 -21.15 -28.50
C TYR G 63 -16.70 -21.05 -26.98
N ILE G 64 -16.84 -22.19 -26.31
CA ILE G 64 -16.98 -22.24 -24.86
C ILE G 64 -15.69 -22.78 -24.26
N ASN G 65 -15.09 -22.00 -23.35
CA ASN G 65 -13.95 -22.44 -22.56
C ASN G 65 -14.02 -21.72 -21.21
N SER G 66 -14.64 -22.37 -20.24
CA SER G 66 -14.87 -21.74 -18.94
C SER G 66 -14.57 -22.70 -17.80
N PRO G 67 -13.59 -22.38 -16.95
CA PRO G 67 -13.29 -23.23 -15.78
C PRO G 67 -14.28 -23.08 -14.63
N GLY G 68 -15.37 -22.35 -14.80
CA GLY G 68 -16.34 -22.20 -13.73
C GLY G 68 -17.28 -21.04 -14.02
N GLY G 69 -17.98 -20.64 -12.98
CA GLY G 69 -18.92 -19.53 -13.09
C GLY G 69 -20.12 -19.77 -12.19
N SER G 70 -21.01 -18.78 -12.20
CA SER G 70 -22.23 -18.82 -11.41
C SER G 70 -23.42 -19.18 -12.29
N ILE G 71 -24.49 -19.65 -11.65
CA ILE G 71 -25.69 -20.06 -12.38
C ILE G 71 -26.64 -18.88 -12.60
N SER G 72 -26.69 -17.93 -11.67
CA SER G 72 -27.58 -16.79 -11.83
C SER G 72 -27.20 -15.94 -13.04
N ALA G 73 -25.91 -15.88 -13.35
CA ALA G 73 -25.45 -15.14 -14.53
C ALA G 73 -25.58 -15.96 -15.81
N GLY G 74 -25.33 -17.26 -15.75
CA GLY G 74 -25.48 -18.11 -16.93
C GLY G 74 -26.91 -18.32 -17.36
N MET G 75 -27.87 -18.24 -16.44
CA MET G 75 -29.27 -18.32 -16.82
C MET G 75 -29.67 -17.18 -17.75
N ALA G 76 -29.17 -15.97 -17.48
CA ALA G 76 -29.44 -14.86 -18.38
C ALA G 76 -28.84 -15.09 -19.76
N ILE G 77 -27.64 -15.65 -19.82
CA ILE G 77 -27.04 -15.98 -21.11
C ILE G 77 -27.88 -17.01 -21.85
N TYR G 78 -28.42 -17.99 -21.12
CA TYR G 78 -29.27 -19.00 -21.75
C TYR G 78 -30.55 -18.38 -22.29
N ASP G 79 -31.19 -17.50 -21.50
CA ASP G 79 -32.40 -16.84 -21.98
C ASP G 79 -32.11 -15.96 -23.18
N THR G 80 -30.93 -15.31 -23.20
CA THR G 80 -30.57 -14.49 -24.35
C THR G 80 -30.33 -15.34 -25.59
N MET G 81 -29.70 -16.51 -25.41
CA MET G 81 -29.50 -17.41 -26.53
C MET G 81 -30.82 -17.93 -27.08
N VAL G 82 -31.77 -18.23 -26.18
CA VAL G 82 -33.08 -18.70 -26.64
C VAL G 82 -33.86 -17.58 -27.31
N LEU G 83 -33.70 -16.34 -26.83
CA LEU G 83 -34.44 -15.22 -27.40
C LEU G 83 -33.96 -14.89 -28.81
N ALA G 84 -32.67 -15.06 -29.09
CA ALA G 84 -32.14 -14.75 -30.40
C ALA G 84 -32.74 -15.68 -31.45
N PRO G 85 -33.29 -15.16 -32.53
CA PRO G 85 -33.89 -16.02 -33.56
C PRO G 85 -32.88 -16.74 -34.45
N CYS G 86 -31.59 -16.58 -34.19
CA CYS G 86 -30.56 -17.24 -34.99
C CYS G 86 -30.37 -18.67 -34.49
N ASP G 87 -29.37 -19.36 -35.06
CA ASP G 87 -29.06 -20.74 -34.70
C ASP G 87 -27.68 -20.76 -34.05
N ILE G 88 -27.66 -20.89 -32.72
CA ILE G 88 -26.40 -20.86 -31.99
C ILE G 88 -25.67 -22.18 -32.18
N ALA G 89 -24.42 -22.10 -32.61
CA ALA G 89 -23.56 -23.27 -32.80
C ALA G 89 -22.50 -23.24 -31.71
N THR G 90 -22.72 -24.01 -30.66
CA THR G 90 -21.82 -24.02 -29.51
C THR G 90 -20.72 -25.05 -29.70
N TYR G 91 -19.50 -24.68 -29.33
CA TYR G 91 -18.33 -25.54 -29.44
C TYR G 91 -17.66 -25.68 -28.08
N ALA G 92 -17.01 -26.82 -27.88
CA ALA G 92 -16.25 -27.09 -26.65
C ALA G 92 -14.77 -26.92 -26.97
N MET G 93 -14.29 -25.68 -26.88
CA MET G 93 -12.90 -25.39 -27.22
C MET G 93 -11.95 -25.92 -26.15
N GLY G 94 -12.08 -25.41 -24.93
CA GLY G 94 -11.22 -25.84 -23.84
C GLY G 94 -11.87 -26.86 -22.94
N MET G 95 -12.27 -26.43 -21.74
CA MET G 95 -12.92 -27.32 -20.78
C MET G 95 -14.12 -26.61 -20.18
N ALA G 96 -15.22 -27.34 -20.04
CA ALA G 96 -16.44 -26.82 -19.43
C ALA G 96 -16.54 -27.35 -18.01
N ALA G 97 -16.67 -26.44 -17.04
CA ALA G 97 -16.69 -26.80 -15.61
C ALA G 97 -17.92 -26.18 -14.96
N SER G 98 -19.01 -26.94 -14.94
CA SER G 98 -20.21 -26.63 -14.17
C SER G 98 -21.00 -25.45 -14.73
N MET G 99 -20.44 -24.76 -15.73
CA MET G 99 -21.16 -23.68 -16.39
C MET G 99 -21.02 -23.70 -17.91
N GLY G 100 -19.98 -24.31 -18.47
CA GLY G 100 -19.86 -24.37 -19.92
C GLY G 100 -20.68 -25.46 -20.55
N GLU G 101 -20.98 -26.52 -19.79
CA GLU G 101 -21.79 -27.61 -20.34
C GLU G 101 -23.23 -27.17 -20.56
N PHE G 102 -23.77 -26.34 -19.66
CA PHE G 102 -25.15 -25.89 -19.80
C PHE G 102 -25.32 -25.03 -21.05
N LEU G 103 -24.32 -24.19 -21.36
CA LEU G 103 -24.36 -23.40 -22.58
C LEU G 103 -23.98 -24.21 -23.82
N LEU G 104 -23.20 -25.28 -23.64
CA LEU G 104 -22.85 -26.13 -24.77
C LEU G 104 -24.05 -26.94 -25.24
N ALA G 105 -24.85 -27.44 -24.29
CA ALA G 105 -26.06 -28.18 -24.63
C ALA G 105 -27.25 -27.27 -24.90
N ALA G 106 -27.11 -25.96 -24.69
CA ALA G 106 -28.21 -25.03 -24.94
C ALA G 106 -28.38 -24.72 -26.42
N GLY G 107 -27.39 -25.04 -27.25
CA GLY G 107 -27.50 -24.79 -28.67
C GLY G 107 -28.51 -25.70 -29.34
N THR G 108 -28.81 -25.38 -30.60
CA THR G 108 -29.75 -26.16 -31.37
C THR G 108 -29.20 -27.57 -31.62
N LYS G 109 -30.11 -28.55 -31.65
CA LYS G 109 -29.72 -29.93 -31.86
C LYS G 109 -29.17 -30.10 -33.28
N GLY G 110 -27.94 -30.59 -33.38
CA GLY G 110 -27.26 -30.75 -34.66
C GLY G 110 -26.13 -29.78 -34.88
N LYS G 111 -25.95 -28.80 -34.00
CA LYS G 111 -24.87 -27.82 -34.13
C LYS G 111 -23.99 -27.77 -32.89
N ARG G 112 -24.11 -28.74 -31.98
CA ARG G 112 -23.30 -28.78 -30.76
C ARG G 112 -22.09 -29.66 -31.02
N TYR G 113 -20.97 -29.04 -31.35
CA TYR G 113 -19.73 -29.74 -31.64
C TYR G 113 -18.80 -29.70 -30.44
N ALA G 114 -17.69 -30.44 -30.55
CA ALA G 114 -16.71 -30.50 -29.47
C ALA G 114 -15.37 -30.91 -30.06
N LEU G 115 -14.30 -30.28 -29.56
CA LEU G 115 -12.96 -30.62 -30.00
C LEU G 115 -12.53 -31.95 -29.39
N PRO G 116 -11.65 -32.69 -30.06
CA PRO G 116 -11.30 -34.05 -29.59
C PRO G 116 -10.60 -34.09 -28.25
N HIS G 117 -10.17 -32.95 -27.70
CA HIS G 117 -9.48 -32.90 -26.41
C HIS G 117 -10.25 -32.02 -25.43
N ALA G 118 -11.57 -32.12 -25.44
CA ALA G 118 -12.41 -31.36 -24.53
C ALA G 118 -12.69 -32.16 -23.26
N ARG G 119 -12.96 -31.43 -22.18
CA ARG G 119 -13.25 -32.03 -20.87
C ARG G 119 -14.49 -31.35 -20.31
N ILE G 120 -15.63 -32.02 -20.44
CA ILE G 120 -16.90 -31.50 -19.92
C ILE G 120 -17.08 -32.00 -18.49
N LEU G 121 -17.21 -31.06 -17.55
CA LEU G 121 -17.37 -31.37 -16.14
C LEU G 121 -18.82 -31.11 -15.75
N MET G 122 -19.59 -32.20 -15.60
CA MET G 122 -20.97 -32.11 -15.16
C MET G 122 -20.98 -31.92 -13.65
N HIS G 123 -21.27 -30.70 -13.20
CA HIS G 123 -21.20 -30.37 -11.79
C HIS G 123 -22.11 -29.17 -11.53
N GLN G 124 -22.60 -29.08 -10.28
CA GLN G 124 -23.38 -27.90 -9.97
C GLN G 124 -22.47 -26.75 -9.52
N PRO G 125 -22.92 -25.51 -9.65
CA PRO G 125 -22.10 -24.39 -9.20
C PRO G 125 -21.93 -24.39 -7.68
N LEU G 126 -20.87 -23.74 -7.23
CA LEU G 126 -20.56 -23.72 -5.81
C LEU G 126 -21.56 -22.88 -5.02
N GLY G 127 -22.07 -21.82 -5.63
CA GLY G 127 -23.04 -20.95 -4.97
C GLY G 127 -23.33 -19.69 -5.74
N ALA G 133 -25.01 -12.87 6.25
CA ALA G 133 -25.92 -11.82 6.72
C ALA G 133 -27.18 -12.43 7.33
N ALA G 134 -28.32 -11.78 7.09
CA ALA G 134 -29.60 -12.23 7.63
C ALA G 134 -30.56 -12.72 6.56
N ASP G 135 -30.24 -12.52 5.28
CA ASP G 135 -31.10 -12.96 4.18
C ASP G 135 -30.62 -14.25 3.54
N ILE G 136 -29.90 -15.08 4.29
CA ILE G 136 -29.40 -16.34 3.75
C ILE G 136 -30.53 -17.32 3.47
N ALA G 137 -31.67 -17.18 4.17
CA ALA G 137 -32.80 -18.08 3.92
C ALA G 137 -33.36 -17.89 2.52
N ILE G 138 -33.64 -16.64 2.14
CA ILE G 138 -34.14 -16.39 0.79
C ILE G 138 -33.07 -16.64 -0.25
N GLN G 139 -31.79 -16.48 0.12
CA GLN G 139 -30.71 -16.80 -0.79
C GLN G 139 -30.63 -18.30 -1.06
N ALA G 140 -30.95 -19.12 -0.06
CA ALA G 140 -30.98 -20.56 -0.27
C ALA G 140 -32.25 -21.00 -0.98
N GLU G 141 -33.37 -20.30 -0.74
CA GLU G 141 -34.61 -20.65 -1.44
C GLU G 141 -34.53 -20.28 -2.91
N GLN G 142 -33.89 -19.15 -3.24
CA GLN G 142 -33.73 -18.79 -4.65
C GLN G 142 -32.72 -19.69 -5.35
N PHE G 143 -31.72 -20.19 -4.62
CA PHE G 143 -30.76 -21.10 -5.22
C PHE G 143 -31.34 -22.50 -5.40
N ALA G 144 -32.34 -22.85 -4.58
CA ALA G 144 -32.97 -24.16 -4.67
C ALA G 144 -34.06 -24.21 -5.72
N VAL G 145 -34.52 -23.06 -6.22
CA VAL G 145 -35.53 -23.03 -7.26
C VAL G 145 -34.93 -22.94 -8.66
N ILE G 146 -33.68 -22.51 -8.79
CA ILE G 146 -33.00 -22.47 -10.08
C ILE G 146 -32.08 -23.66 -10.29
N LYS G 147 -31.69 -24.36 -9.22
CA LYS G 147 -30.88 -25.56 -9.37
C LYS G 147 -31.69 -26.73 -9.90
N LYS G 148 -32.94 -26.87 -9.43
CA LYS G 148 -33.82 -27.91 -9.96
C LYS G 148 -34.25 -27.59 -11.38
N GLU G 149 -34.35 -26.31 -11.72
CA GLU G 149 -34.68 -25.93 -13.10
C GLU G 149 -33.54 -26.27 -14.04
N MET G 150 -32.29 -26.14 -13.57
CA MET G 150 -31.15 -26.51 -14.39
C MET G 150 -31.11 -28.02 -14.61
N PHE G 151 -31.45 -28.80 -13.58
CA PHE G 151 -31.50 -30.25 -13.71
C PHE G 151 -32.62 -30.73 -14.62
N ARG G 152 -33.61 -29.88 -14.90
CA ARG G 152 -34.65 -30.22 -15.86
C ARG G 152 -34.21 -29.92 -17.29
N LEU G 153 -33.59 -28.75 -17.51
CA LEU G 153 -33.11 -28.41 -18.84
C LEU G 153 -31.95 -29.31 -19.25
N ASN G 154 -31.13 -29.75 -18.31
CA ASN G 154 -30.04 -30.66 -18.64
C ASN G 154 -30.58 -32.01 -19.10
N ALA G 155 -31.66 -32.49 -18.48
CA ALA G 155 -32.27 -33.74 -18.91
C ALA G 155 -33.04 -33.56 -20.22
N GLU G 156 -33.60 -32.37 -20.44
CA GLU G 156 -34.31 -32.11 -21.70
C GLU G 156 -33.35 -32.04 -22.88
N PHE G 157 -32.16 -31.46 -22.66
CA PHE G 157 -31.21 -31.31 -23.75
C PHE G 157 -30.51 -32.63 -24.08
N THR G 158 -29.87 -33.24 -23.07
CA THR G 158 -29.12 -34.47 -23.30
C THR G 158 -30.03 -35.67 -23.57
N GLY G 159 -31.29 -35.62 -23.12
CA GLY G 159 -32.21 -36.72 -23.29
C GLY G 159 -32.06 -37.83 -22.27
N GLN G 160 -31.03 -37.79 -21.42
CA GLN G 160 -30.86 -38.80 -20.39
C GLN G 160 -31.95 -38.67 -19.33
N PRO G 161 -32.22 -39.74 -18.59
CA PRO G 161 -33.18 -39.65 -17.49
C PRO G 161 -32.73 -38.62 -16.47
N ILE G 162 -33.72 -38.07 -15.74
CA ILE G 162 -33.43 -37.01 -14.79
C ILE G 162 -32.59 -37.53 -13.63
N GLU G 163 -32.79 -38.79 -13.24
CA GLU G 163 -32.06 -39.36 -12.11
C GLU G 163 -30.59 -39.63 -12.43
N ARG G 164 -30.17 -39.49 -13.69
CA ARG G 164 -28.78 -39.74 -14.03
C ARG G 164 -27.89 -38.55 -13.72
N ILE G 165 -28.35 -37.33 -14.03
CA ILE G 165 -27.53 -36.15 -13.79
C ILE G 165 -27.46 -35.84 -12.30
N GLU G 166 -28.52 -36.13 -11.55
CA GLU G 166 -28.47 -35.94 -10.10
C GLU G 166 -27.49 -36.88 -9.42
N ALA G 167 -27.12 -37.98 -10.09
CA ALA G 167 -26.10 -38.87 -9.55
C ALA G 167 -24.71 -38.56 -10.10
N ASP G 168 -24.63 -38.08 -11.34
CA ASP G 168 -23.35 -37.73 -11.94
C ASP G 168 -22.86 -36.34 -11.58
N SER G 169 -23.69 -35.53 -10.92
CA SER G 169 -23.31 -34.16 -10.59
C SER G 169 -22.50 -34.05 -9.30
N ASP G 170 -22.82 -34.86 -8.29
CA ASP G 170 -22.13 -34.76 -7.01
C ASP G 170 -20.79 -35.47 -7.01
N ARG G 171 -20.57 -36.42 -7.92
CA ARG G 171 -19.33 -37.18 -7.96
C ARG G 171 -18.22 -36.47 -8.71
N ASP G 172 -18.50 -35.30 -9.30
CA ASP G 172 -17.53 -34.56 -10.10
C ASP G 172 -16.95 -35.42 -11.21
N ARG G 173 -17.83 -36.18 -11.87
CA ARG G 173 -17.42 -37.10 -12.92
C ARG G 173 -16.98 -36.33 -14.15
N TRP G 174 -15.70 -36.38 -14.46
CA TRP G 174 -15.19 -35.72 -15.65
C TRP G 174 -15.46 -36.56 -16.90
N PHE G 175 -15.51 -35.90 -18.05
CA PHE G 175 -15.82 -36.55 -19.30
C PHE G 175 -14.77 -36.19 -20.34
N THR G 176 -14.80 -36.92 -21.46
CA THR G 176 -13.91 -36.70 -22.58
C THR G 176 -14.77 -36.38 -23.82
N ALA G 177 -14.12 -36.11 -24.95
CA ALA G 177 -14.86 -35.81 -26.17
C ALA G 177 -15.65 -37.01 -26.66
N ALA G 178 -15.17 -38.23 -26.39
CA ALA G 178 -15.87 -39.43 -26.83
C ALA G 178 -16.99 -39.81 -25.86
N GLU G 179 -16.78 -39.59 -24.56
CA GLU G 179 -17.82 -39.91 -23.58
C GLU G 179 -18.97 -38.92 -23.66
N ALA G 180 -18.67 -37.64 -23.86
CA ALA G 180 -19.72 -36.63 -23.98
C ALA G 180 -20.53 -36.81 -25.25
N LEU G 181 -19.99 -37.49 -26.26
CA LEU G 181 -20.75 -37.73 -27.49
C LEU G 181 -21.84 -38.77 -27.25
N GLU G 182 -21.52 -39.85 -26.54
CA GLU G 182 -22.51 -40.88 -26.24
C GLU G 182 -23.36 -40.55 -25.02
N TYR G 183 -22.96 -39.56 -24.21
CA TYR G 183 -23.77 -39.17 -23.07
C TYR G 183 -24.97 -38.33 -23.50
N GLY G 184 -24.79 -37.46 -24.49
CA GLY G 184 -25.88 -36.64 -24.97
C GLY G 184 -25.55 -35.16 -24.98
N PHE G 185 -24.30 -34.82 -24.62
CA PHE G 185 -23.89 -33.43 -24.57
C PHE G 185 -23.73 -32.84 -25.97
N VAL G 186 -22.86 -33.43 -26.78
CA VAL G 186 -22.58 -32.94 -28.12
C VAL G 186 -23.09 -33.96 -29.13
N ASP G 187 -23.05 -33.56 -30.41
CA ASP G 187 -23.51 -34.40 -31.50
C ASP G 187 -22.41 -34.82 -32.47
N HIS G 188 -21.28 -34.12 -32.51
CA HIS G 188 -20.19 -34.44 -33.42
C HIS G 188 -18.86 -34.16 -32.76
N ILE G 189 -17.81 -34.76 -33.30
CA ILE G 189 -16.44 -34.57 -32.86
C ILE G 189 -15.63 -34.10 -34.06
N ILE G 190 -15.36 -32.80 -34.13
CA ILE G 190 -14.65 -32.22 -35.27
C ILE G 190 -13.17 -32.52 -35.10
N THR G 191 -12.66 -33.47 -35.90
CA THR G 191 -11.24 -33.79 -35.89
C THR G 191 -10.49 -33.07 -37.01
N ARG G 192 -11.09 -32.98 -38.19
CA ARG G 192 -10.48 -32.26 -39.31
C ARG G 192 -11.63 -31.70 -40.17
N ALA G 193 -11.96 -30.42 -39.94
CA ALA G 193 -13.04 -29.77 -40.65
C ALA G 193 -12.62 -28.33 -40.95
N HIS G 194 -13.57 -27.53 -41.40
CA HIS G 194 -13.31 -26.13 -41.72
C HIS G 194 -13.66 -25.22 -40.55
N SER H 30 7.14 -18.94 34.23
CA SER H 30 7.91 -18.66 33.02
C SER H 30 7.45 -19.57 31.87
N ASN H 31 7.94 -19.28 30.67
CA ASN H 31 7.59 -20.09 29.52
C ASN H 31 8.18 -21.50 29.64
N PRO H 32 7.55 -22.50 29.02
CA PRO H 32 8.10 -23.86 29.09
C PRO H 32 9.47 -24.00 28.45
N TYR H 33 9.86 -23.09 27.56
CA TYR H 33 11.18 -23.15 26.96
C TYR H 33 12.28 -22.96 28.00
N ASN H 34 12.03 -22.07 28.97
CA ASN H 34 13.01 -21.88 30.04
C ASN H 34 13.10 -23.11 30.93
N LYS H 35 11.96 -23.73 31.24
CA LYS H 35 11.97 -24.94 32.05
C LYS H 35 12.64 -26.10 31.32
N LEU H 36 12.58 -26.11 29.98
CA LEU H 36 13.30 -27.12 29.22
C LEU H 36 14.79 -26.83 29.21
N PHE H 37 15.18 -25.57 28.98
CA PHE H 37 16.59 -25.21 28.97
C PHE H 37 17.23 -25.43 30.33
N GLU H 38 16.44 -25.36 31.40
CA GLU H 38 16.97 -25.69 32.72
C GLU H 38 17.41 -27.14 32.82
N GLU H 39 16.77 -28.03 32.06
CA GLU H 39 17.17 -29.42 31.97
C GLU H 39 18.13 -29.68 30.80
N ARG H 40 18.75 -28.63 30.29
CA ARG H 40 19.70 -28.73 29.17
C ARG H 40 19.03 -29.33 27.93
N ILE H 41 17.92 -28.72 27.55
CA ILE H 41 17.14 -29.12 26.38
C ILE H 41 17.15 -27.96 25.39
N ILE H 42 17.67 -28.22 24.20
CA ILE H 42 17.73 -27.21 23.13
C ILE H 42 16.65 -27.56 22.11
N PHE H 43 15.53 -26.87 22.17
CA PHE H 43 14.42 -27.10 21.25
C PHE H 43 14.63 -26.23 20.01
N LEU H 44 15.14 -26.85 18.95
CA LEU H 44 15.38 -26.13 17.71
C LEU H 44 14.06 -25.70 17.08
N GLY H 45 13.96 -24.43 16.74
CA GLY H 45 12.75 -23.90 16.14
C GLY H 45 12.59 -24.36 14.71
N VAL H 46 11.60 -23.78 14.05
CA VAL H 46 11.25 -24.12 12.67
C VAL H 46 11.87 -23.09 11.73
N GLN H 47 12.25 -23.55 10.54
CA GLN H 47 12.85 -22.71 9.50
C GLN H 47 14.07 -21.97 10.04
N VAL H 48 15.09 -22.76 10.38
CA VAL H 48 16.35 -22.19 10.87
C VAL H 48 17.02 -21.41 9.75
N ASP H 49 17.49 -20.20 10.08
CA ASP H 49 18.16 -19.35 9.11
C ASP H 49 19.35 -18.63 9.73
N ASP H 50 19.85 -17.59 9.06
CA ASP H 50 20.98 -16.82 9.58
C ASP H 50 20.65 -16.17 10.92
N ALA H 51 19.39 -15.83 11.16
CA ALA H 51 19.01 -15.17 12.41
C ALA H 51 18.63 -16.16 13.51
N SER H 52 18.14 -17.34 13.15
CA SER H 52 17.74 -18.35 14.12
C SER H 52 18.89 -19.28 14.50
N ALA H 53 20.07 -19.12 13.91
CA ALA H 53 21.23 -19.93 14.24
C ALA H 53 22.08 -19.33 15.35
N ASN H 54 22.12 -18.01 15.47
CA ASN H 54 22.88 -17.38 16.54
C ASN H 54 22.27 -17.64 17.91
N ASP H 55 21.00 -18.03 17.98
CA ASP H 55 20.37 -18.38 19.24
C ASP H 55 20.61 -19.83 19.63
N ILE H 56 20.70 -20.73 18.67
CA ILE H 56 20.98 -22.12 18.99
C ILE H 56 22.49 -22.34 19.19
N MET H 57 23.32 -21.52 18.55
CA MET H 57 24.75 -21.60 18.79
C MET H 57 25.17 -20.95 20.09
N ALA H 58 24.32 -20.08 20.65
CA ALA H 58 24.61 -19.48 21.95
C ALA H 58 24.21 -20.39 23.10
N GLN H 59 23.21 -21.24 22.89
CA GLN H 59 22.81 -22.18 23.93
C GLN H 59 23.77 -23.35 24.04
N LEU H 60 24.43 -23.72 22.95
CA LEU H 60 25.43 -24.79 22.99
C LEU H 60 26.70 -24.36 23.72
N LEU H 61 26.94 -23.05 23.85
CA LEU H 61 28.11 -22.56 24.55
C LEU H 61 27.84 -22.24 26.01
N VAL H 62 26.58 -22.11 26.40
CA VAL H 62 26.24 -21.88 27.80
C VAL H 62 26.17 -23.20 28.56
N LEU H 63 25.48 -24.19 27.99
CA LEU H 63 25.37 -25.48 28.64
C LEU H 63 26.70 -26.24 28.68
N GLU H 64 27.63 -25.91 27.79
CA GLU H 64 28.94 -26.56 27.80
C GLU H 64 29.83 -26.03 28.92
N SER H 65 29.68 -24.75 29.28
CA SER H 65 30.49 -24.18 30.36
C SER H 65 29.88 -24.44 31.73
N LEU H 66 28.57 -24.68 31.81
CA LEU H 66 27.93 -24.91 33.10
C LEU H 66 28.24 -26.32 33.62
N ASP H 67 27.98 -27.34 32.81
CA ASP H 67 28.14 -28.73 33.21
C ASP H 67 28.66 -29.52 32.02
N PRO H 68 29.95 -29.86 32.01
CA PRO H 68 30.58 -30.35 30.77
C PRO H 68 30.48 -31.85 30.54
N ASP H 69 30.02 -32.65 31.50
CA ASP H 69 29.91 -34.09 31.29
C ASP H 69 28.48 -34.57 31.11
N ARG H 70 27.49 -33.81 31.55
CA ARG H 70 26.10 -34.17 31.31
C ARG H 70 25.73 -33.92 29.84
N ASP H 71 25.02 -34.87 29.25
CA ASP H 71 24.67 -34.78 27.85
C ASP H 71 23.65 -33.66 27.61
N ILE H 72 23.54 -33.25 26.36
CA ILE H 72 22.59 -32.23 25.92
C ILE H 72 21.69 -32.85 24.86
N THR H 73 20.39 -32.85 25.10
CA THR H 73 19.43 -33.39 24.15
C THR H 73 18.85 -32.26 23.31
N MET H 74 18.50 -32.59 22.07
CA MET H 74 18.01 -31.60 21.11
C MET H 74 16.81 -32.20 20.38
N TYR H 75 15.64 -31.58 20.55
CA TYR H 75 14.44 -32.01 19.86
C TYR H 75 14.37 -31.33 18.50
N ILE H 76 14.40 -32.13 17.44
CA ILE H 76 14.51 -31.64 16.06
C ILE H 76 13.10 -31.47 15.51
N ASN H 77 12.77 -30.25 15.09
CA ASN H 77 11.50 -29.97 14.43
C ASN H 77 11.68 -28.71 13.59
N SER H 78 11.87 -28.90 12.28
CA SER H 78 12.03 -27.79 11.35
C SER H 78 11.80 -28.26 9.93
N PRO H 79 10.93 -27.59 9.16
CA PRO H 79 10.67 -27.96 7.77
C PRO H 79 11.67 -27.34 6.78
N GLY H 80 12.95 -27.56 7.03
CA GLY H 80 13.99 -27.06 6.16
C GLY H 80 14.65 -25.79 6.68
N GLY H 81 15.60 -25.31 5.91
CA GLY H 81 16.31 -24.10 6.26
C GLY H 81 17.46 -23.84 5.30
N GLY H 82 18.33 -22.92 5.70
CA GLY H 82 19.49 -22.57 4.91
C GLY H 82 20.63 -23.55 5.08
N PHE H 83 21.76 -23.21 4.49
CA PHE H 83 22.95 -24.06 4.57
C PHE H 83 24.15 -23.26 5.05
N THR H 84 24.14 -21.95 4.81
CA THR H 84 25.25 -21.11 5.27
C THR H 84 25.36 -21.11 6.79
N SER H 85 24.23 -21.25 7.47
CA SER H 85 24.22 -21.37 8.93
C SER H 85 24.19 -22.82 9.41
N LEU H 86 23.96 -23.78 8.50
CA LEU H 86 23.93 -25.18 8.89
C LEU H 86 25.32 -25.67 9.30
N MET H 87 26.33 -25.36 8.50
CA MET H 87 27.69 -25.75 8.81
C MET H 87 28.24 -25.03 10.03
N ALA H 88 27.63 -23.91 10.44
CA ALA H 88 28.03 -23.23 11.66
C ALA H 88 27.51 -23.92 12.91
N ILE H 89 26.41 -24.66 12.79
CA ILE H 89 25.89 -25.41 13.92
C ILE H 89 26.42 -26.85 13.92
N TYR H 90 26.72 -27.40 12.75
CA TYR H 90 27.22 -28.78 12.67
C TYR H 90 28.53 -28.93 13.42
N ASP H 91 29.53 -28.09 13.10
CA ASP H 91 30.80 -28.17 13.80
C ASP H 91 30.68 -27.72 15.25
N THR H 92 29.72 -26.83 15.55
CA THR H 92 29.50 -26.42 16.92
C THR H 92 29.01 -27.57 17.78
N MET H 93 28.14 -28.42 17.22
CA MET H 93 27.71 -29.62 17.94
C MET H 93 28.86 -30.60 18.11
N GLN H 94 29.82 -30.60 17.19
CA GLN H 94 30.98 -31.47 17.27
C GLN H 94 32.15 -30.84 18.03
N TYR H 95 32.00 -29.59 18.48
CA TYR H 95 33.06 -28.90 19.21
C TYR H 95 32.86 -28.96 20.72
N VAL H 96 31.61 -28.98 21.19
CA VAL H 96 31.35 -29.04 22.62
C VAL H 96 31.73 -30.42 23.16
N ARG H 97 32.09 -30.46 24.45
CA ARG H 97 32.47 -31.72 25.08
C ARG H 97 31.27 -32.55 25.50
N ALA H 98 30.12 -31.92 25.71
CA ALA H 98 28.92 -32.67 26.10
C ALA H 98 28.35 -33.40 24.91
N ASP H 99 27.88 -34.62 25.15
CA ASP H 99 27.33 -35.44 24.08
C ASP H 99 25.94 -34.94 23.68
N ILE H 100 25.65 -35.05 22.39
CA ILE H 100 24.41 -34.55 21.81
C ILE H 100 23.48 -35.73 21.57
N GLN H 101 22.26 -35.64 22.08
CA GLN H 101 21.23 -36.66 21.91
C GLN H 101 20.11 -36.07 21.08
N THR H 102 20.10 -36.38 19.79
CA THR H 102 19.13 -35.82 18.86
C THR H 102 17.87 -36.69 18.82
N VAL H 103 16.72 -36.07 19.07
CA VAL H 103 15.43 -36.75 19.02
C VAL H 103 14.57 -36.03 18.00
N CYS H 104 14.23 -36.73 16.92
CA CYS H 104 13.47 -36.12 15.82
C CYS H 104 12.00 -36.07 16.16
N LEU H 105 11.42 -34.86 16.13
CA LEU H 105 9.99 -34.64 16.36
C LEU H 105 9.38 -34.06 15.09
N GLY H 106 8.54 -34.85 14.43
CA GLY H 106 7.88 -34.37 13.23
C GLY H 106 8.59 -34.74 11.95
N GLN H 107 9.34 -33.79 11.37
CA GLN H 107 9.98 -33.99 10.09
C GLN H 107 11.33 -33.27 10.08
N ALA H 108 12.07 -33.46 8.99
CA ALA H 108 13.36 -32.81 8.79
C ALA H 108 13.59 -32.69 7.30
N ALA H 109 13.43 -31.48 6.75
CA ALA H 109 13.42 -31.28 5.29
C ALA H 109 14.82 -30.89 4.83
N SER H 110 15.68 -31.89 4.70
CA SER H 110 17.00 -31.82 4.07
C SER H 110 18.00 -30.96 4.82
N ALA H 111 17.61 -30.31 5.91
CA ALA H 111 18.52 -29.49 6.69
C ALA H 111 18.67 -29.97 8.13
N ALA H 112 17.56 -30.34 8.79
CA ALA H 112 17.63 -30.87 10.14
C ALA H 112 18.05 -32.33 10.18
N ALA H 113 18.03 -33.02 9.04
CA ALA H 113 18.50 -34.41 9.01
C ALA H 113 20.00 -34.50 9.25
N VAL H 114 20.76 -33.51 8.77
CA VAL H 114 22.20 -33.51 9.02
C VAL H 114 22.48 -33.36 10.51
N LEU H 115 21.75 -32.47 11.18
CA LEU H 115 21.92 -32.32 12.62
C LEU H 115 21.41 -33.54 13.38
N LEU H 116 20.40 -34.22 12.84
CA LEU H 116 19.91 -35.44 13.46
C LEU H 116 20.93 -36.56 13.36
N ALA H 117 21.67 -36.61 12.25
CA ALA H 117 22.69 -37.62 12.04
C ALA H 117 24.04 -37.24 12.63
N ALA H 118 24.22 -35.98 13.03
CA ALA H 118 25.47 -35.52 13.62
C ALA H 118 25.54 -35.74 15.12
N GLY H 119 24.51 -36.33 15.72
CA GLY H 119 24.50 -36.58 17.14
C GLY H 119 25.44 -37.72 17.54
N THR H 120 25.39 -38.03 18.82
CA THR H 120 26.23 -39.12 19.34
C THR H 120 25.73 -40.46 18.81
N PRO H 121 26.61 -41.33 18.33
CA PRO H 121 26.17 -42.66 17.90
C PRO H 121 25.59 -43.44 19.07
N GLY H 122 24.40 -44.01 18.84
CA GLY H 122 23.68 -44.71 19.87
C GLY H 122 22.68 -43.87 20.64
N LYS H 123 22.67 -42.55 20.45
CA LYS H 123 21.74 -41.66 21.11
C LYS H 123 20.87 -40.88 20.13
N ARG H 124 20.88 -41.27 18.85
CA ARG H 124 20.06 -40.60 17.84
C ARG H 124 18.72 -41.32 17.77
N MET H 125 17.70 -40.71 18.37
CA MET H 125 16.36 -41.29 18.44
C MET H 125 15.42 -40.52 17.53
N ALA H 126 14.24 -41.12 17.31
CA ALA H 126 13.22 -40.53 16.46
C ALA H 126 11.89 -41.20 16.75
N LEU H 127 10.82 -40.39 16.75
CA LEU H 127 9.49 -40.92 16.99
C LEU H 127 9.04 -41.79 15.82
N PRO H 128 8.14 -42.75 16.06
CA PRO H 128 7.74 -43.66 14.97
C PRO H 128 7.00 -42.99 13.83
N ASN H 129 6.61 -41.72 13.97
CA ASN H 129 5.92 -40.98 12.92
C ASN H 129 6.79 -39.85 12.37
N ALA H 130 8.09 -40.08 12.30
CA ALA H 130 9.03 -39.09 11.78
C ALA H 130 9.15 -39.20 10.27
N ARG H 131 9.49 -38.06 9.64
CA ARG H 131 9.64 -37.97 8.19
C ARG H 131 10.98 -37.31 7.91
N VAL H 132 12.03 -38.13 7.82
CA VAL H 132 13.39 -37.63 7.55
C VAL H 132 13.48 -37.40 6.04
N LEU H 133 13.30 -36.15 5.62
CA LEU H 133 13.35 -35.79 4.20
C LEU H 133 14.77 -35.44 3.80
N ILE H 134 15.17 -35.92 2.62
CA ILE H 134 16.48 -35.65 2.05
C ILE H 134 16.27 -35.22 0.60
N HIS H 135 16.47 -33.93 0.33
CA HIS H 135 16.28 -33.39 -1.01
C HIS H 135 17.35 -32.34 -1.27
N GLN H 136 17.20 -31.59 -2.35
CA GLN H 136 18.19 -30.60 -2.73
C GLN H 136 18.08 -29.37 -1.82
N PRO H 137 19.19 -28.90 -1.26
CA PRO H 137 19.15 -27.69 -0.43
C PRO H 137 19.11 -26.44 -1.30
N SER H 138 18.86 -25.31 -0.65
CA SER H 138 18.79 -24.02 -1.34
C SER H 138 20.13 -23.30 -1.27
N SER H 148 29.35 -11.81 -12.26
CA SER H 148 28.45 -12.91 -12.60
C SER H 148 27.84 -13.54 -11.35
N ASP H 149 26.52 -13.74 -11.38
CA ASP H 149 25.81 -14.36 -10.28
C ASP H 149 25.13 -15.67 -10.68
N LEU H 150 25.54 -16.25 -11.81
CA LEU H 150 24.98 -17.51 -12.29
C LEU H 150 25.98 -18.66 -12.27
N GLU H 151 27.24 -18.40 -12.63
CA GLU H 151 28.26 -19.44 -12.58
C GLU H 151 28.73 -19.66 -11.15
N ILE H 152 29.09 -18.57 -10.45
CA ILE H 152 29.57 -18.71 -9.07
C ILE H 152 28.47 -19.23 -8.15
N GLN H 153 27.21 -18.90 -8.46
CA GLN H 153 26.11 -19.42 -7.65
C GLN H 153 25.99 -20.93 -7.79
N ALA H 154 26.06 -21.42 -9.04
CA ALA H 154 26.00 -22.86 -9.26
C ALA H 154 27.23 -23.55 -8.66
N ALA H 155 28.38 -22.89 -8.70
CA ALA H 155 29.58 -23.47 -8.10
C ALA H 155 29.44 -23.60 -6.58
N GLU H 156 28.93 -22.56 -5.93
CA GLU H 156 28.71 -22.62 -4.50
C GLU H 156 27.64 -23.64 -4.14
N ILE H 157 26.62 -23.78 -4.99
CA ILE H 157 25.59 -24.78 -4.74
C ILE H 157 26.17 -26.19 -4.84
N GLU H 158 26.98 -26.45 -5.86
CA GLU H 158 27.63 -27.75 -5.98
C GLU H 158 28.56 -28.02 -4.80
N ARG H 159 29.29 -26.99 -4.36
CA ARG H 159 30.21 -27.16 -3.24
C ARG H 159 29.46 -27.49 -1.96
N MET H 160 28.40 -26.74 -1.65
CA MET H 160 27.63 -27.04 -0.45
C MET H 160 26.93 -28.39 -0.56
N ARG H 161 26.51 -28.78 -1.77
CA ARG H 161 25.88 -30.08 -1.94
C ARG H 161 26.85 -31.21 -1.66
N THR H 162 28.05 -31.15 -2.24
CA THR H 162 29.02 -32.22 -2.00
C THR H 162 29.51 -32.19 -0.55
N LEU H 163 29.57 -31.01 0.08
CA LEU H 163 29.92 -30.95 1.49
C LEU H 163 28.86 -31.63 2.35
N MET H 164 27.58 -31.37 2.06
CA MET H 164 26.50 -32.03 2.79
C MET H 164 26.53 -33.54 2.57
N GLU H 165 26.82 -33.97 1.34
CA GLU H 165 26.87 -35.41 1.08
C GLU H 165 28.03 -36.06 1.81
N THR H 166 29.19 -35.41 1.85
CA THR H 166 30.31 -35.95 2.61
C THR H 166 30.00 -36.00 4.10
N THR H 167 29.34 -34.97 4.62
CA THR H 167 28.96 -34.96 6.03
C THR H 167 27.98 -36.09 6.35
N LEU H 168 27.04 -36.35 5.44
CA LEU H 168 26.08 -37.43 5.65
C LEU H 168 26.74 -38.79 5.55
N ALA H 169 27.67 -38.95 4.62
CA ALA H 169 28.36 -40.23 4.46
C ALA H 169 29.36 -40.49 5.58
N ARG H 170 29.86 -39.45 6.24
CA ARG H 170 30.79 -39.65 7.34
C ARG H 170 30.12 -40.31 8.54
N HIS H 171 28.85 -39.96 8.80
CA HIS H 171 28.14 -40.48 9.95
C HIS H 171 27.38 -41.77 9.63
N THR H 172 26.70 -41.82 8.48
CA THR H 172 25.93 -42.99 8.10
C THR H 172 26.80 -44.15 7.63
N GLY H 173 28.11 -43.94 7.48
CA GLY H 173 28.99 -45.00 7.04
C GLY H 173 28.82 -45.44 5.61
N LYS H 174 28.08 -44.68 4.80
CA LYS H 174 27.87 -45.01 3.40
C LYS H 174 28.88 -44.28 2.52
N ASP H 175 28.68 -44.37 1.22
CA ASP H 175 29.51 -43.68 0.25
C ASP H 175 28.75 -42.49 -0.35
N ALA H 176 29.50 -41.46 -0.73
CA ALA H 176 28.88 -40.24 -1.25
C ALA H 176 28.07 -40.50 -2.52
N GLY H 177 28.44 -41.50 -3.31
CA GLY H 177 27.71 -41.77 -4.54
C GLY H 177 26.28 -42.23 -4.28
N VAL H 178 26.10 -43.11 -3.30
CA VAL H 178 24.76 -43.61 -2.99
C VAL H 178 23.88 -42.50 -2.45
N ILE H 179 24.43 -41.64 -1.59
CA ILE H 179 23.64 -40.53 -1.05
C ILE H 179 23.32 -39.53 -2.14
N ARG H 180 24.24 -39.31 -3.08
CA ARG H 180 23.95 -38.42 -4.20
C ARG H 180 22.87 -39.00 -5.11
N LYS H 181 22.88 -40.33 -5.28
CA LYS H 181 21.84 -40.97 -6.08
C LYS H 181 20.48 -40.90 -5.40
N ASP H 182 20.47 -40.97 -4.07
CA ASP H 182 19.22 -40.86 -3.32
C ASP H 182 18.82 -39.42 -3.02
N THR H 183 19.66 -38.44 -3.37
CA THR H 183 19.35 -37.04 -3.08
C THR H 183 18.66 -36.33 -4.24
N ASP H 184 18.97 -36.70 -5.48
CA ASP H 184 18.39 -36.01 -6.63
C ASP H 184 16.86 -36.09 -6.61
N ARG H 185 16.31 -37.19 -6.12
CA ARG H 185 14.87 -37.32 -5.95
C ARG H 185 14.47 -36.91 -4.54
N ASP H 186 13.19 -36.52 -4.41
CA ASP H 186 12.66 -36.08 -3.12
C ASP H 186 12.40 -37.32 -2.27
N LYS H 187 13.47 -37.81 -1.64
CA LYS H 187 13.39 -39.00 -0.82
C LYS H 187 12.69 -38.69 0.49
N ILE H 188 11.71 -39.52 0.85
CA ILE H 188 10.96 -39.38 2.10
C ILE H 188 11.18 -40.65 2.90
N LEU H 189 11.99 -40.54 3.96
CA LEU H 189 12.33 -41.68 4.80
C LEU H 189 11.45 -41.69 6.04
N THR H 190 10.93 -42.86 6.37
CA THR H 190 10.13 -43.04 7.57
C THR H 190 11.03 -43.41 8.75
N ALA H 191 10.44 -43.49 9.94
CA ALA H 191 11.21 -43.84 11.13
C ALA H 191 11.81 -45.23 11.02
N GLU H 192 11.08 -46.17 10.38
CA GLU H 192 11.59 -47.52 10.21
C GLU H 192 12.58 -47.61 9.05
N GLU H 193 12.44 -46.75 8.03
CA GLU H 193 13.34 -46.76 6.90
C GLU H 193 14.62 -45.98 7.17
N ALA H 194 14.66 -45.18 8.23
CA ALA H 194 15.84 -44.41 8.59
C ALA H 194 16.74 -45.10 9.60
N LYS H 195 16.25 -46.16 10.26
CA LYS H 195 17.07 -46.87 11.24
C LYS H 195 18.15 -47.68 10.54
N ASP H 196 17.79 -48.41 9.49
CA ASP H 196 18.77 -49.17 8.71
C ASP H 196 19.50 -48.33 7.69
N TYR H 197 19.15 -47.05 7.56
CA TYR H 197 19.82 -46.17 6.61
C TYR H 197 21.10 -45.58 7.18
N GLY H 198 21.19 -45.46 8.51
CA GLY H 198 22.36 -44.91 9.17
C GLY H 198 22.16 -43.58 9.85
N ILE H 199 20.99 -42.96 9.71
CA ILE H 199 20.73 -41.67 10.33
C ILE H 199 20.42 -41.84 11.81
N ILE H 200 19.37 -42.57 12.12
CA ILE H 200 18.98 -42.84 13.50
C ILE H 200 19.39 -44.25 13.86
N ASP H 201 19.54 -44.49 15.17
CA ASP H 201 19.96 -45.79 15.68
C ASP H 201 18.86 -46.56 16.37
N THR H 202 17.84 -45.89 16.92
CA THR H 202 16.76 -46.55 17.60
C THR H 202 15.49 -45.73 17.47
N VAL H 203 14.34 -46.41 17.41
CA VAL H 203 13.04 -45.77 17.30
C VAL H 203 12.37 -45.85 18.66
N LEU H 204 11.87 -44.71 19.15
CA LEU H 204 11.23 -44.67 20.47
C LEU H 204 9.85 -45.31 20.40
N GLU H 205 9.54 -46.11 21.43
CA GLU H 205 8.25 -46.76 21.55
C GLU H 205 7.33 -45.96 22.47
N TYR H 206 6.06 -46.35 22.48
CA TYR H 206 5.07 -45.67 23.31
C TYR H 206 5.17 -46.14 24.75
N ARG H 207 5.22 -45.18 25.68
CA ARG H 207 5.33 -45.47 27.10
C ARG H 207 3.99 -45.34 27.83
N LYS H 208 2.89 -45.65 27.15
CA LYS H 208 1.57 -45.55 27.75
C LYS H 208 1.34 -46.72 28.71
N LEU H 209 0.87 -46.40 29.92
CA LEU H 209 0.55 -47.43 30.90
C LEU H 209 -0.83 -48.04 30.69
N SER H 210 -1.62 -47.52 29.77
CA SER H 210 -2.95 -48.06 29.49
C SER H 210 -3.32 -47.87 28.02
N SER I 30 17.19 -15.96 32.20
CA SER I 30 17.54 -14.92 31.24
C SER I 30 17.99 -15.52 29.92
N ASN I 31 18.16 -14.66 28.91
CA ASN I 31 18.60 -15.12 27.61
C ASN I 31 20.05 -15.63 27.69
N PRO I 32 20.43 -16.56 26.80
CA PRO I 32 21.81 -17.05 26.82
C PRO I 32 22.85 -15.98 26.52
N TYR I 33 22.46 -14.88 25.86
CA TYR I 33 23.40 -13.81 25.59
C TYR I 33 23.90 -13.17 26.88
N ASN I 34 23.04 -13.04 27.87
CA ASN I 34 23.46 -12.50 29.16
C ASN I 34 24.41 -13.45 29.87
N LYS I 35 24.11 -14.76 29.83
CA LYS I 35 25.00 -15.74 30.45
C LYS I 35 26.34 -15.79 29.74
N LEU I 36 26.38 -15.50 28.44
CA LEU I 36 27.66 -15.42 27.74
C LEU I 36 28.41 -14.16 28.11
N PHE I 37 27.72 -13.01 28.15
CA PHE I 37 28.37 -11.76 28.53
C PHE I 37 28.88 -11.80 29.97
N GLU I 38 28.25 -12.61 30.82
CA GLU I 38 28.77 -12.79 32.17
C GLU I 38 30.15 -13.43 32.17
N GLU I 39 30.45 -14.25 31.16
CA GLU I 39 31.77 -14.84 30.99
C GLU I 39 32.65 -14.00 30.06
N ARG I 40 32.30 -12.74 29.85
CA ARG I 40 33.05 -11.81 28.99
C ARG I 40 33.13 -12.34 27.56
N ILE I 41 31.96 -12.66 27.01
CA ILE I 41 31.83 -13.17 25.64
C ILE I 41 31.01 -12.16 24.85
N ILE I 42 31.60 -11.63 23.79
CA ILE I 42 30.94 -10.66 22.91
C ILE I 42 30.57 -11.39 21.63
N PHE I 43 29.30 -11.77 21.52
CA PHE I 43 28.79 -12.48 20.34
C PHE I 43 28.36 -11.44 19.32
N LEU I 44 29.21 -11.18 18.33
CA LEU I 44 28.89 -10.22 17.29
C LEU I 44 27.75 -10.74 16.43
N GLY I 45 26.72 -9.90 16.24
CA GLY I 45 25.57 -10.27 15.46
C GLY I 45 25.90 -10.30 13.97
N VAL I 46 24.84 -10.47 13.18
CA VAL I 46 24.95 -10.57 11.73
C VAL I 46 24.63 -9.22 11.11
N GLN I 47 25.29 -8.92 9.99
CA GLN I 47 25.10 -7.68 9.25
C GLN I 47 25.30 -6.46 10.15
N VAL I 48 26.55 -6.32 10.62
CA VAL I 48 26.90 -5.19 11.46
C VAL I 48 26.81 -3.90 10.65
N ASP I 49 26.19 -2.87 11.24
CA ASP I 49 26.03 -1.59 10.57
C ASP I 49 26.23 -0.44 11.55
N ASP I 50 25.81 0.76 11.16
CA ASP I 50 25.92 1.93 12.03
C ASP I 50 25.15 1.75 13.33
N ALA I 51 24.05 1.00 13.31
CA ALA I 51 23.24 0.81 14.51
C ALA I 51 23.68 -0.38 15.34
N SER I 52 24.27 -1.39 14.73
CA SER I 52 24.73 -2.59 15.43
C SER I 52 26.16 -2.46 15.95
N ALA I 53 26.83 -1.34 15.68
CA ALA I 53 28.19 -1.12 16.16
C ALA I 53 28.23 -0.41 17.51
N ASN I 54 27.25 0.43 17.81
CA ASN I 54 27.21 1.10 19.11
C ASN I 54 26.94 0.13 20.25
N ASP I 55 26.41 -1.06 19.96
CA ASP I 55 26.18 -2.07 20.98
C ASP I 55 27.41 -2.93 21.22
N ILE I 56 28.22 -3.19 20.19
CA ILE I 56 29.44 -3.96 20.38
C ILE I 56 30.56 -3.07 20.90
N MET I 57 30.53 -1.77 20.58
CA MET I 57 31.51 -0.84 21.15
C MET I 57 31.20 -0.48 22.59
N ALA I 58 29.97 -0.68 23.04
CA ALA I 58 29.63 -0.43 24.44
C ALA I 58 29.99 -1.61 25.33
N GLN I 59 30.00 -2.83 24.77
CA GLN I 59 30.40 -4.00 25.55
C GLN I 59 31.91 -4.08 25.73
N LEU I 60 32.67 -3.54 24.78
CA LEU I 60 34.12 -3.52 24.92
C LEU I 60 34.59 -2.52 25.98
N LEU I 61 33.75 -1.55 26.33
CA LEU I 61 34.09 -0.57 27.35
C LEU I 61 33.60 -0.96 28.75
N VAL I 62 32.65 -1.89 28.84
CA VAL I 62 32.18 -2.35 30.14
C VAL I 62 33.10 -3.44 30.68
N LEU I 63 33.44 -4.42 29.83
CA LEU I 63 34.31 -5.52 30.25
C LEU I 63 35.73 -5.05 30.50
N GLU I 64 36.14 -3.92 29.92
CA GLU I 64 37.48 -3.40 30.15
C GLU I 64 37.61 -2.72 31.50
N SER I 65 36.53 -2.10 31.98
CA SER I 65 36.55 -1.45 33.29
C SER I 65 36.28 -2.40 34.43
N LEU I 66 35.61 -3.52 34.17
CA LEU I 66 35.31 -4.49 35.22
C LEU I 66 36.54 -5.30 35.61
N ASP I 67 37.18 -5.92 34.63
CA ASP I 67 38.32 -6.80 34.88
C ASP I 67 39.32 -6.61 33.75
N PRO I 68 40.42 -5.90 33.99
CA PRO I 68 41.28 -5.44 32.88
C PRO I 68 42.36 -6.40 32.43
N ASP I 69 42.61 -7.50 33.14
CA ASP I 69 43.63 -8.44 32.72
C ASP I 69 43.09 -9.73 32.15
N ARG I 70 41.84 -10.08 32.43
CA ARG I 70 41.22 -11.25 31.83
C ARG I 70 40.87 -10.96 30.37
N ASP I 71 41.15 -11.93 29.51
CA ASP I 71 40.93 -11.74 28.08
C ASP I 71 39.43 -11.70 27.76
N ILE I 72 39.11 -11.18 26.58
CA ILE I 72 37.75 -11.10 26.07
C ILE I 72 37.69 -11.86 24.76
N THR I 73 36.83 -12.87 24.68
CA THR I 73 36.67 -13.65 23.47
C THR I 73 35.48 -13.12 22.68
N MET I 74 35.58 -13.25 21.35
CA MET I 74 34.55 -12.73 20.44
C MET I 74 34.27 -13.78 19.38
N TYR I 75 33.04 -14.27 19.35
CA TYR I 75 32.60 -15.23 18.35
C TYR I 75 32.13 -14.48 17.11
N ILE I 76 32.81 -14.69 15.98
CA ILE I 76 32.59 -13.93 14.76
C ILE I 76 31.58 -14.69 13.90
N ASN I 77 30.45 -14.03 13.61
CA ASN I 77 29.46 -14.61 12.71
C ASN I 77 28.66 -13.45 12.10
N SER I 78 29.00 -13.08 10.86
CA SER I 78 28.31 -12.01 10.16
C SER I 78 28.60 -12.09 8.66
N PRO I 79 27.56 -12.09 7.81
CA PRO I 79 27.75 -12.14 6.36
C PRO I 79 27.99 -10.77 5.73
N GLY I 80 28.97 -10.04 6.24
CA GLY I 80 29.32 -8.74 5.72
C GLY I 80 28.75 -7.60 6.54
N GLY I 81 29.06 -6.39 6.09
CA GLY I 81 28.59 -5.20 6.77
C GLY I 81 29.20 -3.96 6.14
N GLY I 82 29.03 -2.85 6.85
CA GLY I 82 29.56 -1.58 6.42
C GLY I 82 31.04 -1.43 6.72
N PHE I 83 31.55 -0.23 6.46
CA PHE I 83 32.96 0.06 6.70
C PHE I 83 33.11 1.31 7.56
N THR I 84 32.13 2.21 7.50
CA THR I 84 32.19 3.43 8.32
C THR I 84 32.18 3.09 9.80
N SER I 85 31.52 2.00 10.19
CA SER I 85 31.52 1.53 11.56
C SER I 85 32.57 0.46 11.82
N LEU I 86 33.20 -0.08 10.77
CA LEU I 86 34.22 -1.10 10.94
C LEU I 86 35.46 -0.52 11.60
N MET I 87 35.93 0.63 11.11
CA MET I 87 37.10 1.28 11.69
C MET I 87 36.85 1.81 13.08
N ALA I 88 35.58 1.97 13.48
CA ALA I 88 35.26 2.38 14.85
C ALA I 88 35.38 1.22 15.83
N ILE I 89 35.22 -0.01 15.36
CA ILE I 89 35.39 -1.17 16.22
C ILE I 89 36.83 -1.71 16.15
N TYR I 90 37.50 -1.52 15.03
CA TYR I 90 38.86 -2.03 14.88
C TYR I 90 39.80 -1.38 15.90
N ASP I 91 39.84 -0.05 15.94
CA ASP I 91 40.69 0.64 16.90
C ASP I 91 40.18 0.45 18.33
N THR I 92 38.87 0.26 18.50
CA THR I 92 38.34 0.00 19.83
C THR I 92 38.85 -1.32 20.39
N MET I 93 38.95 -2.35 19.52
CA MET I 93 39.54 -3.61 19.96
C MET I 93 41.03 -3.46 20.25
N GLN I 94 41.70 -2.52 19.59
CA GLN I 94 43.11 -2.26 19.84
C GLN I 94 43.35 -1.22 20.93
N TYR I 95 42.29 -0.64 21.49
CA TYR I 95 42.42 0.36 22.55
C TYR I 95 42.24 -0.22 23.94
N VAL I 96 41.42 -1.26 24.10
CA VAL I 96 41.22 -1.87 25.40
C VAL I 96 42.48 -2.62 25.82
N ARG I 97 42.67 -2.72 27.14
CA ARG I 97 43.84 -3.42 27.67
C ARG I 97 43.67 -4.93 27.68
N ALA I 98 42.44 -5.42 27.70
CA ALA I 98 42.20 -6.86 27.69
C ALA I 98 42.45 -7.43 26.30
N ASP I 99 43.05 -8.61 26.26
CA ASP I 99 43.37 -9.25 24.99
C ASP I 99 42.12 -9.82 24.34
N ILE I 100 42.07 -9.76 23.02
CA ILE I 100 40.92 -10.18 22.23
C ILE I 100 41.23 -11.54 21.62
N GLN I 101 40.34 -12.50 21.85
CA GLN I 101 40.45 -13.85 21.31
C GLN I 101 39.31 -14.05 20.31
N THR I 102 39.62 -13.92 19.03
CA THR I 102 38.60 -14.02 17.98
C THR I 102 38.45 -15.47 17.53
N VAL I 103 37.22 -15.97 17.58
CA VAL I 103 36.89 -17.32 17.14
C VAL I 103 35.84 -17.21 16.04
N CYS I 104 36.20 -17.62 14.83
CA CYS I 104 35.33 -17.48 13.68
C CYS I 104 34.30 -18.60 13.67
N LEU I 105 33.01 -18.23 13.65
CA LEU I 105 31.91 -19.19 13.58
C LEU I 105 31.14 -18.92 12.29
N GLY I 106 31.23 -19.84 11.35
CA GLY I 106 30.49 -19.71 10.10
C GLY I 106 31.30 -19.09 8.98
N GLN I 107 31.10 -17.79 8.73
CA GLN I 107 31.75 -17.11 7.62
C GLN I 107 32.07 -15.68 8.03
N ALA I 108 32.76 -14.97 7.13
CA ALA I 108 33.12 -13.57 7.33
C ALA I 108 33.26 -12.93 5.95
N ALA I 109 32.27 -12.13 5.56
CA ALA I 109 32.19 -11.62 4.19
C ALA I 109 32.82 -10.23 4.12
N SER I 110 34.16 -10.23 4.07
CA SER I 110 35.00 -9.06 3.78
C SER I 110 34.96 -7.98 4.86
N ALA I 111 34.15 -8.15 5.90
CA ALA I 111 34.07 -7.18 6.98
C ALA I 111 34.46 -7.76 8.33
N ALA I 112 33.98 -8.96 8.65
CA ALA I 112 34.35 -9.61 9.90
C ALA I 112 35.73 -10.24 9.84
N ALA I 113 36.30 -10.41 8.64
CA ALA I 113 37.66 -10.95 8.54
C ALA I 113 38.69 -9.99 9.12
N VAL I 114 38.47 -8.68 8.96
CA VAL I 114 39.39 -7.70 9.54
C VAL I 114 39.38 -7.79 11.07
N LEU I 115 38.19 -7.94 11.65
CA LEU I 115 38.11 -8.10 13.10
C LEU I 115 38.67 -9.44 13.55
N LEU I 116 38.55 -10.47 12.70
CA LEU I 116 39.12 -11.78 13.03
C LEU I 116 40.64 -11.72 13.02
N ALA I 117 41.22 -10.94 12.11
CA ALA I 117 42.66 -10.79 12.03
C ALA I 117 43.21 -9.72 12.95
N ALA I 118 42.36 -8.89 13.55
CA ALA I 118 42.79 -7.85 14.47
C ALA I 118 42.92 -8.34 15.91
N GLY I 119 42.67 -9.62 16.16
CA GLY I 119 42.77 -10.16 17.50
C GLY I 119 44.22 -10.33 17.94
N THR I 120 44.37 -10.90 19.12
CA THR I 120 45.69 -11.14 19.68
C THR I 120 46.41 -12.21 18.87
N PRO I 121 47.67 -11.99 18.49
CA PRO I 121 48.43 -13.05 17.81
C PRO I 121 48.57 -14.29 18.68
N GLY I 122 48.24 -15.44 18.11
CA GLY I 122 48.24 -16.69 18.84
C GLY I 122 46.92 -17.08 19.46
N LYS I 123 45.93 -16.18 19.45
CA LYS I 123 44.60 -16.47 19.98
C LYS I 123 43.51 -16.33 18.93
N ARG I 124 43.87 -16.23 17.65
CA ARG I 124 42.89 -16.13 16.57
C ARG I 124 42.56 -17.54 16.10
N MET I 125 41.41 -18.04 16.52
CA MET I 125 40.97 -19.39 16.20
C MET I 125 39.82 -19.35 15.20
N ALA I 126 39.53 -20.51 14.62
CA ALA I 126 38.46 -20.64 13.65
C ALA I 126 38.07 -22.12 13.52
N LEU I 127 36.78 -22.36 13.38
CA LEU I 127 36.30 -23.73 13.23
C LEU I 127 36.73 -24.29 11.87
N PRO I 128 36.85 -25.63 11.76
CA PRO I 128 37.34 -26.21 10.50
C PRO I 128 36.41 -26.01 9.31
N ASN I 129 35.20 -25.52 9.53
CA ASN I 129 34.24 -25.26 8.45
C ASN I 129 33.98 -23.77 8.27
N ALA I 130 35.01 -22.96 8.48
CA ALA I 130 34.90 -21.51 8.35
C ALA I 130 35.13 -21.09 6.90
N ARG I 131 34.53 -19.96 6.53
CA ARG I 131 34.64 -19.39 5.18
C ARG I 131 35.03 -17.93 5.32
N VAL I 132 36.34 -17.66 5.38
CA VAL I 132 36.85 -16.31 5.50
C VAL I 132 36.82 -15.68 4.10
N LEU I 133 35.78 -14.91 3.82
CA LEU I 133 35.62 -14.27 2.52
C LEU I 133 36.30 -12.91 2.50
N ILE I 134 37.00 -12.62 1.40
CA ILE I 134 37.67 -11.34 1.20
C ILE I 134 37.28 -10.84 -0.18
N HIS I 135 36.45 -9.80 -0.23
CA HIS I 135 35.99 -9.23 -1.49
C HIS I 135 35.91 -7.71 -1.34
N GLN I 136 35.30 -7.07 -2.32
CA GLN I 136 35.22 -5.61 -2.32
C GLN I 136 34.17 -5.15 -1.31
N PRO I 137 34.50 -4.20 -0.44
CA PRO I 137 33.51 -3.67 0.50
C PRO I 137 32.59 -2.66 -0.17
N SER I 138 31.53 -2.30 0.55
CA SER I 138 30.56 -1.35 0.05
C SER I 138 30.88 0.07 0.53
N SER I 148 28.77 16.99 -6.33
CA SER I 148 29.03 15.73 -7.02
C SER I 148 29.05 14.56 -6.05
N ASP I 149 28.35 13.48 -6.41
CA ASP I 149 28.29 12.28 -5.60
C ASP I 149 28.86 11.06 -6.33
N LEU I 150 29.63 11.28 -7.40
CA LEU I 150 30.24 10.20 -8.17
C LEU I 150 31.75 10.18 -8.06
N GLU I 151 32.41 11.36 -8.08
CA GLU I 151 33.86 11.41 -7.92
C GLU I 151 34.25 11.23 -6.46
N ILE I 152 33.63 11.99 -5.56
CA ILE I 152 33.97 11.89 -4.14
C ILE I 152 33.58 10.52 -3.59
N GLN I 153 32.54 9.90 -4.13
CA GLN I 153 32.17 8.56 -3.69
C GLN I 153 33.25 7.55 -4.06
N ALA I 154 33.73 7.61 -5.30
CA ALA I 154 34.80 6.71 -5.71
C ALA I 154 36.09 7.00 -4.95
N ALA I 155 36.35 8.26 -4.62
CA ALA I 155 37.53 8.60 -3.83
C ALA I 155 37.45 8.00 -2.43
N GLU I 156 36.29 8.14 -1.78
CA GLU I 156 36.12 7.55 -0.46
C GLU I 156 36.19 6.03 -0.51
N ILE I 157 35.66 5.43 -1.59
CA ILE I 157 35.73 3.98 -1.73
C ILE I 157 37.19 3.53 -1.87
N GLU I 158 37.97 4.23 -2.69
CA GLU I 158 39.38 3.89 -2.83
C GLU I 158 40.13 4.08 -1.52
N ARG I 159 39.79 5.14 -0.78
CA ARG I 159 40.46 5.40 0.50
C ARG I 159 40.16 4.31 1.51
N MET I 160 38.89 3.94 1.65
CA MET I 160 38.54 2.87 2.59
C MET I 160 39.11 1.53 2.14
N ARG I 161 39.20 1.31 0.82
CA ARG I 161 39.78 0.06 0.33
C ARG I 161 41.26 -0.03 0.68
N THR I 162 42.03 1.02 0.40
CA THR I 162 43.46 0.98 0.73
C THR I 162 43.68 0.96 2.24
N LEU I 163 42.79 1.59 3.02
CA LEU I 163 42.90 1.50 4.47
C LEU I 163 42.67 0.07 4.95
N MET I 164 41.65 -0.60 4.40
CA MET I 164 41.41 -1.99 4.77
C MET I 164 42.58 -2.88 4.36
N GLU I 165 43.17 -2.63 3.19
CA GLU I 165 44.30 -3.43 2.75
C GLU I 165 45.52 -3.21 3.64
N THR I 166 45.77 -1.96 4.05
CA THR I 166 46.87 -1.70 4.97
C THR I 166 46.62 -2.37 6.32
N THR I 167 45.38 -2.32 6.81
CA THR I 167 45.05 -2.96 8.08
C THR I 167 45.25 -4.47 7.99
N LEU I 168 44.89 -5.07 6.86
CA LEU I 168 45.06 -6.52 6.70
C LEU I 168 46.53 -6.88 6.57
N ALA I 169 47.31 -6.06 5.88
CA ALA I 169 48.73 -6.34 5.72
C ALA I 169 49.52 -6.09 6.99
N ARG I 170 49.02 -5.24 7.89
CA ARG I 170 49.73 -4.99 9.14
C ARG I 170 49.72 -6.21 10.05
N HIS I 171 48.62 -6.97 10.05
CA HIS I 171 48.49 -8.13 10.91
C HIS I 171 48.98 -9.41 10.25
N THR I 172 48.64 -9.63 8.98
CA THR I 172 49.05 -10.83 8.27
C THR I 172 50.52 -10.81 7.87
N GLY I 173 51.22 -9.70 8.05
CA GLY I 173 52.62 -9.62 7.71
C GLY I 173 52.92 -9.64 6.22
N LYS I 174 51.91 -9.48 5.38
CA LYS I 174 52.10 -9.48 3.94
C LYS I 174 52.25 -8.04 3.44
N ASP I 175 52.26 -7.89 2.11
CA ASP I 175 52.33 -6.59 1.47
C ASP I 175 50.97 -6.23 0.88
N ALA I 176 50.69 -4.92 0.83
CA ALA I 176 49.40 -4.45 0.34
C ALA I 176 49.13 -4.87 -1.11
N GLY I 177 50.18 -5.03 -1.92
CA GLY I 177 49.97 -5.40 -3.30
C GLY I 177 49.38 -6.79 -3.45
N VAL I 178 49.87 -7.74 -2.67
CA VAL I 178 49.37 -9.12 -2.75
C VAL I 178 47.92 -9.18 -2.30
N ILE I 179 47.57 -8.47 -1.22
CA ILE I 179 46.20 -8.48 -0.74
C ILE I 179 45.28 -7.77 -1.73
N ARG I 180 45.78 -6.72 -2.40
CA ARG I 180 44.96 -6.05 -3.42
C ARG I 180 44.76 -6.96 -4.63
N LYS I 181 45.77 -7.76 -4.97
CA LYS I 181 45.63 -8.71 -6.08
C LYS I 181 44.67 -9.83 -5.72
N ASP I 182 44.62 -10.23 -4.45
CA ASP I 182 43.69 -11.27 -4.03
C ASP I 182 42.32 -10.71 -3.63
N THR I 183 42.14 -9.39 -3.64
CA THR I 183 40.87 -8.79 -3.24
C THR I 183 39.95 -8.53 -4.43
N ASP I 184 40.50 -8.22 -5.60
CA ASP I 184 39.65 -7.89 -6.75
C ASP I 184 38.72 -9.05 -7.11
N ARG I 185 39.18 -10.27 -6.91
CA ARG I 185 38.33 -11.45 -7.10
C ARG I 185 37.66 -11.84 -5.79
N ASP I 186 36.54 -12.54 -5.90
CA ASP I 186 35.79 -13.01 -4.74
C ASP I 186 36.51 -14.21 -4.14
N LYS I 187 37.55 -13.91 -3.36
CA LYS I 187 38.35 -14.95 -2.75
C LYS I 187 37.59 -15.61 -1.60
N ILE I 188 37.56 -16.94 -1.60
CA ILE I 188 36.90 -17.73 -0.57
C ILE I 188 37.96 -18.58 0.10
N LEU I 189 38.35 -18.21 1.32
CA LEU I 189 39.38 -18.92 2.06
C LEU I 189 38.74 -19.89 3.04
N THR I 190 39.28 -21.11 3.09
CA THR I 190 38.83 -22.12 4.02
C THR I 190 39.63 -22.02 5.32
N ALA I 191 39.25 -22.81 6.32
CA ALA I 191 39.95 -22.79 7.59
C ALA I 191 41.40 -23.23 7.44
N GLU I 192 41.66 -24.18 6.54
CA GLU I 192 43.03 -24.63 6.30
C GLU I 192 43.80 -23.67 5.41
N GLU I 193 43.12 -22.95 4.51
CA GLU I 193 43.78 -22.00 3.64
C GLU I 193 44.00 -20.65 4.30
N ALA I 194 43.37 -20.39 5.44
CA ALA I 194 43.53 -19.14 6.16
C ALA I 194 44.58 -19.21 7.26
N LYS I 195 45.03 -20.41 7.64
CA LYS I 195 46.04 -20.53 8.67
C LYS I 195 47.41 -20.08 8.16
N ASP I 196 47.78 -20.53 6.96
CA ASP I 196 49.03 -20.11 6.33
C ASP I 196 48.92 -18.76 5.64
N TYR I 197 47.73 -18.16 5.61
CA TYR I 197 47.56 -16.87 4.97
C TYR I 197 47.91 -15.71 5.91
N GLY I 198 47.80 -15.93 7.21
CA GLY I 198 48.12 -14.91 8.20
C GLY I 198 46.93 -14.40 8.99
N ILE I 199 45.72 -14.81 8.65
CA ILE I 199 44.55 -14.33 9.37
C ILE I 199 44.39 -15.06 10.70
N ILE I 200 44.25 -16.38 10.64
CA ILE I 200 44.12 -17.18 11.85
C ILE I 200 45.43 -17.89 12.11
N ASP I 201 45.64 -18.28 13.36
CA ASP I 201 46.86 -18.94 13.78
C ASP I 201 46.70 -20.42 14.08
N THR I 202 45.50 -20.86 14.45
CA THR I 202 45.26 -22.26 14.78
C THR I 202 43.82 -22.61 14.45
N VAL I 203 43.59 -23.85 14.04
CA VAL I 203 42.26 -24.36 13.71
C VAL I 203 41.81 -25.26 14.85
N LEU I 204 40.60 -25.01 15.36
CA LEU I 204 40.08 -25.79 16.47
C LEU I 204 39.67 -27.19 16.01
N GLU I 205 40.02 -28.19 16.80
CA GLU I 205 39.66 -29.57 16.53
C GLU I 205 38.41 -29.96 17.31
N TYR I 206 37.88 -31.13 16.97
CA TYR I 206 36.67 -31.64 17.61
C TYR I 206 37.02 -32.25 18.96
N ARG I 207 36.27 -31.85 20.00
CA ARG I 207 36.48 -32.33 21.35
C ARG I 207 35.47 -33.41 21.76
N LYS I 208 35.04 -34.23 20.80
CA LYS I 208 34.06 -35.27 21.08
C LYS I 208 34.74 -36.44 21.79
N LEU I 209 34.13 -36.90 22.89
CA LEU I 209 34.65 -38.05 23.62
C LEU I 209 34.23 -39.38 23.01
N SER I 210 33.38 -39.36 22.00
CA SER I 210 32.93 -40.59 21.35
C SER I 210 32.63 -40.35 19.88
N SER J 30 21.44 -6.36 32.94
CA SER J 30 20.93 -5.18 32.23
C SER J 30 21.76 -4.89 30.99
N ASN J 31 21.27 -3.95 30.17
CA ASN J 31 21.98 -3.57 28.97
C ASN J 31 23.30 -2.87 29.32
N PRO J 32 24.30 -2.94 28.44
CA PRO J 32 25.57 -2.27 28.73
C PRO J 32 25.46 -0.76 28.82
N TYR J 33 24.40 -0.17 28.25
CA TYR J 33 24.22 1.28 28.35
C TYR J 33 23.99 1.70 29.80
N ASN J 34 23.25 0.89 30.56
CA ASN J 34 23.05 1.19 31.97
C ASN J 34 24.34 1.08 32.76
N LYS J 35 25.15 0.05 32.46
CA LYS J 35 26.43 -0.11 33.14
C LYS J 35 27.39 1.03 32.78
N LEU J 36 27.26 1.59 31.58
CA LEU J 36 28.07 2.75 31.23
C LEU J 36 27.58 4.01 31.93
N PHE J 37 26.26 4.23 31.95
CA PHE J 37 25.71 5.38 32.64
C PHE J 37 25.99 5.34 34.13
N GLU J 38 26.15 4.15 34.70
CA GLU J 38 26.54 4.05 36.10
C GLU J 38 27.92 4.63 36.34
N GLU J 39 28.80 4.60 35.34
CA GLU J 39 30.11 5.23 35.42
C GLU J 39 30.10 6.64 34.85
N ARG J 40 28.92 7.25 34.72
CA ARG J 40 28.76 8.61 34.20
C ARG J 40 29.30 8.71 32.77
N ILE J 41 28.81 7.81 31.92
CA ILE J 41 29.18 7.76 30.51
C ILE J 41 27.94 8.02 29.68
N ILE J 42 27.97 9.08 28.87
CA ILE J 42 26.87 9.44 28.00
C ILE J 42 27.26 9.06 26.58
N PHE J 43 26.72 7.93 26.11
CA PHE J 43 27.00 7.44 24.77
C PHE J 43 25.99 8.05 23.81
N LEU J 44 26.41 9.10 23.11
CA LEU J 44 25.53 9.76 22.15
C LEU J 44 25.22 8.82 20.98
N GLY J 45 23.94 8.67 20.68
CA GLY J 45 23.53 7.81 19.59
C GLY J 45 23.85 8.43 18.23
N VAL J 46 23.33 7.77 17.20
CA VAL J 46 23.56 8.17 15.82
C VAL J 46 22.36 8.97 15.33
N GLN J 47 22.63 9.94 14.44
CA GLN J 47 21.60 10.78 13.84
C GLN J 47 20.76 11.47 14.92
N VAL J 48 21.43 12.33 15.70
CA VAL J 48 20.75 13.08 16.73
C VAL J 48 19.76 14.06 16.11
N ASP J 49 18.55 14.10 16.66
CA ASP J 49 17.50 14.98 16.14
C ASP J 49 16.71 15.59 17.29
N ASP J 50 15.54 16.16 16.97
CA ASP J 50 14.69 16.76 17.99
C ASP J 50 14.24 15.74 19.03
N ALA J 51 14.11 14.47 18.65
CA ALA J 51 13.65 13.45 19.58
C ALA J 51 14.79 12.79 20.33
N SER J 52 15.99 12.73 19.74
CA SER J 52 17.14 12.11 20.38
C SER J 52 17.94 13.08 21.23
N ALA J 53 17.54 14.35 21.28
CA ALA J 53 18.22 15.35 22.10
C ALA J 53 17.64 15.48 23.50
N ASN J 54 16.34 15.20 23.67
CA ASN J 54 15.74 15.26 24.99
C ASN J 54 16.24 14.14 25.90
N ASP J 55 16.80 13.08 25.34
CA ASP J 55 17.37 12.00 26.13
C ASP J 55 18.81 12.28 26.54
N ILE J 56 19.58 12.97 25.71
CA ILE J 56 20.95 13.31 26.09
C ILE J 56 20.97 14.55 26.98
N MET J 57 19.98 15.43 26.84
CA MET J 57 19.89 16.59 27.73
C MET J 57 19.33 16.21 29.10
N ALA J 58 18.65 15.07 29.20
CA ALA J 58 18.16 14.61 30.49
C ALA J 58 19.24 13.88 31.29
N GLN J 59 20.20 13.26 30.60
CA GLN J 59 21.30 12.59 31.28
C GLN J 59 22.33 13.58 31.81
N LEU J 60 22.47 14.73 31.15
CA LEU J 60 23.39 15.76 31.64
C LEU J 60 22.87 16.45 32.90
N LEU J 61 21.57 16.36 33.17
CA LEU J 61 20.99 16.97 34.36
C LEU J 61 20.89 15.99 35.52
N VAL J 62 20.97 14.69 35.26
CA VAL J 62 20.95 13.71 36.35
C VAL J 62 22.34 13.52 36.93
N LEU J 63 23.35 13.37 36.07
CA LEU J 63 24.71 13.19 36.54
C LEU J 63 25.27 14.45 37.19
N GLU J 64 24.72 15.63 36.88
CA GLU J 64 25.19 16.86 37.49
C GLU J 64 24.66 17.02 38.91
N SER J 65 23.46 16.51 39.19
CA SER J 65 22.91 16.60 40.54
C SER J 65 23.40 15.48 41.45
N LEU J 66 23.83 14.35 40.89
CA LEU J 66 24.30 13.23 41.70
C LEU J 66 25.69 13.51 42.26
N ASP J 67 26.64 13.84 41.39
CA ASP J 67 28.03 14.03 41.78
C ASP J 67 28.61 15.18 40.96
N PRO J 68 28.76 16.37 41.56
CA PRO J 68 29.02 17.58 40.76
C PRO J 68 30.48 17.85 40.45
N ASP J 69 31.43 17.14 41.05
CA ASP J 69 32.84 17.40 40.77
C ASP J 69 33.50 16.34 39.91
N ARG J 70 32.94 15.14 39.84
CA ARG J 70 33.45 14.11 38.96
C ARG J 70 33.10 14.43 37.51
N ASP J 71 34.07 14.26 36.63
CA ASP J 71 33.87 14.59 35.22
C ASP J 71 32.89 13.62 34.56
N ILE J 72 32.36 14.04 33.42
CA ILE J 72 31.44 13.24 32.62
C ILE J 72 32.05 13.08 31.23
N THR J 73 32.26 11.83 30.83
CA THR J 73 32.82 11.53 29.51
C THR J 73 31.70 11.23 28.53
N MET J 74 31.92 11.57 27.26
CA MET J 74 30.93 11.40 26.21
C MET J 74 31.60 10.81 24.99
N TYR J 75 31.17 9.61 24.60
CA TYR J 75 31.68 8.97 23.40
C TYR J 75 30.87 9.43 22.20
N ILE J 76 31.54 10.09 21.26
CA ILE J 76 30.89 10.73 20.12
C ILE J 76 30.86 9.75 18.95
N ASN J 77 29.65 9.44 18.49
CA ASN J 77 29.49 8.59 17.31
C ASN J 77 28.13 8.92 16.68
N SER J 78 28.15 9.73 15.62
CA SER J 78 26.92 10.10 14.92
C SER J 78 27.25 10.66 13.55
N PRO J 79 26.63 10.14 12.47
CA PRO J 79 26.88 10.63 11.12
C PRO J 79 26.03 11.85 10.75
N GLY J 80 26.08 12.89 11.57
CA GLY J 80 25.35 14.11 11.32
C GLY J 80 24.07 14.20 12.13
N GLY J 81 23.37 15.31 11.93
CA GLY J 81 22.13 15.55 12.62
C GLY J 81 21.61 16.94 12.34
N GLY J 82 20.63 17.35 13.13
CA GLY J 82 20.02 18.66 13.00
C GLY J 82 20.86 19.74 13.67
N PHE J 83 20.29 20.94 13.69
CA PHE J 83 20.97 22.08 14.31
C PHE J 83 20.07 22.76 15.33
N THR J 84 18.75 22.64 15.16
CA THR J 84 17.83 23.24 16.12
C THR J 84 17.98 22.61 17.50
N SER J 85 18.36 21.34 17.57
CA SER J 85 18.64 20.68 18.83
C SER J 85 20.12 20.68 19.19
N LEU J 86 20.99 21.07 18.25
CA LEU J 86 22.42 21.12 18.54
C LEU J 86 22.76 22.21 19.54
N MET J 87 22.21 23.41 19.33
CA MET J 87 22.45 24.52 20.25
C MET J 87 21.79 24.30 21.61
N ALA J 88 20.82 23.38 21.71
CA ALA J 88 20.24 23.04 22.99
C ALA J 88 21.12 22.12 23.81
N ILE J 89 21.99 21.35 23.16
CA ILE J 89 22.93 20.50 23.88
C ILE J 89 24.27 21.21 24.09
N TYR J 90 24.64 22.13 23.19
CA TYR J 90 25.92 22.82 23.32
C TYR J 90 25.96 23.64 24.61
N ASP J 91 24.98 24.51 24.82
CA ASP J 91 24.95 25.30 26.04
C ASP J 91 24.68 24.43 27.27
N THR J 92 23.98 23.31 27.10
CA THR J 92 23.75 22.41 28.22
C THR J 92 25.05 21.80 28.69
N MET J 93 25.94 21.44 27.76
CA MET J 93 27.26 20.95 28.15
C MET J 93 28.09 22.04 28.82
N GLN J 94 27.85 23.30 28.47
CA GLN J 94 28.55 24.43 29.07
C GLN J 94 27.86 24.96 30.31
N TYR J 95 26.69 24.41 30.68
CA TYR J 95 25.96 24.86 31.85
C TYR J 95 26.20 23.99 33.07
N VAL J 96 26.46 22.70 32.89
CA VAL J 96 26.70 21.81 34.02
C VAL J 96 28.07 22.14 34.62
N ARG J 97 28.20 21.85 35.92
CA ARG J 97 29.45 22.12 36.62
C ARG J 97 30.49 21.03 36.40
N ALA J 98 30.06 19.81 36.05
CA ALA J 98 31.00 18.73 35.79
C ALA J 98 31.67 18.91 34.45
N ASP J 99 32.97 18.61 34.39
CA ASP J 99 33.73 18.78 33.17
C ASP J 99 33.40 17.68 32.17
N ILE J 100 33.39 18.05 30.89
CA ILE J 100 33.00 17.15 29.81
C ILE J 100 34.27 16.67 29.11
N GLN J 101 34.41 15.35 28.99
CA GLN J 101 35.54 14.72 28.32
C GLN J 101 35.01 14.03 27.06
N THR J 102 35.20 14.68 25.92
CA THR J 102 34.67 14.17 24.65
C THR J 102 35.70 13.26 23.99
N VAL J 103 35.27 12.03 23.68
CA VAL J 103 36.12 11.05 23.00
C VAL J 103 35.41 10.66 21.70
N CYS J 104 36.02 10.98 20.57
CA CYS J 104 35.42 10.73 19.27
C CYS J 104 35.61 9.28 18.87
N LEU J 105 34.49 8.60 18.60
CA LEU J 105 34.51 7.21 18.13
C LEU J 105 33.88 7.17 16.74
N GLY J 106 34.69 6.89 15.73
CA GLY J 106 34.18 6.79 14.38
C GLY J 106 34.30 8.07 13.57
N GLN J 107 33.20 8.82 13.45
CA GLN J 107 33.17 10.02 12.64
C GLN J 107 32.27 11.06 13.29
N ALA J 108 32.23 12.24 12.68
CA ALA J 108 31.38 13.33 13.15
C ALA J 108 31.07 14.22 11.95
N ALA J 109 29.84 14.12 11.43
CA ALA J 109 29.48 14.75 10.16
C ALA J 109 28.85 16.12 10.43
N SER J 110 29.71 17.09 10.71
CA SER J 110 29.39 18.53 10.78
C SER J 110 28.49 18.89 11.95
N ALA J 111 28.02 17.92 12.73
CA ALA J 111 27.17 18.20 13.89
C ALA J 111 27.78 17.74 15.19
N ALA J 112 28.36 16.55 15.23
CA ALA J 112 29.03 16.07 16.43
C ALA J 112 30.41 16.68 16.64
N ALA J 113 30.98 17.31 15.60
CA ALA J 113 32.27 17.96 15.75
C ALA J 113 32.18 19.18 16.68
N VAL J 114 31.05 19.88 16.66
CA VAL J 114 30.87 21.02 17.56
C VAL J 114 30.84 20.54 19.01
N LEU J 115 30.15 19.43 19.28
CA LEU J 115 30.13 18.88 20.62
C LEU J 115 31.49 18.31 21.00
N LEU J 116 32.24 17.80 20.03
CA LEU J 116 33.59 17.29 20.31
C LEU J 116 34.53 18.43 20.67
N ALA J 117 34.36 19.59 20.05
CA ALA J 117 35.19 20.76 20.32
C ALA J 117 34.69 21.58 21.49
N ALA J 118 33.47 21.33 21.97
CA ALA J 118 32.91 22.05 23.10
C ALA J 118 33.28 21.46 24.44
N GLY J 119 34.07 20.39 24.46
CA GLY J 119 34.47 19.76 25.70
C GLY J 119 35.50 20.58 26.45
N THR J 120 35.97 20.01 27.55
CA THR J 120 36.98 20.67 28.37
C THR J 120 38.30 20.73 27.63
N PRO J 121 38.98 21.87 27.60
CA PRO J 121 40.30 21.92 26.97
C PRO J 121 41.28 21.00 27.68
N GLY J 122 41.98 20.18 26.91
CA GLY J 122 42.89 19.20 27.45
C GLY J 122 42.29 17.83 27.66
N LYS J 123 40.97 17.68 27.54
CA LYS J 123 40.30 16.40 27.69
C LYS J 123 39.55 15.97 26.44
N ARG J 124 39.78 16.65 25.31
CA ARG J 124 39.13 16.29 24.05
C ARG J 124 40.01 15.29 23.32
N MET J 125 39.62 14.02 23.38
CA MET J 125 40.39 12.93 22.79
C MET J 125 39.67 12.39 21.56
N ALA J 126 40.40 11.59 20.78
CA ALA J 126 39.86 11.00 19.58
C ALA J 126 40.73 9.82 19.17
N LEU J 127 40.09 8.75 18.69
CA LEU J 127 40.82 7.59 18.25
C LEU J 127 41.60 7.90 16.97
N PRO J 128 42.71 7.17 16.72
CA PRO J 128 43.54 7.49 15.55
C PRO J 128 42.85 7.26 14.21
N ASN J 129 41.68 6.63 14.19
CA ASN J 129 40.92 6.40 12.95
C ASN J 129 39.63 7.21 12.92
N ALA J 130 39.67 8.42 13.48
CA ALA J 130 38.51 9.29 13.51
C ALA J 130 38.42 10.11 12.23
N ARG J 131 37.20 10.50 11.88
CA ARG J 131 36.92 11.30 10.68
C ARG J 131 36.05 12.49 11.10
N VAL J 132 36.69 13.58 11.50
CA VAL J 132 35.99 14.78 11.92
C VAL J 132 35.58 15.54 10.65
N LEU J 133 34.33 15.35 10.23
CA LEU J 133 33.82 15.99 9.03
C LEU J 133 33.23 17.35 9.36
N ILE J 134 33.52 18.34 8.51
CA ILE J 134 33.00 19.69 8.64
C ILE J 134 32.44 20.10 7.28
N HIS J 135 31.11 20.17 7.18
CA HIS J 135 30.46 20.54 5.93
C HIS J 135 29.25 21.41 6.26
N GLN J 136 28.42 21.64 5.25
CA GLN J 136 27.26 22.52 5.43
C GLN J 136 26.17 21.79 6.20
N PRO J 137 25.61 22.39 7.24
CA PRO J 137 24.52 21.76 7.98
C PRO J 137 23.19 21.91 7.24
N SER J 138 22.19 21.18 7.73
CA SER J 138 20.85 21.23 7.14
C SER J 138 19.97 22.23 7.86
N SER J 148 6.15 33.33 2.99
CA SER J 148 7.32 32.91 2.23
C SER J 148 8.16 31.91 3.01
N ASP J 149 8.55 30.82 2.35
CA ASP J 149 9.38 29.79 2.97
C ASP J 149 10.71 29.62 2.24
N LEU J 150 11.10 30.60 1.42
CA LEU J 150 12.37 30.56 0.69
C LEU J 150 13.36 31.62 1.16
N GLU J 151 12.88 32.83 1.44
CA GLU J 151 13.77 33.87 1.96
C GLU J 151 14.09 33.66 3.43
N ILE J 152 13.05 33.44 4.25
CA ILE J 152 13.27 33.25 5.68
C ILE J 152 14.03 31.95 5.93
N GLN J 153 13.85 30.95 5.09
CA GLN J 153 14.61 29.71 5.25
C GLN J 153 16.09 29.94 5.01
N ALA J 154 16.43 30.66 3.94
CA ALA J 154 17.83 30.97 3.68
C ALA J 154 18.40 31.87 4.77
N ALA J 155 17.59 32.77 5.31
CA ALA J 155 18.06 33.64 6.39
C ALA J 155 18.37 32.83 7.64
N GLU J 156 17.49 31.90 8.01
CA GLU J 156 17.74 31.06 9.17
C GLU J 156 18.94 30.14 8.94
N ILE J 157 19.13 29.68 7.70
CA ILE J 157 20.28 28.85 7.38
C ILE J 157 21.57 29.64 7.54
N GLU J 158 21.60 30.87 7.02
CA GLU J 158 22.78 31.71 7.18
C GLU J 158 23.03 32.02 8.65
N ARG J 159 21.98 32.26 9.42
CA ARG J 159 22.13 32.57 10.84
C ARG J 159 22.72 31.38 11.59
N MET J 160 22.16 30.18 11.38
CA MET J 160 22.69 29.00 12.06
C MET J 160 24.10 28.68 11.58
N ARG J 161 24.41 28.96 10.31
CA ARG J 161 25.76 28.72 9.81
C ARG J 161 26.77 29.62 10.49
N THR J 162 26.49 30.94 10.56
CA THR J 162 27.43 31.84 11.20
C THR J 162 27.50 31.59 12.70
N LEU J 163 26.40 31.14 13.32
CA LEU J 163 26.44 30.78 14.73
C LEU J 163 27.35 29.57 14.95
N MET J 164 27.24 28.55 14.10
CA MET J 164 28.12 27.40 14.20
C MET J 164 29.58 27.78 13.98
N GLU J 165 29.83 28.68 13.02
CA GLU J 165 31.20 29.11 12.76
C GLU J 165 31.78 29.88 13.94
N THR J 166 30.96 30.76 14.57
CA THR J 166 31.42 31.46 15.74
C THR J 166 31.68 30.51 16.90
N THR J 167 30.82 29.51 17.08
CA THR J 167 31.03 28.52 18.13
C THR J 167 32.31 27.73 17.90
N LEU J 168 32.59 27.38 16.64
CA LEU J 168 33.81 26.63 16.34
C LEU J 168 35.05 27.50 16.53
N ALA J 169 34.98 28.78 16.15
CA ALA J 169 36.12 29.66 16.29
C ALA J 169 36.37 30.05 17.75
N ARG J 170 35.33 29.99 18.61
CA ARG J 170 35.53 30.33 20.01
C ARG J 170 36.40 29.30 20.71
N HIS J 171 36.25 28.02 20.35
CA HIS J 171 37.01 26.95 21.01
C HIS J 171 38.34 26.67 20.32
N THR J 172 38.36 26.63 18.99
CA THR J 172 39.58 26.34 18.25
C THR J 172 40.54 27.52 18.21
N GLY J 173 40.14 28.69 18.71
CA GLY J 173 41.02 29.85 18.72
C GLY J 173 41.31 30.45 17.36
N LYS J 174 40.58 30.05 16.32
CA LYS J 174 40.77 30.57 14.98
C LYS J 174 39.81 31.72 14.72
N ASP J 175 39.78 32.19 13.48
CA ASP J 175 38.88 33.24 13.05
C ASP J 175 37.76 32.64 12.21
N ALA J 176 36.59 33.29 12.26
CA ALA J 176 35.42 32.79 11.54
C ALA J 176 35.65 32.71 10.04
N GLY J 177 36.49 33.59 9.48
CA GLY J 177 36.72 33.57 8.04
C GLY J 177 37.41 32.30 7.57
N VAL J 178 38.41 31.84 8.32
CA VAL J 178 39.12 30.62 7.94
C VAL J 178 38.20 29.41 8.02
N ILE J 179 37.38 29.33 9.07
CA ILE J 179 36.46 28.20 9.19
C ILE J 179 35.39 28.25 8.12
N ARG J 180 34.95 29.46 7.74
CA ARG J 180 33.98 29.57 6.65
C ARG J 180 34.61 29.17 5.32
N LYS J 181 35.88 29.48 5.12
CA LYS J 181 36.58 29.07 3.91
C LYS J 181 36.78 27.56 3.86
N ASP J 182 37.00 26.93 5.02
CA ASP J 182 37.14 25.49 5.08
C ASP J 182 35.82 24.75 5.19
N THR J 183 34.70 25.45 5.32
CA THR J 183 33.40 24.82 5.47
C THR J 183 32.67 24.63 4.15
N ASP J 184 32.85 25.55 3.19
CA ASP J 184 32.12 25.45 1.92
C ASP J 184 32.41 24.13 1.21
N ARG J 185 33.63 23.63 1.35
CA ARG J 185 33.98 22.33 0.80
C ARG J 185 33.78 21.24 1.85
N ASP J 186 33.59 20.01 1.38
CA ASP J 186 33.38 18.86 2.26
C ASP J 186 34.73 18.46 2.86
N LYS J 187 35.13 19.19 3.89
CA LYS J 187 36.42 18.94 4.54
C LYS J 187 36.35 17.66 5.36
N ILE J 188 37.34 16.79 5.19
CA ILE J 188 37.45 15.54 5.92
C ILE J 188 38.74 15.58 6.70
N LEU J 189 38.65 15.76 8.00
CA LEU J 189 39.81 15.87 8.88
C LEU J 189 40.08 14.52 9.54
N THR J 190 41.36 14.12 9.55
CA THR J 190 41.78 12.90 10.21
C THR J 190 42.14 13.20 11.66
N ALA J 191 42.44 12.15 12.43
CA ALA J 191 42.80 12.32 13.83
C ALA J 191 44.08 13.14 13.97
N GLU J 192 45.02 12.97 13.04
CA GLU J 192 46.27 13.73 13.08
C GLU J 192 46.09 15.14 12.53
N GLU J 193 45.16 15.33 11.61
CA GLU J 193 44.91 16.66 11.05
C GLU J 193 44.00 17.50 11.92
N ALA J 194 43.32 16.90 12.90
CA ALA J 194 42.43 17.63 13.79
C ALA J 194 43.10 18.04 15.10
N LYS J 195 44.29 17.51 15.40
CA LYS J 195 44.98 17.88 16.63
C LYS J 195 45.55 19.30 16.51
N ASP J 196 46.20 19.60 15.40
CA ASP J 196 46.73 20.93 15.15
C ASP J 196 45.68 21.90 14.63
N TYR J 197 44.44 21.43 14.40
CA TYR J 197 43.39 22.31 13.92
C TYR J 197 42.69 23.05 15.05
N GLY J 198 42.71 22.48 16.26
CA GLY J 198 42.08 23.09 17.41
C GLY J 198 40.87 22.36 17.95
N ILE J 199 40.42 21.31 17.28
CA ILE J 199 39.24 20.56 17.75
C ILE J 199 39.63 19.64 18.90
N ILE J 200 40.54 18.70 18.64
CA ILE J 200 41.00 17.77 19.66
C ILE J 200 42.38 18.21 20.13
N ASP J 201 42.73 17.76 21.34
CA ASP J 201 44.01 18.12 21.96
C ASP J 201 45.00 16.98 22.00
N THR J 202 44.53 15.73 22.01
CA THR J 202 45.42 14.58 22.08
C THR J 202 44.77 13.40 21.38
N VAL J 203 45.59 12.56 20.76
CA VAL J 203 45.14 11.36 20.06
C VAL J 203 45.46 10.15 20.93
N LEU J 204 44.46 9.31 21.15
CA LEU J 204 44.65 8.14 22.01
C LEU J 204 45.47 7.07 21.27
N GLU J 205 46.41 6.47 21.99
CA GLU J 205 47.25 5.40 21.46
C GLU J 205 46.69 4.04 21.86
N TYR J 206 47.25 3.00 21.25
CA TYR J 206 46.81 1.64 21.51
C TYR J 206 47.42 1.14 22.81
N ARG J 207 46.58 0.57 23.68
CA ARG J 207 47.01 0.05 24.97
C ARG J 207 47.14 -1.46 24.97
N LYS J 208 47.54 -2.05 23.84
CA LYS J 208 47.69 -3.49 23.75
C LYS J 208 48.97 -3.94 24.43
N LEU J 209 48.86 -4.96 25.28
CA LEU J 209 50.02 -5.51 25.96
C LEU J 209 50.80 -6.50 25.10
N SER J 210 50.29 -6.84 23.92
CA SER J 210 50.98 -7.78 23.03
C SER J 210 50.68 -7.45 21.57
N SER K 30 -0.93 -13.01 37.62
CA SER K 30 -0.53 -13.57 36.32
C SER K 30 -1.75 -13.96 35.50
N ASN K 31 -1.52 -14.30 34.24
CA ASN K 31 -2.60 -14.70 33.35
C ASN K 31 -3.20 -16.02 33.82
N PRO K 32 -4.48 -16.27 33.52
CA PRO K 32 -5.09 -17.55 33.93
C PRO K 32 -4.45 -18.77 33.27
N TYR K 33 -3.76 -18.59 32.14
CA TYR K 33 -3.09 -19.72 31.50
C TYR K 33 -1.99 -20.29 32.39
N ASN K 34 -1.27 -19.41 33.10
CA ASN K 34 -0.24 -19.88 34.03
C ASN K 34 -0.86 -20.62 35.20
N LYS K 35 -1.97 -20.12 35.73
CA LYS K 35 -2.65 -20.79 36.83
C LYS K 35 -3.22 -22.14 36.39
N LEU K 36 -3.60 -22.26 35.12
CA LEU K 36 -4.04 -23.56 34.61
C LEU K 36 -2.86 -24.50 34.43
N PHE K 37 -1.76 -24.02 33.85
CA PHE K 37 -0.58 -24.87 33.66
C PHE K 37 -0.01 -25.32 35.00
N GLU K 38 -0.21 -24.53 36.06
CA GLU K 38 0.23 -24.96 37.39
C GLU K 38 -0.52 -26.22 37.84
N GLU K 39 -1.76 -26.39 37.38
CA GLU K 39 -2.53 -27.61 37.65
C GLU K 39 -2.38 -28.65 36.54
N ARG K 40 -1.33 -28.52 35.72
CA ARG K 40 -1.05 -29.44 34.62
C ARG K 40 -2.21 -29.48 33.62
N ILE K 41 -2.59 -28.29 33.16
CA ILE K 41 -3.66 -28.12 32.19
C ILE K 41 -3.07 -27.51 30.93
N ILE K 42 -3.19 -28.22 29.81
CA ILE K 42 -2.68 -27.76 28.52
C ILE K 42 -3.88 -27.31 27.69
N PHE K 43 -4.09 -26.00 27.63
CA PHE K 43 -5.20 -25.43 26.87
C PHE K 43 -4.73 -25.21 25.44
N LEU K 44 -5.10 -26.12 24.55
CA LEU K 44 -4.73 -26.01 23.15
C LEU K 44 -5.44 -24.82 22.51
N GLY K 45 -4.66 -23.96 21.85
CA GLY K 45 -5.21 -22.79 21.21
C GLY K 45 -5.99 -23.15 19.96
N VAL K 46 -6.37 -22.11 19.22
CA VAL K 46 -7.16 -22.26 18.01
C VAL K 46 -6.25 -22.18 16.80
N GLN K 47 -6.62 -22.92 15.75
CA GLN K 47 -5.88 -22.96 14.49
C GLN K 47 -4.42 -23.35 14.74
N VAL K 48 -4.24 -24.59 15.22
CA VAL K 48 -2.89 -25.11 15.47
C VAL K 48 -2.17 -25.27 14.14
N ASP K 49 -0.91 -24.81 14.11
CA ASP K 49 -0.10 -24.90 12.90
C ASP K 49 1.34 -25.26 13.24
N ASP K 50 2.26 -25.07 12.29
CA ASP K 50 3.67 -25.36 12.52
C ASP K 50 4.24 -24.53 13.66
N ALA K 51 3.73 -23.31 13.87
CA ALA K 51 4.26 -22.45 14.91
C ALA K 51 3.58 -22.65 16.26
N SER K 52 2.31 -23.08 16.25
CA SER K 52 1.56 -23.30 17.49
C SER K 52 1.73 -24.71 18.04
N ALA K 53 2.47 -25.57 17.35
CA ALA K 53 2.71 -26.93 17.81
C ALA K 53 3.96 -27.06 18.68
N ASN K 54 4.97 -26.22 18.43
CA ASN K 54 6.18 -26.25 19.25
C ASN K 54 5.92 -25.79 20.68
N ASP K 55 4.83 -25.06 20.92
CA ASP K 55 4.47 -24.63 22.27
C ASP K 55 3.68 -25.69 23.02
N ILE K 56 2.85 -26.46 22.32
CA ILE K 56 2.11 -27.52 22.99
C ILE K 56 2.97 -28.77 23.15
N MET K 57 3.95 -28.98 22.26
CA MET K 57 4.89 -30.08 22.42
C MET K 57 5.94 -29.80 23.49
N ALA K 58 6.15 -28.53 23.85
CA ALA K 58 7.09 -28.20 24.91
C ALA K 58 6.44 -28.33 26.29
N GLN K 59 5.12 -28.14 26.37
CA GLN K 59 4.43 -28.29 27.65
C GLN K 59 4.24 -29.77 28.00
N LEU K 60 4.15 -30.64 27.01
CA LEU K 60 4.03 -32.08 27.28
C LEU K 60 5.33 -32.67 27.79
N LEU K 61 6.47 -32.00 27.55
CA LEU K 61 7.75 -32.47 28.03
C LEU K 61 8.15 -31.88 29.37
N VAL K 62 7.53 -30.78 29.79
CA VAL K 62 7.82 -30.20 31.09
C VAL K 62 7.00 -30.89 32.17
N LEU K 63 5.70 -31.08 31.93
CA LEU K 63 4.84 -31.74 32.90
C LEU K 63 5.17 -33.22 33.07
N GLU K 64 5.81 -33.83 32.07
CA GLU K 64 6.18 -35.24 32.18
C GLU K 64 7.41 -35.43 33.07
N SER K 65 8.32 -34.46 33.08
CA SER K 65 9.52 -34.56 33.91
C SER K 65 9.27 -34.09 35.33
N LEU K 66 8.26 -33.24 35.55
CA LEU K 66 7.99 -32.73 36.90
C LEU K 66 7.30 -33.79 37.75
N ASP K 67 6.20 -34.36 37.26
CA ASP K 67 5.40 -35.31 38.01
C ASP K 67 4.88 -36.37 37.04
N PRO K 68 5.47 -37.57 37.04
CA PRO K 68 5.22 -38.52 35.94
C PRO K 68 4.02 -39.43 36.13
N ASP K 69 3.37 -39.46 37.30
CA ASP K 69 2.22 -40.33 37.49
C ASP K 69 0.89 -39.59 37.52
N ARG K 70 0.90 -38.28 37.79
CA ARG K 70 -0.32 -37.49 37.74
C ARG K 70 -0.72 -37.24 36.29
N ASP K 71 -2.02 -37.39 36.03
CA ASP K 71 -2.51 -37.24 34.67
C ASP K 71 -2.42 -35.79 34.21
N ILE K 72 -2.49 -35.61 32.89
CA ILE K 72 -2.48 -34.29 32.25
C ILE K 72 -3.77 -34.15 31.45
N THR K 73 -4.55 -33.13 31.76
CA THR K 73 -5.79 -32.86 31.04
C THR K 73 -5.55 -31.82 29.97
N MET K 74 -6.32 -31.93 28.88
CA MET K 74 -6.16 -31.05 27.73
C MET K 74 -7.55 -30.61 27.25
N TYR K 75 -7.81 -29.32 27.32
CA TYR K 75 -9.07 -28.76 26.84
C TYR K 75 -8.94 -28.46 25.36
N ILE K 76 -9.76 -29.13 24.55
CA ILE K 76 -9.67 -29.08 23.10
C ILE K 76 -10.60 -27.98 22.58
N ASN K 77 -10.02 -27.00 21.89
CA ASN K 77 -10.81 -25.94 21.26
C ASN K 77 -9.99 -25.38 20.09
N SER K 78 -10.32 -25.82 18.88
CA SER K 78 -9.63 -25.35 17.68
C SER K 78 -10.46 -25.66 16.44
N PRO K 79 -10.72 -24.68 15.58
CA PRO K 79 -11.50 -24.90 14.35
C PRO K 79 -10.64 -25.39 13.18
N GLY K 80 -9.90 -26.47 13.41
CA GLY K 80 -9.07 -27.06 12.36
C GLY K 80 -7.62 -26.67 12.49
N GLY K 81 -6.82 -27.19 11.56
CA GLY K 81 -5.41 -26.91 11.54
C GLY K 81 -4.71 -27.75 10.48
N GLY K 82 -3.38 -27.76 10.58
CA GLY K 82 -2.56 -28.51 9.65
C GLY K 82 -2.49 -29.98 10.01
N PHE K 83 -1.66 -30.70 9.27
CA PHE K 83 -1.47 -32.13 9.52
C PHE K 83 0.00 -32.47 9.69
N THR K 84 0.89 -31.67 9.10
CA THR K 84 2.32 -31.91 9.26
C THR K 84 2.75 -31.79 10.72
N SER K 85 2.08 -30.93 11.49
CA SER K 85 2.33 -30.82 12.92
C SER K 85 1.38 -31.66 13.76
N LEU K 86 0.33 -32.21 13.16
CA LEU K 86 -0.62 -33.03 13.92
C LEU K 86 0.04 -34.34 14.36
N MET K 87 0.73 -35.02 13.44
CA MET K 87 1.41 -36.26 13.76
C MET K 87 2.57 -36.06 14.71
N ALA K 88 3.08 -34.83 14.84
CA ALA K 88 4.13 -34.54 15.81
C ALA K 88 3.59 -34.41 17.23
N ILE K 89 2.32 -34.07 17.37
CA ILE K 89 1.71 -34.01 18.70
C ILE K 89 1.01 -35.32 19.05
N TYR K 90 0.53 -36.07 18.05
CA TYR K 90 -0.16 -37.32 18.32
C TYR K 90 0.77 -38.32 19.01
N ASP K 91 1.93 -38.58 18.41
CA ASP K 91 2.87 -39.51 19.03
C ASP K 91 3.47 -38.94 20.31
N THR K 92 3.56 -37.61 20.42
CA THR K 92 4.05 -37.00 21.64
C THR K 92 3.10 -37.25 22.80
N MET K 93 1.79 -37.21 22.54
CA MET K 93 0.82 -37.55 23.58
C MET K 93 0.89 -39.02 23.93
N GLN K 94 1.30 -39.87 22.99
CA GLN K 94 1.45 -41.30 23.23
C GLN K 94 2.84 -41.68 23.72
N TYR K 95 3.75 -40.72 23.83
CA TYR K 95 5.11 -40.98 24.30
C TYR K 95 5.30 -40.67 25.77
N VAL K 96 4.58 -39.67 26.31
CA VAL K 96 4.72 -39.33 27.71
C VAL K 96 4.10 -40.42 28.58
N ARG K 97 4.62 -40.56 29.80
CA ARG K 97 4.10 -41.57 30.72
C ARG K 97 2.83 -41.13 31.42
N ALA K 98 2.58 -39.84 31.53
CA ALA K 98 1.36 -39.35 32.16
C ALA K 98 0.17 -39.54 31.25
N ASP K 99 -0.96 -39.93 31.84
CA ASP K 99 -2.17 -40.19 31.06
C ASP K 99 -2.80 -38.86 30.62
N ILE K 100 -3.37 -38.88 29.42
CA ILE K 100 -3.96 -37.69 28.81
C ILE K 100 -5.48 -37.78 28.95
N GLN K 101 -6.08 -36.72 29.49
CA GLN K 101 -7.53 -36.62 29.67
C GLN K 101 -8.02 -35.50 28.76
N THR K 102 -8.57 -35.86 27.61
CA THR K 102 -9.01 -34.88 26.63
C THR K 102 -10.47 -34.50 26.88
N VAL K 103 -10.71 -33.20 27.03
CA VAL K 103 -12.05 -32.65 27.24
C VAL K 103 -12.33 -31.67 26.11
N CYS K 104 -13.32 -32.00 25.28
CA CYS K 104 -13.63 -31.19 24.11
C CYS K 104 -14.47 -29.98 24.51
N LEU K 105 -13.98 -28.79 24.19
CA LEU K 105 -14.70 -27.54 24.45
C LEU K 105 -14.97 -26.87 23.11
N GLY K 106 -16.24 -26.82 22.72
CA GLY K 106 -16.62 -26.16 21.49
C GLY K 106 -16.74 -27.10 20.30
N GLN K 107 -15.71 -27.15 19.45
CA GLN K 107 -15.74 -27.94 18.23
C GLN K 107 -14.34 -28.49 17.96
N ALA K 108 -14.26 -29.31 16.91
CA ALA K 108 -13.00 -29.90 16.47
C ALA K 108 -13.13 -30.20 14.99
N ALA K 109 -12.50 -29.38 14.15
CA ALA K 109 -12.70 -29.42 12.70
C ALA K 109 -11.62 -30.30 12.06
N SER K 110 -11.81 -31.61 12.16
CA SER K 110 -11.07 -32.65 11.46
C SER K 110 -9.60 -32.76 11.89
N ALA K 111 -9.13 -31.90 12.78
CA ALA K 111 -7.77 -31.96 13.27
C ALA K 111 -7.67 -32.20 14.77
N ALA K 112 -8.49 -31.50 15.56
CA ALA K 112 -8.51 -31.72 17.00
C ALA K 112 -9.27 -32.97 17.40
N ALA K 113 -10.06 -33.55 16.49
CA ALA K 113 -10.77 -34.79 16.80
C ALA K 113 -9.80 -35.95 16.98
N VAL K 114 -8.71 -35.96 16.21
CA VAL K 114 -7.71 -37.03 16.35
C VAL K 114 -7.06 -36.95 17.73
N LEU K 115 -6.73 -35.74 18.19
CA LEU K 115 -6.16 -35.58 19.52
C LEU K 115 -7.19 -35.88 20.60
N LEU K 116 -8.48 -35.62 20.33
CA LEU K 116 -9.52 -35.94 21.29
C LEU K 116 -9.70 -37.45 21.42
N ALA K 117 -9.52 -38.18 20.33
CA ALA K 117 -9.64 -39.63 20.34
C ALA K 117 -8.34 -40.33 20.71
N ALA K 118 -7.23 -39.61 20.76
CA ALA K 118 -5.93 -40.19 21.13
C ALA K 118 -5.69 -40.18 22.62
N GLY K 119 -6.64 -39.70 23.41
CA GLY K 119 -6.48 -39.67 24.85
C GLY K 119 -6.61 -41.04 25.48
N THR K 120 -6.55 -41.06 26.80
CA THR K 120 -6.67 -42.31 27.54
C THR K 120 -8.08 -42.86 27.42
N PRO K 121 -8.26 -44.14 27.13
CA PRO K 121 -9.60 -44.72 27.10
C PRO K 121 -10.28 -44.62 28.48
N GLY K 122 -11.50 -44.12 28.47
CA GLY K 122 -12.23 -43.88 29.70
C GLY K 122 -12.09 -42.48 30.27
N LYS K 123 -11.19 -41.67 29.73
CA LYS K 123 -11.00 -40.30 30.19
C LYS K 123 -11.24 -39.28 29.09
N ARG K 124 -11.82 -39.69 27.96
CA ARG K 124 -12.10 -38.78 26.85
C ARG K 124 -13.51 -38.23 27.06
N MET K 125 -13.59 -36.99 27.53
CA MET K 125 -14.85 -36.34 27.84
C MET K 125 -15.14 -35.25 26.82
N ALA K 126 -16.39 -34.77 26.84
CA ALA K 126 -16.82 -33.74 25.92
C ALA K 126 -18.09 -33.10 26.46
N LEU K 127 -18.21 -31.79 26.30
CA LEU K 127 -19.40 -31.08 26.75
C LEU K 127 -20.60 -31.45 25.88
N PRO K 128 -21.82 -31.35 26.42
CA PRO K 128 -23.00 -31.77 25.65
C PRO K 128 -23.27 -30.93 24.42
N ASN K 129 -22.57 -29.81 24.23
CA ASN K 129 -22.74 -28.95 23.06
C ASN K 129 -21.50 -28.95 22.18
N ALA K 130 -20.83 -30.11 22.10
CA ALA K 130 -19.63 -30.24 21.29
C ALA K 130 -19.98 -30.60 19.85
N ARG K 131 -19.11 -30.21 18.93
CA ARG K 131 -19.29 -30.46 17.49
C ARG K 131 -18.00 -31.10 16.96
N VAL K 132 -17.93 -32.42 17.04
CA VAL K 132 -16.76 -33.17 16.56
C VAL K 132 -16.89 -33.29 15.04
N LEU K 133 -16.21 -32.41 14.31
CA LEU K 133 -16.27 -32.40 12.86
C LEU K 133 -15.19 -33.31 12.29
N ILE K 134 -15.56 -34.07 11.27
CA ILE K 134 -14.64 -34.96 10.55
C ILE K 134 -14.82 -34.72 9.07
N HIS K 135 -13.83 -34.08 8.45
CA HIS K 135 -13.88 -33.76 7.03
C HIS K 135 -12.49 -33.94 6.44
N GLN K 136 -12.31 -33.49 5.20
CA GLN K 136 -11.04 -33.66 4.52
C GLN K 136 -10.00 -32.68 5.07
N PRO K 137 -8.81 -33.14 5.42
CA PRO K 137 -7.76 -32.23 5.89
C PRO K 137 -7.09 -31.51 4.72
N SER K 138 -6.29 -30.51 5.07
CA SER K 138 -5.56 -29.74 4.07
C SER K 138 -4.16 -30.28 3.86
N SER K 148 7.49 -31.36 -10.33
CA SER K 148 6.03 -31.42 -10.31
C SER K 148 5.48 -31.21 -8.90
N ASP K 149 4.47 -30.34 -8.80
CA ASP K 149 3.82 -30.05 -7.52
C ASP K 149 2.34 -30.42 -7.52
N LEU K 150 1.92 -31.24 -8.48
CA LEU K 150 0.53 -31.69 -8.57
C LEU K 150 0.36 -33.18 -8.31
N GLU K 151 1.27 -34.01 -8.80
CA GLU K 151 1.20 -35.45 -8.52
C GLU K 151 1.69 -35.76 -7.11
N ILE K 152 2.87 -35.25 -6.76
CA ILE K 152 3.41 -35.52 -5.43
C ILE K 152 2.55 -34.89 -4.34
N GLN K 153 1.89 -33.77 -4.64
CA GLN K 153 1.00 -33.16 -3.67
C GLN K 153 -0.20 -34.06 -3.40
N ALA K 154 -0.82 -34.59 -4.46
CA ALA K 154 -1.95 -35.50 -4.29
C ALA K 154 -1.50 -36.78 -3.60
N ALA K 155 -0.29 -37.25 -3.88
CA ALA K 155 0.23 -38.44 -3.23
C ALA K 155 0.39 -38.21 -1.73
N GLU K 156 0.98 -37.08 -1.34
CA GLU K 156 1.13 -36.76 0.07
C GLU K 156 -0.22 -36.56 0.75
N ILE K 157 -1.18 -35.99 0.03
CA ILE K 157 -2.51 -35.82 0.59
C ILE K 157 -3.17 -37.16 0.84
N GLU K 158 -3.08 -38.09 -0.12
CA GLU K 158 -3.63 -39.42 0.07
C GLU K 158 -2.93 -40.15 1.22
N ARG K 159 -1.61 -39.98 1.33
CA ARG K 159 -0.86 -40.64 2.40
C ARG K 159 -1.29 -40.12 3.77
N MET K 160 -1.36 -38.79 3.92
CA MET K 160 -1.78 -38.25 5.20
C MET K 160 -3.24 -38.59 5.50
N ARG K 161 -4.08 -38.68 4.47
CA ARG K 161 -5.47 -39.05 4.68
C ARG K 161 -5.59 -40.48 5.20
N THR K 162 -4.92 -41.42 4.55
CA THR K 162 -5.00 -42.81 5.02
C THR K 162 -4.31 -42.98 6.37
N LEU K 163 -3.27 -42.19 6.65
CA LEU K 163 -2.66 -42.23 7.98
C LEU K 163 -3.64 -41.74 9.05
N MET K 164 -4.35 -40.65 8.78
CA MET K 164 -5.34 -40.15 9.72
C MET K 164 -6.47 -41.17 9.91
N GLU K 165 -6.89 -41.82 8.82
CA GLU K 165 -7.96 -42.82 8.94
C GLU K 165 -7.50 -44.02 9.76
N THR K 166 -6.26 -44.47 9.56
CA THR K 166 -5.73 -45.57 10.36
C THR K 166 -5.63 -45.17 11.84
N THR K 167 -5.19 -43.94 12.10
CA THR K 167 -5.09 -43.46 13.48
C THR K 167 -6.46 -43.41 14.13
N LEU K 168 -7.48 -42.98 13.38
CA LEU K 168 -8.83 -42.90 13.94
C LEU K 168 -9.42 -44.29 14.17
N ALA K 169 -9.14 -45.22 13.25
CA ALA K 169 -9.65 -46.59 13.41
C ALA K 169 -8.93 -47.36 14.49
N ARG K 170 -7.69 -46.98 14.81
CA ARG K 170 -6.97 -47.68 15.87
C ARG K 170 -7.60 -47.43 17.24
N HIS K 171 -8.09 -46.22 17.47
CA HIS K 171 -8.66 -45.86 18.77
C HIS K 171 -10.17 -46.15 18.84
N THR K 172 -10.91 -45.82 17.80
CA THR K 172 -12.35 -46.03 17.79
C THR K 172 -12.73 -47.50 17.59
N GLY K 173 -11.78 -48.37 17.30
CA GLY K 173 -12.07 -49.78 17.12
C GLY K 173 -12.84 -50.11 15.86
N LYS K 174 -12.97 -49.17 14.93
CA LYS K 174 -13.69 -49.41 13.69
C LYS K 174 -12.70 -49.81 12.59
N ASP K 175 -13.21 -49.90 11.36
CA ASP K 175 -12.41 -50.21 10.20
C ASP K 175 -12.19 -48.96 9.36
N ALA K 176 -11.05 -48.91 8.67
CA ALA K 176 -10.69 -47.74 7.88
C ALA K 176 -11.71 -47.45 6.79
N GLY K 177 -12.39 -48.47 6.26
CA GLY K 177 -13.35 -48.25 5.20
C GLY K 177 -14.55 -47.43 5.65
N VAL K 178 -15.07 -47.72 6.84
CA VAL K 178 -16.22 -46.99 7.35
C VAL K 178 -15.86 -45.53 7.62
N ILE K 179 -14.68 -45.29 8.19
CA ILE K 179 -14.26 -43.92 8.46
C ILE K 179 -14.00 -43.17 7.17
N ARG K 180 -13.48 -43.86 6.14
CA ARG K 180 -13.28 -43.21 4.85
C ARG K 180 -14.62 -42.89 4.18
N LYS K 181 -15.61 -43.76 4.37
CA LYS K 181 -16.94 -43.49 3.84
C LYS K 181 -17.62 -42.33 4.56
N ASP K 182 -17.35 -42.18 5.86
CA ASP K 182 -17.91 -41.07 6.62
C ASP K 182 -17.06 -39.81 6.55
N THR K 183 -15.89 -39.86 5.91
CA THR K 183 -15.01 -38.70 5.83
C THR K 183 -15.22 -37.87 4.57
N ASP K 184 -15.59 -38.51 3.45
CA ASP K 184 -15.74 -37.77 2.19
C ASP K 184 -16.79 -36.66 2.33
N ARG K 185 -17.82 -36.89 3.13
CA ARG K 185 -18.81 -35.86 3.40
C ARG K 185 -18.43 -35.10 4.67
N ASP K 186 -18.94 -33.87 4.77
CA ASP K 186 -18.68 -33.02 5.93
C ASP K 186 -19.53 -33.50 7.10
N LYS K 187 -19.04 -34.55 7.76
CA LYS K 187 -19.76 -35.14 8.87
C LYS K 187 -19.67 -34.24 10.10
N ILE K 188 -20.82 -33.98 10.72
CA ILE K 188 -20.91 -33.16 11.93
C ILE K 188 -21.48 -34.04 13.02
N LEU K 189 -20.64 -34.44 13.96
CA LEU K 189 -21.02 -35.32 15.06
C LEU K 189 -21.31 -34.49 16.31
N THR K 190 -22.42 -34.79 16.97
CA THR K 190 -22.78 -34.15 18.22
C THR K 190 -22.17 -34.92 19.39
N ALA K 191 -22.33 -34.36 20.60
CA ALA K 191 -21.80 -35.03 21.79
C ALA K 191 -22.45 -36.38 22.02
N GLU K 192 -23.73 -36.50 21.70
CA GLU K 192 -24.42 -37.78 21.86
C GLU K 192 -24.13 -38.73 20.71
N GLU K 193 -23.84 -38.21 19.52
CA GLU K 193 -23.53 -39.05 18.37
C GLU K 193 -22.07 -39.49 18.35
N ALA K 194 -21.22 -38.87 19.16
CA ALA K 194 -19.81 -39.22 19.22
C ALA K 194 -19.48 -40.21 20.34
N LYS K 195 -20.41 -40.43 21.27
CA LYS K 195 -20.15 -41.38 22.35
C LYS K 195 -20.20 -42.82 21.83
N ASP K 196 -21.21 -43.15 21.04
CA ASP K 196 -21.32 -44.46 20.44
C ASP K 196 -20.47 -44.62 19.19
N TYR K 197 -19.81 -43.55 18.75
CA TYR K 197 -18.96 -43.62 17.55
C TYR K 197 -17.56 -44.14 17.88
N GLY K 198 -17.11 -43.96 19.11
CA GLY K 198 -15.80 -44.41 19.53
C GLY K 198 -14.81 -43.31 19.84
N ILE K 199 -15.16 -42.05 19.61
CA ILE K 199 -14.24 -40.95 19.87
C ILE K 199 -14.21 -40.63 21.37
N ILE K 200 -15.35 -40.26 21.93
CA ILE K 200 -15.46 -39.95 23.34
C ILE K 200 -16.13 -41.12 24.05
N ASP K 201 -15.89 -41.22 25.36
CA ASP K 201 -16.42 -42.30 26.17
C ASP K 201 -17.54 -41.86 27.11
N THR K 202 -17.58 -40.60 27.51
CA THR K 202 -18.60 -40.11 28.42
C THR K 202 -18.86 -38.64 28.14
N VAL K 203 -20.11 -38.22 28.33
CA VAL K 203 -20.51 -36.83 28.14
C VAL K 203 -20.70 -36.19 29.51
N LEU K 204 -20.08 -35.03 29.70
CA LEU K 204 -20.14 -34.35 30.99
C LEU K 204 -21.51 -33.71 31.19
N GLU K 205 -22.05 -33.85 32.39
CA GLU K 205 -23.33 -33.28 32.77
C GLU K 205 -23.13 -31.95 33.49
N TYR K 206 -24.23 -31.23 33.68
CA TYR K 206 -24.18 -29.93 34.35
C TYR K 206 -24.11 -30.14 35.86
N ARG K 207 -23.16 -29.44 36.49
CA ARG K 207 -22.96 -29.51 37.93
C ARG K 207 -23.56 -28.32 38.68
N LYS K 208 -24.67 -27.78 38.18
CA LYS K 208 -25.30 -26.63 38.81
C LYS K 208 -26.07 -27.07 40.05
N LEU K 209 -25.86 -26.36 41.15
CA LEU K 209 -26.57 -26.64 42.40
C LEU K 209 -27.96 -26.02 42.44
N SER K 210 -28.32 -25.21 41.45
CA SER K 210 -29.63 -24.58 41.42
C SER K 210 -30.09 -24.37 39.98
N SER L 30 16.86 2.71 35.87
CA SER L 30 15.68 3.27 35.23
C SER L 30 16.05 4.39 34.28
N ASN L 31 15.06 4.86 33.51
CA ASN L 31 15.31 5.94 32.56
C ASN L 31 15.60 7.25 33.31
N PRO L 32 16.36 8.16 32.70
CA PRO L 32 16.64 9.44 33.37
C PRO L 32 15.42 10.29 33.63
N TYR L 33 14.31 10.05 32.91
CA TYR L 33 13.09 10.80 33.17
C TYR L 33 12.54 10.51 34.55
N ASN L 34 12.65 9.26 35.00
CA ASN L 34 12.20 8.93 36.35
C ASN L 34 13.09 9.58 37.40
N LYS L 35 14.41 9.59 37.18
CA LYS L 35 15.32 10.24 38.12
C LYS L 35 15.10 11.74 38.15
N LEU L 36 14.65 12.33 37.04
CA LEU L 36 14.30 13.75 37.05
C LEU L 36 13.00 14.00 37.79
N PHE L 37 11.98 13.17 37.52
CA PHE L 37 10.70 13.33 38.21
C PHE L 37 10.84 13.11 39.71
N GLU L 38 11.81 12.31 40.13
CA GLU L 38 12.07 12.14 41.55
C GLU L 38 12.51 13.45 42.19
N GLU L 39 13.15 14.34 41.44
CA GLU L 39 13.52 15.67 41.91
C GLU L 39 12.46 16.71 41.55
N ARG L 40 11.25 16.28 41.23
CA ARG L 40 10.14 17.16 40.87
C ARG L 40 10.48 18.00 39.64
N ILE L 41 10.90 17.31 38.58
CA ILE L 41 11.26 17.93 37.32
C ILE L 41 10.29 17.42 36.26
N ILE L 42 9.56 18.33 35.63
CA ILE L 42 8.60 17.99 34.57
C ILE L 42 9.23 18.41 33.25
N PHE L 43 9.76 17.44 32.52
CA PHE L 43 10.40 17.69 31.22
C PHE L 43 9.32 17.60 30.15
N LEU L 44 8.83 18.76 29.71
CA LEU L 44 7.81 18.81 28.67
C LEU L 44 8.39 18.30 27.35
N GLY L 45 7.70 17.36 26.73
CA GLY L 45 8.13 16.81 25.47
C GLY L 45 7.95 17.79 24.32
N VAL L 46 8.17 17.29 23.12
CA VAL L 46 8.09 18.08 21.91
C VAL L 46 6.73 17.85 21.24
N GLN L 47 6.22 18.90 20.60
CA GLN L 47 4.94 18.86 19.89
C GLN L 47 3.82 18.39 20.82
N VAL L 48 3.55 19.21 21.83
CA VAL L 48 2.48 18.91 22.78
C VAL L 48 1.14 18.98 22.06
N ASP L 49 0.29 17.99 22.31
CA ASP L 49 -1.03 17.92 21.69
C ASP L 49 -2.07 17.43 22.68
N ASP L 50 -3.24 17.03 22.17
CA ASP L 50 -4.29 16.52 23.03
C ASP L 50 -3.87 15.26 23.78
N ALA L 51 -2.97 14.46 23.21
CA ALA L 51 -2.54 13.23 23.86
C ALA L 51 -1.34 13.43 24.77
N SER L 52 -0.49 14.42 24.47
CA SER L 52 0.70 14.69 25.28
C SER L 52 0.43 15.67 26.43
N ALA L 53 -0.80 16.17 26.55
CA ALA L 53 -1.16 17.08 27.64
C ALA L 53 -1.70 16.35 28.85
N ASN L 54 -2.35 15.20 28.67
CA ASN L 54 -2.86 14.43 29.81
C ASN L 54 -1.73 13.84 30.65
N ASP L 55 -0.52 13.73 30.09
CA ASP L 55 0.62 13.24 30.85
C ASP L 55 1.32 14.34 31.63
N ILE L 56 1.34 15.57 31.11
CA ILE L 56 1.94 16.67 31.84
C ILE L 56 0.96 17.24 32.87
N MET L 57 -0.34 17.12 32.62
CA MET L 57 -1.33 17.54 33.61
C MET L 57 -1.48 16.53 34.75
N ALA L 58 -1.05 15.28 34.53
CA ALA L 58 -1.09 14.29 35.60
C ALA L 58 0.12 14.40 36.52
N GLN L 59 1.25 14.89 35.99
CA GLN L 59 2.44 15.06 36.83
C GLN L 59 2.32 16.30 37.72
N LEU L 60 1.57 17.31 37.28
CA LEU L 60 1.36 18.50 38.10
C LEU L 60 0.43 18.23 39.27
N LEU L 61 -0.36 17.16 39.21
CA LEU L 61 -1.25 16.79 40.31
C LEU L 61 -0.64 15.79 41.27
N VAL L 62 0.42 15.10 40.86
CA VAL L 62 1.09 14.16 41.75
C VAL L 62 2.10 14.89 42.63
N LEU L 63 2.92 15.76 42.03
CA LEU L 63 3.91 16.51 42.78
C LEU L 63 3.27 17.54 43.71
N GLU L 64 2.03 17.96 43.43
CA GLU L 64 1.36 18.92 44.30
C GLU L 64 0.83 18.26 45.56
N SER L 65 0.43 16.98 45.48
CA SER L 65 -0.07 16.28 46.66
C SER L 65 1.05 15.67 47.49
N LEU L 66 2.22 15.42 46.90
CA LEU L 66 3.32 14.84 47.65
C LEU L 66 3.99 15.87 48.55
N ASP L 67 4.40 17.01 47.99
CA ASP L 67 5.14 18.03 48.73
C ASP L 67 4.67 19.39 48.22
N PRO L 68 3.83 20.09 48.99
CA PRO L 68 3.13 21.26 48.45
C PRO L 68 3.88 22.59 48.56
N ASP L 69 5.00 22.67 49.26
CA ASP L 69 5.73 23.93 49.37
C ASP L 69 7.01 23.96 48.55
N ARG L 70 7.56 22.80 48.19
CA ARG L 70 8.73 22.76 47.32
C ARG L 70 8.33 23.10 45.89
N ASP L 71 9.14 23.94 45.24
CA ASP L 71 8.83 24.38 43.89
C ASP L 71 8.97 23.23 42.89
N ILE L 72 8.37 23.42 41.73
CA ILE L 72 8.43 22.47 40.63
C ILE L 72 9.02 23.18 39.41
N THR L 73 10.13 22.65 38.91
CA THR L 73 10.78 23.21 37.74
C THR L 73 10.34 22.48 36.48
N MET L 74 10.30 23.20 35.36
CA MET L 74 9.84 22.66 34.09
C MET L 74 10.79 23.10 33.00
N TYR L 75 11.43 22.14 32.36
CA TYR L 75 12.33 22.42 31.24
C TYR L 75 11.51 22.45 29.95
N ILE L 76 11.50 23.60 29.30
CA ILE L 76 10.65 23.85 28.13
C ILE L 76 11.43 23.52 26.88
N ASN L 77 10.91 22.58 26.09
CA ASN L 77 11.53 22.24 24.80
C ASN L 77 10.43 21.63 23.92
N SER L 78 9.88 22.44 23.02
CA SER L 78 8.84 21.98 22.10
C SER L 78 8.71 22.94 20.93
N PRO L 79 8.75 22.45 19.69
CA PRO L 79 8.61 23.31 18.51
C PRO L 79 7.16 23.56 18.11
N GLY L 80 6.36 24.04 19.07
CA GLY L 80 4.96 24.36 18.81
C GLY L 80 4.03 23.27 19.30
N GLY L 81 2.74 23.52 19.08
CA GLY L 81 1.71 22.58 19.49
C GLY L 81 0.34 23.17 19.28
N GLY L 82 -0.65 22.50 19.85
CA GLY L 82 -2.03 22.93 19.76
C GLY L 82 -2.35 24.04 20.75
N PHE L 83 -3.64 24.38 20.81
CA PHE L 83 -4.09 25.43 21.72
C PHE L 83 -5.25 24.93 22.58
N THR L 84 -6.00 23.95 22.08
CA THR L 84 -7.10 23.40 22.86
C THR L 84 -6.61 22.75 24.14
N SER L 85 -5.39 22.20 24.12
CA SER L 85 -4.78 21.64 25.31
C SER L 85 -3.84 22.61 26.01
N LEU L 86 -3.53 23.75 25.38
CA LEU L 86 -2.64 24.73 26.00
C LEU L 86 -3.31 25.39 27.19
N MET L 87 -4.57 25.82 27.02
CA MET L 87 -5.31 26.45 28.11
C MET L 87 -5.63 25.46 29.23
N ALA L 88 -5.56 24.15 28.97
CA ALA L 88 -5.76 23.17 30.02
C ALA L 88 -4.53 23.00 30.90
N ILE L 89 -3.35 23.32 30.38
CA ILE L 89 -2.13 23.27 31.17
C ILE L 89 -1.81 24.63 31.79
N TYR L 90 -2.23 25.73 31.14
CA TYR L 90 -1.95 27.06 31.66
C TYR L 90 -2.60 27.26 33.02
N ASP L 91 -3.91 27.03 33.11
CA ASP L 91 -4.60 27.19 34.39
C ASP L 91 -4.18 26.12 35.39
N THR L 92 -3.77 24.94 34.90
CA THR L 92 -3.29 23.90 35.79
C THR L 92 -2.00 24.32 36.48
N MET L 93 -1.11 25.00 35.75
CA MET L 93 0.10 25.54 36.37
C MET L 93 -0.23 26.65 37.37
N GLN L 94 -1.33 27.37 37.14
CA GLN L 94 -1.77 28.43 38.04
C GLN L 94 -2.69 27.94 39.14
N TYR L 95 -3.04 26.64 39.14
CA TYR L 95 -3.92 26.07 40.15
C TYR L 95 -3.16 25.37 41.27
N VAL L 96 -2.01 24.78 40.97
CA VAL L 96 -1.23 24.10 42.01
C VAL L 96 -0.63 25.13 42.96
N ARG L 97 -0.40 24.69 44.20
CA ARG L 97 0.17 25.58 45.20
C ARG L 97 1.69 25.69 45.08
N ALA L 98 2.35 24.71 44.49
CA ALA L 98 3.80 24.77 44.32
C ALA L 98 4.16 25.75 43.21
N ASP L 99 5.24 26.50 43.42
CA ASP L 99 5.67 27.49 42.45
C ASP L 99 6.34 26.82 41.26
N ILE L 100 6.12 27.39 40.08
CA ILE L 100 6.62 26.84 38.83
C ILE L 100 7.84 27.64 38.40
N GLN L 101 8.93 26.93 38.13
CA GLN L 101 10.19 27.54 37.67
C GLN L 101 10.43 27.06 36.24
N THR L 102 10.12 27.90 35.27
CA THR L 102 10.23 27.55 33.86
C THR L 102 11.62 27.89 33.35
N VAL L 103 12.31 26.90 32.79
CA VAL L 103 13.63 27.06 32.19
C VAL L 103 13.54 26.65 30.73
N CYS L 104 13.75 27.61 29.83
CA CYS L 104 13.62 27.37 28.41
C CYS L 104 14.87 26.69 27.86
N LEU L 105 14.68 25.52 27.25
CA LEU L 105 15.77 24.78 26.62
C LEU L 105 15.47 24.67 25.12
N GLY L 106 16.26 25.36 24.30
CA GLY L 106 16.08 25.29 22.87
C GLY L 106 15.24 26.40 22.29
N GLN L 107 13.96 26.11 22.02
CA GLN L 107 13.07 27.07 21.39
C GLN L 107 11.66 26.91 21.94
N ALA L 108 10.77 27.79 21.51
CA ALA L 108 9.36 27.75 21.91
C ALA L 108 8.55 28.40 20.80
N ALA L 109 7.86 27.59 19.99
CA ALA L 109 7.21 28.08 18.77
C ALA L 109 5.75 28.41 19.07
N SER L 110 5.54 29.58 19.66
CA SER L 110 4.24 30.23 19.86
C SER L 110 3.32 29.49 20.81
N ALA L 111 3.72 28.33 21.33
CA ALA L 111 2.89 27.58 22.26
C ALA L 111 3.57 27.38 23.61
N ALA L 112 4.86 27.03 23.62
CA ALA L 112 5.58 26.89 24.87
C ALA L 112 6.00 28.22 25.48
N ALA L 113 5.94 29.30 24.71
CA ALA L 113 6.26 30.62 25.25
C ALA L 113 5.24 31.07 26.28
N VAL L 114 3.97 30.71 26.09
CA VAL L 114 2.94 31.06 27.07
C VAL L 114 3.21 30.34 28.39
N LEU L 115 3.58 29.06 28.33
CA LEU L 115 3.93 28.34 29.55
C LEU L 115 5.22 28.85 30.16
N LEU L 116 6.15 29.34 29.33
CA LEU L 116 7.38 29.91 29.85
C LEU L 116 7.11 31.23 30.59
N ALA L 117 6.15 32.00 30.09
CA ALA L 117 5.79 33.28 30.72
C ALA L 117 4.77 33.11 31.83
N ALA L 118 4.15 31.95 31.97
CA ALA L 118 3.17 31.69 33.02
C ALA L 118 3.80 31.21 34.32
N GLY L 119 5.12 31.11 34.38
CA GLY L 119 5.79 30.67 35.59
C GLY L 119 5.80 31.73 36.66
N THR L 120 6.47 31.41 37.75
CA THR L 120 6.57 32.34 38.87
C THR L 120 7.44 33.54 38.49
N PRO L 121 7.00 34.76 38.77
CA PRO L 121 7.85 35.92 38.49
C PRO L 121 9.14 35.87 39.29
N GLY L 122 10.27 36.05 38.60
CA GLY L 122 11.57 35.94 39.20
C GLY L 122 12.21 34.58 39.09
N LYS L 123 11.48 33.56 38.62
CA LYS L 123 12.01 32.22 38.44
C LYS L 123 11.92 31.75 36.99
N ARG L 124 11.62 32.65 36.06
CA ARG L 124 11.53 32.29 34.64
C ARG L 124 12.90 32.49 34.02
N MET L 125 13.61 31.38 33.81
CA MET L 125 14.97 31.40 33.27
C MET L 125 14.98 30.87 31.85
N ALA L 126 16.11 31.10 31.17
CA ALA L 126 16.27 30.67 29.79
C ALA L 126 17.75 30.66 29.46
N LEU L 127 18.17 29.65 28.69
CA LEU L 127 19.56 29.55 28.28
C LEU L 127 19.90 30.67 27.29
N PRO L 128 21.18 31.08 27.21
CA PRO L 128 21.54 32.19 26.33
C PRO L 128 21.35 31.91 24.84
N ASN L 129 21.06 30.67 24.46
CA ASN L 129 20.82 30.31 23.06
C ASN L 129 19.36 29.90 22.83
N ALA L 130 18.44 30.54 23.54
CA ALA L 130 17.03 30.24 23.41
C ALA L 130 16.41 31.05 22.27
N ARG L 131 15.34 30.50 21.69
CA ARG L 131 14.61 31.13 20.59
C ARG L 131 13.13 31.14 20.95
N VAL L 132 12.70 32.19 21.63
CA VAL L 132 11.30 32.33 22.02
C VAL L 132 10.53 32.85 20.81
N LEU L 133 9.88 31.95 20.08
CA LEU L 133 9.13 32.30 18.89
C LEU L 133 7.69 32.65 19.25
N ILE L 134 7.18 33.72 18.63
CA ILE L 134 5.81 34.16 18.83
C ILE L 134 5.21 34.39 17.44
N HIS L 135 4.30 33.51 17.03
CA HIS L 135 3.67 33.60 15.72
C HIS L 135 2.20 33.18 15.87
N GLN L 136 1.54 33.00 14.73
CA GLN L 136 0.12 32.66 14.74
C GLN L 136 -0.07 31.21 15.14
N PRO L 137 -0.95 30.90 16.08
CA PRO L 137 -1.22 29.51 16.45
C PRO L 137 -2.16 28.84 15.44
N SER L 138 -2.27 27.53 15.56
CA SER L 138 -3.14 26.75 14.69
C SER L 138 -4.51 26.55 15.31
N SER L 148 -21.63 24.89 8.81
CA SER L 148 -20.51 25.68 8.30
C SER L 148 -19.25 25.44 9.13
N ASP L 149 -18.13 25.20 8.44
CA ASP L 149 -16.85 24.99 9.09
C ASP L 149 -15.82 26.04 8.68
N LEU L 150 -16.27 27.16 8.13
CA LEU L 150 -15.38 28.26 7.72
C LEU L 150 -15.57 29.52 8.54
N GLU L 151 -16.82 29.87 8.88
CA GLU L 151 -17.06 31.04 9.72
C GLU L 151 -16.77 30.73 11.18
N ILE L 152 -17.32 29.62 11.70
CA ILE L 152 -17.11 29.26 13.10
C ILE L 152 -15.65 28.93 13.36
N GLN L 153 -14.95 28.39 12.35
CA GLN L 153 -13.53 28.11 12.52
C GLN L 153 -12.73 29.40 12.69
N ALA L 154 -13.00 30.39 11.83
CA ALA L 154 -12.33 31.67 11.95
C ALA L 154 -12.69 32.36 13.26
N ALA L 155 -13.94 32.21 13.71
CA ALA L 155 -14.36 32.80 14.98
C ALA L 155 -13.60 32.17 16.15
N GLU L 156 -13.48 30.84 16.16
CA GLU L 156 -12.73 30.17 17.22
C GLU L 156 -11.25 30.53 17.15
N ILE L 157 -10.71 30.70 15.95
CA ILE L 157 -9.31 31.09 15.81
C ILE L 157 -9.10 32.49 16.38
N GLU L 158 -9.98 33.43 16.05
CA GLU L 158 -9.87 34.77 16.60
C GLU L 158 -10.02 34.77 18.12
N ARG L 159 -10.93 33.94 18.64
CA ARG L 159 -11.13 33.86 20.08
C ARG L 159 -9.90 33.32 20.79
N MET L 160 -9.34 32.22 20.29
CA MET L 160 -8.13 31.68 20.91
C MET L 160 -6.94 32.63 20.74
N ARG L 161 -6.89 33.37 19.64
CA ARG L 161 -5.81 34.32 19.44
C ARG L 161 -5.89 35.46 20.47
N THR L 162 -7.07 36.06 20.63
CA THR L 162 -7.19 37.14 21.61
C THR L 162 -7.03 36.63 23.02
N LEU L 163 -7.43 35.38 23.29
CA LEU L 163 -7.19 34.80 24.61
C LEU L 163 -5.71 34.63 24.88
N MET L 164 -4.95 34.14 23.89
CA MET L 164 -3.50 34.01 24.04
C MET L 164 -2.85 35.38 24.23
N GLU L 165 -3.32 36.38 23.49
CA GLU L 165 -2.75 37.72 23.64
C GLU L 165 -3.03 38.30 25.01
N THR L 166 -4.24 38.11 25.53
CA THR L 166 -4.56 38.57 26.88
C THR L 166 -3.71 37.84 27.92
N THR L 167 -3.53 36.53 27.74
CA THR L 167 -2.70 35.77 28.68
C THR L 167 -1.25 36.26 28.65
N LEU L 168 -0.73 36.59 27.47
CA LEU L 168 0.64 37.07 27.36
C LEU L 168 0.77 38.47 27.95
N ALA L 169 -0.23 39.33 27.75
CA ALA L 169 -0.18 40.68 28.29
C ALA L 169 -0.39 40.71 29.79
N ARG L 170 -1.05 39.70 30.36
CA ARG L 170 -1.27 39.67 31.80
C ARG L 170 0.05 39.46 32.55
N HIS L 171 0.95 38.64 31.99
CA HIS L 171 2.21 38.34 32.66
C HIS L 171 3.32 39.31 32.28
N THR L 172 3.44 39.65 31.00
CA THR L 172 4.48 40.56 30.54
C THR L 172 4.21 42.02 30.89
N GLY L 173 3.04 42.33 31.44
CA GLY L 173 2.72 43.69 31.80
C GLY L 173 2.52 44.65 30.66
N LYS L 174 2.41 44.15 29.43
CA LYS L 174 2.21 44.99 28.26
C LYS L 174 0.73 45.09 27.94
N ASP L 175 0.42 45.70 26.80
CA ASP L 175 -0.94 45.83 26.31
C ASP L 175 -1.16 44.86 25.15
N ALA L 176 -2.42 44.41 25.01
CA ALA L 176 -2.74 43.44 23.96
C ALA L 176 -2.46 43.97 22.56
N GLY L 177 -2.56 45.29 22.35
CA GLY L 177 -2.31 45.83 21.02
C GLY L 177 -0.88 45.63 20.57
N VAL L 178 0.08 45.86 21.46
CA VAL L 178 1.48 45.71 21.10
C VAL L 178 1.80 44.26 20.78
N ILE L 179 1.28 43.33 21.59
CA ILE L 179 1.54 41.92 21.35
C ILE L 179 0.86 41.47 20.06
N ARG L 180 -0.32 42.01 19.75
CA ARG L 180 -0.96 41.68 18.48
C ARG L 180 -0.19 42.23 17.30
N LYS L 181 0.41 43.42 17.46
CA LYS L 181 1.24 43.98 16.40
C LYS L 181 2.51 43.19 16.20
N ASP L 182 3.07 42.63 17.28
CA ASP L 182 4.26 41.81 17.18
C ASP L 182 3.96 40.34 16.86
N THR L 183 2.69 39.95 16.82
CA THR L 183 2.33 38.56 16.57
C THR L 183 2.07 38.26 15.09
N ASP L 184 1.55 39.24 14.34
CA ASP L 184 1.22 38.99 12.93
C ASP L 184 2.44 38.56 12.14
N ARG L 185 3.61 39.09 12.50
CA ARG L 185 4.86 38.66 11.88
C ARG L 185 5.50 37.54 12.69
N ASP L 186 6.34 36.74 12.03
CA ASP L 186 7.03 35.63 12.66
C ASP L 186 8.17 36.20 13.50
N LYS L 187 7.82 36.67 14.70
CA LYS L 187 8.81 37.26 15.59
C LYS L 187 9.69 36.18 16.20
N ILE L 188 11.00 36.40 16.14
CA ILE L 188 11.99 35.49 16.70
C ILE L 188 12.76 36.25 17.77
N LEU L 189 12.48 35.93 19.04
CA LEU L 189 13.10 36.61 20.17
C LEU L 189 14.28 35.78 20.69
N THR L 190 15.40 36.43 20.94
CA THR L 190 16.56 35.79 21.51
C THR L 190 16.49 35.86 23.04
N ALA L 191 17.44 35.20 23.70
CA ALA L 191 17.47 35.19 25.15
C ALA L 191 17.67 36.60 25.71
N GLU L 192 18.46 37.43 25.01
CA GLU L 192 18.68 38.79 25.46
C GLU L 192 17.52 39.71 25.09
N GLU L 193 16.82 39.41 24.00
CA GLU L 193 15.68 40.22 23.58
C GLU L 193 14.40 39.85 24.31
N ALA L 194 14.37 38.72 25.00
CA ALA L 194 13.20 38.29 25.76
C ALA L 194 13.24 38.69 27.22
N LYS L 195 14.41 39.13 27.73
CA LYS L 195 14.49 39.53 29.13
C LYS L 195 13.80 40.87 29.35
N ASP L 196 14.05 41.85 28.46
CA ASP L 196 13.39 43.14 28.54
C ASP L 196 12.00 43.13 27.92
N TYR L 197 11.57 42.00 27.34
CA TYR L 197 10.25 41.93 26.74
C TYR L 197 9.18 41.58 27.76
N GLY L 198 9.56 40.91 28.84
CA GLY L 198 8.62 40.53 29.89
C GLY L 198 8.37 39.05 30.01
N ILE L 199 8.91 38.22 29.12
CA ILE L 199 8.69 36.78 29.19
C ILE L 199 9.57 36.16 30.26
N ILE L 200 10.89 36.30 30.11
CA ILE L 200 11.84 35.77 31.06
C ILE L 200 12.38 36.91 31.92
N ASP L 201 12.89 36.57 33.10
CA ASP L 201 13.40 37.55 34.05
C ASP L 201 14.92 37.53 34.17
N THR L 202 15.56 36.40 33.91
CA THR L 202 17.01 36.30 34.03
C THR L 202 17.52 35.26 33.03
N VAL L 203 18.72 35.49 32.52
CA VAL L 203 19.38 34.58 31.58
C VAL L 203 20.45 33.82 32.32
N LEU L 204 20.46 32.50 32.19
CA LEU L 204 21.42 31.67 32.89
C LEU L 204 22.80 31.78 32.24
N GLU L 205 23.83 31.89 33.07
CA GLU L 205 25.20 31.96 32.62
C GLU L 205 25.86 30.59 32.68
N TYR L 206 27.05 30.49 32.08
CA TYR L 206 27.79 29.24 32.05
C TYR L 206 28.50 29.02 33.38
N ARG L 207 28.33 27.81 33.93
CA ARG L 207 28.94 27.44 35.22
C ARG L 207 30.17 26.58 35.04
N LYS L 208 30.94 26.81 33.96
CA LYS L 208 32.14 26.02 33.71
C LYS L 208 33.27 26.48 34.62
N LEU L 209 33.93 25.52 35.27
CA LEU L 209 35.07 25.84 36.13
C LEU L 209 36.36 26.00 35.35
N SER L 210 36.37 25.74 34.05
CA SER L 210 37.56 25.88 33.23
C SER L 210 37.20 26.26 31.80
N SER M 30 6.91 4.37 39.00
CA SER M 30 5.75 4.03 38.17
C SER M 30 5.19 5.28 37.49
N ASN M 31 4.25 5.07 36.57
CA ASN M 31 3.64 6.18 35.86
C ASN M 31 2.80 7.02 36.83
N PRO M 32 2.62 8.32 36.53
CA PRO M 32 1.80 9.16 37.42
C PRO M 32 0.34 8.73 37.48
N TYR M 33 -0.14 7.98 36.49
CA TYR M 33 -1.53 7.52 36.53
C TYR M 33 -1.74 6.56 37.69
N ASN M 34 -0.74 5.72 37.99
CA ASN M 34 -0.86 4.82 39.14
C ASN M 34 -0.86 5.60 40.45
N LYS M 35 0.00 6.61 40.55
CA LYS M 35 0.04 7.43 41.76
C LYS M 35 -1.25 8.23 41.93
N LEU M 36 -1.91 8.57 40.83
CA LEU M 36 -3.22 9.23 40.94
C LEU M 36 -4.29 8.23 41.37
N PHE M 37 -4.31 7.05 40.76
CA PHE M 37 -5.30 6.04 41.12
C PHE M 37 -5.13 5.59 42.56
N GLU M 38 -3.92 5.68 43.10
CA GLU M 38 -3.72 5.38 44.52
C GLU M 38 -4.48 6.35 45.41
N GLU M 39 -4.68 7.58 44.95
CA GLU M 39 -5.48 8.57 45.67
C GLU M 39 -6.94 8.56 45.20
N ARG M 40 -7.37 7.49 44.54
CA ARG M 40 -8.73 7.35 44.04
C ARG M 40 -9.08 8.47 43.05
N ILE M 41 -8.22 8.61 42.05
CA ILE M 41 -8.39 9.60 40.99
C ILE M 41 -8.55 8.86 39.67
N ILE M 42 -9.68 9.08 39.01
CA ILE M 42 -9.98 8.47 37.73
C ILE M 42 -9.81 9.53 36.66
N PHE M 43 -8.68 9.50 35.96
CA PHE M 43 -8.38 10.46 34.90
C PHE M 43 -8.95 9.93 33.59
N LEU M 44 -10.12 10.42 33.20
CA LEU M 44 -10.74 9.98 31.96
C LEU M 44 -9.91 10.44 30.77
N GLY M 45 -9.60 9.51 29.88
CA GLY M 45 -8.82 9.81 28.70
C GLY M 45 -9.62 10.61 27.68
N VAL M 46 -9.02 10.78 26.51
CA VAL M 46 -9.61 11.54 25.43
C VAL M 46 -10.26 10.59 24.43
N GLN M 47 -11.35 11.06 23.81
CA GLN M 47 -12.10 10.29 22.82
C GLN M 47 -12.53 8.94 23.38
N VAL M 48 -13.39 8.99 24.41
CA VAL M 48 -13.92 7.78 25.01
C VAL M 48 -14.79 7.04 24.01
N ASP M 49 -14.60 5.73 23.91
CA ASP M 49 -15.36 4.91 22.98
C ASP M 49 -15.72 3.57 23.62
N ASP M 50 -16.14 2.60 22.80
CA ASP M 50 -16.48 1.28 23.29
C ASP M 50 -15.30 0.60 23.96
N ALA M 51 -14.07 0.88 23.53
CA ALA M 51 -12.90 0.24 24.10
C ALA M 51 -12.33 1.00 25.29
N SER M 52 -12.52 2.32 25.35
CA SER M 52 -12.02 3.14 26.45
C SER M 52 -12.99 3.25 27.60
N ALA M 53 -14.18 2.65 27.49
CA ALA M 53 -15.17 2.67 28.56
C ALA M 53 -15.04 1.49 29.51
N ASN M 54 -14.57 0.34 29.03
CA ASN M 54 -14.38 -0.81 29.90
C ASN M 54 -13.25 -0.60 30.90
N ASP M 55 -12.36 0.35 30.64
CA ASP M 55 -11.29 0.67 31.59
C ASP M 55 -11.74 1.66 32.65
N ILE M 56 -12.62 2.59 32.31
CA ILE M 56 -13.11 3.54 33.30
C ILE M 56 -14.23 2.91 34.12
N MET M 57 -14.98 1.96 33.55
CA MET M 57 -15.99 1.25 34.33
C MET M 57 -15.38 0.19 35.25
N ALA M 58 -14.15 -0.23 34.98
CA ALA M 58 -13.49 -1.18 35.87
C ALA M 58 -12.84 -0.48 37.06
N GLN M 59 -12.45 0.78 36.90
CA GLN M 59 -11.88 1.53 38.01
C GLN M 59 -12.94 2.00 39.00
N LEU M 60 -14.17 2.22 38.52
CA LEU M 60 -15.26 2.59 39.42
C LEU M 60 -15.72 1.44 40.28
N LEU M 61 -15.41 0.20 39.90
CA LEU M 61 -15.78 -0.97 40.69
C LEU M 61 -14.68 -1.43 41.63
N VAL M 62 -13.44 -1.00 41.40
CA VAL M 62 -12.35 -1.34 42.30
C VAL M 62 -12.32 -0.37 43.49
N LEU M 63 -12.41 0.93 43.21
CA LEU M 63 -12.38 1.91 44.28
C LEU M 63 -13.63 1.86 45.15
N GLU M 64 -14.74 1.32 44.64
CA GLU M 64 -15.95 1.20 45.44
C GLU M 64 -15.87 0.05 46.44
N SER M 65 -15.16 -1.01 46.10
CA SER M 65 -15.02 -2.14 47.02
C SER M 65 -13.89 -1.94 48.01
N LEU M 66 -12.90 -1.10 47.69
CA LEU M 66 -11.78 -0.87 48.60
C LEU M 66 -12.20 0.02 49.77
N ASP M 67 -12.76 1.19 49.47
CA ASP M 67 -13.11 2.17 50.50
C ASP M 67 -14.42 2.84 50.07
N PRO M 68 -15.54 2.49 50.70
CA PRO M 68 -16.85 2.86 50.16
C PRO M 68 -17.38 4.21 50.60
N ASP M 69 -16.76 4.89 51.57
CA ASP M 69 -17.25 6.19 52.02
C ASP M 69 -16.40 7.35 51.55
N ARG M 70 -15.14 7.12 51.18
CA ARG M 70 -14.31 8.17 50.63
C ARG M 70 -14.73 8.48 49.19
N ASP M 71 -14.80 9.77 48.88
CA ASP M 71 -15.26 10.19 47.55
C ASP M 71 -14.23 9.82 46.48
N ILE M 72 -14.70 9.83 45.23
CA ILE M 72 -13.86 9.56 44.07
C ILE M 72 -13.95 10.76 43.15
N THR M 73 -12.80 11.37 42.86
CA THR M 73 -12.73 12.51 41.97
C THR M 73 -12.38 12.06 40.56
N MET M 74 -12.89 12.79 39.57
CA MET M 74 -12.70 12.45 38.16
C MET M 74 -12.36 13.72 37.40
N TYR M 75 -11.16 13.74 36.82
CA TYR M 75 -10.73 14.87 36.00
C TYR M 75 -11.20 14.64 34.56
N ILE M 76 -12.06 15.54 34.07
CA ILE M 76 -12.72 15.40 32.79
C ILE M 76 -11.89 16.09 31.72
N ASN M 77 -11.45 15.32 30.71
CA ASN M 77 -10.73 15.90 29.58
C ASN M 77 -10.91 14.95 28.39
N SER M 78 -11.83 15.31 27.49
CA SER M 78 -12.09 14.51 26.30
C SER M 78 -12.85 15.34 25.27
N PRO M 79 -12.37 15.39 24.01
CA PRO M 79 -13.04 16.16 22.97
C PRO M 79 -14.15 15.37 22.26
N GLY M 80 -15.08 14.85 23.04
CA GLY M 80 -16.21 14.10 22.50
C GLY M 80 -16.02 12.60 22.60
N GLY M 81 -17.03 11.89 22.11
CA GLY M 81 -17.00 10.45 22.13
C GLY M 81 -18.32 9.88 21.67
N GLY M 82 -18.49 8.58 21.91
CA GLY M 82 -19.70 7.88 21.54
C GLY M 82 -20.81 8.09 22.56
N PHE M 83 -21.91 7.36 22.34
CA PHE M 83 -23.06 7.45 23.24
C PHE M 83 -23.48 6.07 23.72
N THR M 84 -23.19 5.04 22.93
CA THR M 84 -23.52 3.68 23.34
C THR M 84 -22.79 3.28 24.61
N SER M 85 -21.58 3.81 24.82
CA SER M 85 -20.82 3.59 26.04
C SER M 85 -21.01 4.70 27.06
N LEU M 86 -21.63 5.81 26.67
CA LEU M 86 -21.84 6.91 27.61
C LEU M 86 -22.86 6.52 28.69
N MET M 87 -23.98 5.93 28.27
CA MET M 87 -24.99 5.50 29.22
C MET M 87 -24.53 4.34 30.09
N ALA M 88 -23.48 3.63 29.69
CA ALA M 88 -22.91 2.58 30.52
C ALA M 88 -22.05 3.13 31.64
N ILE M 89 -21.50 4.33 31.47
CA ILE M 89 -20.73 4.97 32.53
C ILE M 89 -21.59 5.89 33.37
N TYR M 90 -22.65 6.46 32.79
CA TYR M 90 -23.51 7.37 33.53
C TYR M 90 -24.18 6.66 34.71
N ASP M 91 -24.85 5.55 34.44
CA ASP M 91 -25.50 4.81 35.53
C ASP M 91 -24.47 4.16 36.44
N THR M 92 -23.29 3.84 35.93
CA THR M 92 -22.24 3.29 36.77
C THR M 92 -21.76 4.30 37.80
N MET M 93 -21.66 5.58 37.40
CA MET M 93 -21.32 6.63 38.36
C MET M 93 -22.44 6.83 39.37
N GLN M 94 -23.68 6.55 38.98
CA GLN M 94 -24.83 6.67 39.88
C GLN M 94 -25.11 5.39 40.65
N TYR M 95 -24.36 4.31 40.40
CA TYR M 95 -24.56 3.05 41.08
C TYR M 95 -23.61 2.84 42.25
N VAL M 96 -22.39 3.39 42.18
CA VAL M 96 -21.44 3.24 43.27
C VAL M 96 -21.88 4.07 44.46
N ARG M 97 -21.48 3.63 45.66
CA ARG M 97 -21.84 4.34 46.87
C ARG M 97 -20.95 5.54 47.15
N ALA M 98 -19.73 5.55 46.60
CA ALA M 98 -18.84 6.68 46.80
C ALA M 98 -19.27 7.87 45.95
N ASP M 99 -19.17 9.06 46.51
CA ASP M 99 -19.58 10.27 45.81
C ASP M 99 -18.57 10.64 44.74
N ILE M 100 -19.07 11.17 43.63
CA ILE M 100 -18.25 11.51 42.46
C ILE M 100 -18.04 13.02 42.47
N GLN M 101 -16.78 13.43 42.38
CA GLN M 101 -16.41 14.84 42.32
C GLN M 101 -15.79 15.10 40.94
N THR M 102 -16.58 15.67 40.04
CA THR M 102 -16.15 15.91 38.67
C THR M 102 -15.47 17.27 38.55
N VAL M 103 -14.25 17.28 38.04
CA VAL M 103 -13.48 18.51 37.83
C VAL M 103 -13.14 18.57 36.35
N CYS M 104 -13.68 19.58 35.66
CA CYS M 104 -13.50 19.70 34.21
C CYS M 104 -12.14 20.32 33.92
N LEU M 105 -11.33 19.61 33.12
CA LEU M 105 -10.02 20.09 32.68
C LEU M 105 -10.04 20.21 31.16
N GLY M 106 -10.00 21.44 30.66
CA GLY M 106 -9.98 21.66 29.23
C GLY M 106 -11.35 21.90 28.61
N GLN M 107 -11.93 20.87 28.00
CA GLN M 107 -13.20 21.00 27.31
C GLN M 107 -14.01 19.73 27.47
N ALA M 108 -15.23 19.76 26.95
CA ALA M 108 -16.14 18.60 26.98
C ALA M 108 -17.09 18.74 25.81
N ALA M 109 -16.87 17.93 24.76
CA ALA M 109 -17.58 18.10 23.50
C ALA M 109 -18.79 17.17 23.46
N SER M 110 -19.86 17.61 24.14
CA SER M 110 -21.20 17.04 24.09
C SER M 110 -21.30 15.64 24.69
N ALA M 111 -20.19 15.05 25.13
CA ALA M 111 -20.21 13.73 25.74
C ALA M 111 -19.70 13.72 27.17
N ALA M 112 -18.61 14.44 27.45
CA ALA M 112 -18.10 14.53 28.81
C ALA M 112 -18.89 15.52 29.66
N ALA M 113 -19.71 16.38 29.04
CA ALA M 113 -20.53 17.30 29.82
C ALA M 113 -21.60 16.56 30.62
N VAL M 114 -22.13 15.47 30.08
CA VAL M 114 -23.11 14.68 30.81
C VAL M 114 -22.48 14.07 32.06
N LEU M 115 -21.26 13.55 31.93
CA LEU M 115 -20.56 13.00 33.09
C LEU M 115 -20.16 14.11 34.06
N LEU M 116 -19.87 15.30 33.55
CA LEU M 116 -19.55 16.42 34.43
C LEU M 116 -20.76 16.87 35.23
N ALA M 117 -21.95 16.80 34.63
CA ALA M 117 -23.19 17.18 35.30
C ALA M 117 -23.79 16.04 36.11
N ALA M 118 -23.31 14.81 35.94
CA ALA M 118 -23.82 13.66 36.67
C ALA M 118 -23.13 13.47 38.02
N GLY M 119 -22.19 14.34 38.38
CA GLY M 119 -21.50 14.22 39.65
C GLY M 119 -22.38 14.61 40.82
N THR M 120 -21.75 14.60 42.00
CA THR M 120 -22.47 14.96 43.21
C THR M 120 -22.80 16.45 43.21
N PRO M 121 -24.03 16.84 43.53
CA PRO M 121 -24.35 18.27 43.63
C PRO M 121 -23.51 18.95 44.70
N GLY M 122 -22.88 20.07 44.32
CA GLY M 122 -22.00 20.78 45.20
C GLY M 122 -20.54 20.41 45.07
N LYS M 123 -20.21 19.35 44.32
CA LYS M 123 -18.83 18.94 44.10
C LYS M 123 -18.45 18.96 42.63
N ARG M 124 -19.26 19.56 41.77
CA ARG M 124 -18.97 19.65 40.35
C ARG M 124 -18.19 20.94 40.11
N MET M 125 -16.88 20.81 39.93
CA MET M 125 -15.99 21.94 39.75
C MET M 125 -15.49 22.00 38.31
N ALA M 126 -14.90 23.14 37.96
CA ALA M 126 -14.37 23.35 36.62
C ALA M 126 -13.39 24.51 36.66
N LEU M 127 -12.31 24.38 35.89
CA LEU M 127 -11.31 25.44 35.82
C LEU M 127 -11.88 26.65 35.10
N PRO M 128 -11.36 27.85 35.39
CA PRO M 128 -11.92 29.06 34.77
C PRO M 128 -11.74 29.14 33.26
N ASN M 129 -10.96 28.25 32.65
CA ASN M 129 -10.76 28.22 31.21
C ASN M 129 -11.36 26.97 30.58
N ALA M 130 -12.49 26.52 31.11
CA ALA M 130 -13.17 25.33 30.62
C ALA M 130 -14.12 25.70 29.48
N ARG M 131 -14.35 24.74 28.58
CA ARG M 131 -15.24 24.92 27.43
C ARG M 131 -16.22 23.76 27.41
N VAL M 132 -17.34 23.93 28.10
CA VAL M 132 -18.39 22.90 28.16
C VAL M 132 -19.20 23.00 26.87
N LEU M 133 -18.89 22.14 25.90
CA LEU M 133 -19.57 22.15 24.62
C LEU M 133 -20.78 21.23 24.66
N ILE M 134 -21.88 21.70 24.08
CA ILE M 134 -23.12 20.94 23.98
C ILE M 134 -23.59 21.02 22.54
N HIS M 135 -23.49 19.92 21.81
CA HIS M 135 -23.89 19.87 20.41
C HIS M 135 -24.52 18.50 20.14
N GLN M 136 -24.75 18.21 18.87
CA GLN M 136 -25.41 16.98 18.49
C GLN M 136 -24.45 15.80 18.63
N PRO M 137 -24.85 14.72 19.28
CA PRO M 137 -23.98 13.54 19.39
C PRO M 137 -24.02 12.71 18.11
N SER M 138 -23.10 11.76 18.04
CA SER M 138 -23.01 10.87 16.88
C SER M 138 -23.78 9.58 17.12
N SER M 148 -33.19 -2.13 6.51
CA SER M 148 -33.03 -0.68 6.38
C SER M 148 -32.09 -0.13 7.45
N ASP M 149 -31.14 0.71 7.03
CA ASP M 149 -30.19 1.34 7.94
C ASP M 149 -30.30 2.86 7.94
N LEU M 150 -31.42 3.39 7.44
CA LEU M 150 -31.65 4.83 7.41
C LEU M 150 -32.78 5.28 8.31
N GLU M 151 -33.87 4.52 8.37
CA GLU M 151 -34.97 4.85 9.27
C GLU M 151 -34.63 4.47 10.71
N ILE M 152 -34.18 3.23 10.93
CA ILE M 152 -33.86 2.78 12.27
C ILE M 152 -32.67 3.56 12.84
N GLN M 153 -31.75 3.99 11.98
CA GLN M 153 -30.63 4.79 12.44
C GLN M 153 -31.11 6.14 12.96
N ALA M 154 -31.97 6.82 12.20
CA ALA M 154 -32.52 8.09 12.66
C ALA M 154 -33.37 7.91 13.91
N ALA M 155 -34.07 6.78 14.03
CA ALA M 155 -34.87 6.52 15.22
C ALA M 155 -33.99 6.36 16.44
N GLU M 156 -32.90 5.59 16.31
CA GLU M 156 -31.97 5.42 17.43
C GLU M 156 -31.28 6.74 17.77
N ILE M 157 -30.99 7.56 16.76
CA ILE M 157 -30.38 8.86 17.02
C ILE M 157 -31.33 9.76 17.79
N GLU M 158 -32.60 9.80 17.39
CA GLU M 158 -33.59 10.58 18.12
C GLU M 158 -33.77 10.07 19.55
N ARG M 159 -33.75 8.75 19.72
CA ARG M 159 -33.92 8.16 21.05
C ARG M 159 -32.76 8.53 21.96
N MET M 160 -31.52 8.37 21.47
CA MET M 160 -30.37 8.72 22.29
C MET M 160 -30.31 10.23 22.54
N ARG M 161 -30.78 11.04 21.58
CA ARG M 161 -30.80 12.48 21.78
C ARG M 161 -31.76 12.87 22.89
N THR M 162 -33.00 12.35 22.84
CA THR M 162 -33.95 12.69 23.88
C THR M 162 -33.55 12.10 25.23
N LEU M 163 -32.87 10.94 25.22
CA LEU M 163 -32.37 10.40 26.48
C LEU M 163 -31.29 11.29 27.07
N MET M 164 -30.37 11.78 26.25
CA MET M 164 -29.35 12.71 26.73
C MET M 164 -29.98 14.00 27.25
N GLU M 165 -31.01 14.50 26.55
CA GLU M 165 -31.65 15.73 27.00
C GLU M 165 -32.37 15.53 28.32
N THR M 166 -33.03 14.38 28.50
CA THR M 166 -33.67 14.09 29.79
C THR M 166 -32.63 13.95 30.89
N THR M 167 -31.50 13.31 30.60
CA THR M 167 -30.44 13.18 31.60
C THR M 167 -29.88 14.54 31.99
N LEU M 168 -29.72 15.43 31.02
CA LEU M 168 -29.20 16.77 31.32
C LEU M 168 -30.21 17.59 32.10
N ALA M 169 -31.50 17.46 31.76
CA ALA M 169 -32.52 18.23 32.48
C ALA M 169 -32.78 17.68 33.87
N ARG M 170 -32.48 16.41 34.13
CA ARG M 170 -32.68 15.86 35.46
C ARG M 170 -31.71 16.47 36.47
N HIS M 171 -30.47 16.75 36.05
CA HIS M 171 -29.47 17.29 36.95
C HIS M 171 -29.47 18.81 36.98
N THR M 172 -29.57 19.45 35.82
CA THR M 172 -29.56 20.91 35.75
C THR M 172 -30.86 21.55 36.21
N GLY M 173 -31.90 20.75 36.49
CA GLY M 173 -33.16 21.29 36.95
C GLY M 173 -33.94 22.07 35.92
N LYS M 174 -33.56 21.99 34.65
CA LYS M 174 -34.26 22.70 33.58
C LYS M 174 -35.28 21.77 32.92
N ASP M 175 -35.86 22.25 31.83
CA ASP M 175 -36.82 21.48 31.04
C ASP M 175 -36.15 21.01 29.76
N ALA M 176 -36.61 19.86 29.25
CA ALA M 176 -36.03 19.28 28.05
C ALA M 176 -36.15 20.19 26.84
N GLY M 177 -37.20 21.02 26.78
CA GLY M 177 -37.38 21.89 25.63
C GLY M 177 -36.28 22.93 25.51
N VAL M 178 -35.89 23.53 26.64
CA VAL M 178 -34.85 24.56 26.61
C VAL M 178 -33.51 23.95 26.21
N ILE M 179 -33.19 22.76 26.74
CA ILE M 179 -31.93 22.11 26.37
C ILE M 179 -31.96 21.69 24.91
N ARG M 180 -33.11 21.26 24.40
CA ARG M 180 -33.20 20.91 22.98
C ARG M 180 -33.05 22.15 22.10
N LYS M 181 -33.57 23.29 22.56
CA LYS M 181 -33.40 24.54 21.81
C LYS M 181 -31.95 25.01 21.83
N ASP M 182 -31.24 24.76 22.93
CA ASP M 182 -29.83 25.13 23.01
C ASP M 182 -28.90 24.07 22.46
N THR M 183 -29.42 22.90 22.05
CA THR M 183 -28.58 21.83 21.55
C THR M 183 -28.43 21.85 20.02
N ASP M 184 -29.46 22.29 19.30
CA ASP M 184 -29.41 22.27 17.84
C ASP M 184 -28.24 23.11 17.31
N ARG M 185 -27.90 24.19 18.01
CA ARG M 185 -26.74 24.98 17.65
C ARG M 185 -25.52 24.51 18.45
N ASP M 186 -24.33 24.80 17.91
CA ASP M 186 -23.08 24.42 18.55
C ASP M 186 -22.81 25.38 19.71
N LYS M 187 -23.48 25.10 20.84
CA LYS M 187 -23.35 25.95 22.01
C LYS M 187 -21.99 25.74 22.67
N ILE M 188 -21.31 26.84 22.96
CA ILE M 188 -20.01 26.82 23.62
C ILE M 188 -20.15 27.58 24.93
N LEU M 189 -20.18 26.85 26.04
CA LEU M 189 -20.35 27.43 27.37
C LEU M 189 -19.00 27.60 28.04
N THR M 190 -18.78 28.76 28.64
CA THR M 190 -17.57 29.03 29.39
C THR M 190 -17.76 28.62 30.85
N ALA M 191 -16.69 28.71 31.63
CA ALA M 191 -16.75 28.34 33.03
C ALA M 191 -17.73 29.23 33.80
N GLU M 192 -17.81 30.51 33.43
CA GLU M 192 -18.73 31.42 34.10
C GLU M 192 -20.16 31.27 33.56
N GLU M 193 -20.31 30.86 32.31
CA GLU M 193 -21.64 30.67 31.73
C GLU M 193 -22.24 29.31 32.08
N ALA M 194 -21.43 28.39 32.60
CA ALA M 194 -21.91 27.06 32.98
C ALA M 194 -22.28 26.95 34.45
N LYS M 195 -21.89 27.94 35.27
CA LYS M 195 -22.23 27.89 36.69
C LYS M 195 -23.71 28.17 36.91
N ASP M 196 -24.23 29.21 36.25
CA ASP M 196 -25.65 29.54 36.33
C ASP M 196 -26.50 28.69 35.39
N TYR M 197 -25.88 27.82 34.58
CA TYR M 197 -26.64 26.98 33.67
C TYR M 197 -27.13 25.71 34.35
N GLY M 198 -26.44 25.25 35.40
CA GLY M 198 -26.82 24.06 36.13
C GLY M 198 -25.87 22.90 36.00
N ILE M 199 -24.84 23.02 35.17
CA ILE M 199 -23.89 21.92 34.99
C ILE M 199 -22.90 21.88 36.15
N ILE M 200 -22.15 22.95 36.34
CA ILE M 200 -21.18 23.05 37.43
C ILE M 200 -21.77 23.94 38.53
N ASP M 201 -21.26 23.76 39.74
CA ASP M 201 -21.72 24.51 40.90
C ASP M 201 -20.74 25.56 41.39
N THR M 202 -19.44 25.38 41.14
CA THR M 202 -18.43 26.33 41.60
C THR M 202 -17.26 26.31 40.63
N VAL M 203 -16.63 27.47 40.46
CA VAL M 203 -15.46 27.61 39.60
C VAL M 203 -14.22 27.71 40.48
N LEU M 204 -13.21 26.90 40.18
CA LEU M 204 -11.99 26.88 40.97
C LEU M 204 -11.15 28.13 40.70
N GLU M 205 -10.62 28.72 41.76
CA GLU M 205 -9.77 29.89 41.67
C GLU M 205 -8.29 29.47 41.72
N TYR M 206 -7.42 30.43 41.42
CA TYR M 206 -5.99 30.17 41.41
C TYR M 206 -5.44 30.18 42.82
N ARG M 207 -4.66 29.15 43.17
CA ARG M 207 -4.07 29.01 44.49
C ARG M 207 -2.60 29.41 44.51
N LYS M 208 -2.21 30.38 43.69
CA LYS M 208 -0.83 30.83 43.64
C LYS M 208 -0.50 31.69 44.84
N LEU M 209 0.62 31.39 45.50
CA LEU M 209 1.07 32.18 46.65
C LEU M 209 1.82 33.43 46.24
N SER M 210 2.10 33.61 44.95
CA SER M 210 2.82 34.79 44.47
C SER M 210 2.38 35.15 43.06
N SER N 30 -1.09 -2.63 39.74
CA SER N 30 -1.54 -3.46 38.62
C SER N 30 -2.81 -2.88 37.99
N ASN N 31 -3.21 -3.45 36.85
CA ASN N 31 -4.40 -3.00 36.18
C ASN N 31 -5.65 -3.32 37.01
N PRO N 32 -6.73 -2.55 36.86
CA PRO N 32 -7.95 -2.85 37.63
C PRO N 32 -8.58 -4.19 37.27
N TYR N 33 -8.26 -4.76 36.11
CA TYR N 33 -8.80 -6.07 35.76
C TYR N 33 -8.28 -7.14 36.70
N ASN N 34 -7.01 -7.04 37.11
CA ASN N 34 -6.48 -8.00 38.07
C ASN N 34 -7.14 -7.85 39.44
N LYS N 35 -7.35 -6.60 39.87
CA LYS N 35 -8.03 -6.38 41.15
C LYS N 35 -9.47 -6.86 41.11
N LEU N 36 -10.11 -6.82 39.94
CA LEU N 36 -11.45 -7.38 39.81
C LEU N 36 -11.42 -8.91 39.84
N PHE N 37 -10.50 -9.51 39.09
CA PHE N 37 -10.39 -10.96 39.07
C PHE N 37 -10.02 -11.51 40.44
N GLU N 38 -9.33 -10.72 41.27
CA GLU N 38 -9.05 -11.14 42.63
C GLU N 38 -10.33 -11.32 43.43
N GLU N 39 -11.38 -10.55 43.11
CA GLU N 39 -12.68 -10.70 43.73
C GLU N 39 -13.60 -11.63 42.94
N ARG N 40 -13.03 -12.45 42.05
CA ARG N 40 -13.78 -13.40 41.22
C ARG N 40 -14.79 -12.68 40.34
N ILE N 41 -14.28 -11.69 39.60
CA ILE N 41 -15.08 -10.90 38.68
C ILE N 41 -14.56 -11.13 37.28
N ILE N 42 -15.42 -11.63 36.40
CA ILE N 42 -15.07 -11.90 35.01
C ILE N 42 -15.71 -10.82 34.16
N PHE N 43 -14.91 -9.82 33.75
CA PHE N 43 -15.39 -8.71 32.93
C PHE N 43 -15.27 -9.12 31.47
N LEU N 44 -16.39 -9.55 30.88
CA LEU N 44 -16.39 -9.94 29.48
C LEU N 44 -16.13 -8.74 28.59
N GLY N 45 -15.17 -8.86 27.69
CA GLY N 45 -14.83 -7.79 26.78
C GLY N 45 -15.90 -7.59 25.71
N VAL N 46 -15.56 -6.74 24.76
CA VAL N 46 -16.47 -6.38 23.67
C VAL N 46 -16.11 -7.19 22.43
N GLN N 47 -17.13 -7.51 21.64
CA GLN N 47 -16.98 -8.28 20.40
C GLN N 47 -16.26 -9.60 20.66
N VAL N 48 -16.93 -10.46 21.44
CA VAL N 48 -16.37 -11.77 21.75
C VAL N 48 -16.32 -12.61 20.47
N ASP N 49 -15.20 -13.28 20.25
CA ASP N 49 -15.01 -14.11 19.07
C ASP N 49 -14.27 -15.39 19.41
N ASP N 50 -13.75 -16.08 18.39
CA ASP N 50 -13.00 -17.32 18.62
C ASP N 50 -11.75 -17.07 19.46
N ALA N 51 -11.15 -15.88 19.37
CA ALA N 51 -9.94 -15.59 20.11
C ALA N 51 -10.21 -15.02 21.50
N SER N 52 -11.34 -14.33 21.68
CA SER N 52 -11.70 -13.74 22.97
C SER N 52 -12.47 -14.69 23.86
N ALA N 53 -12.79 -15.90 23.39
CA ALA N 53 -13.50 -16.88 24.18
C ALA N 53 -12.58 -17.80 24.97
N ASN N 54 -11.37 -18.06 24.46
CA ASN N 54 -10.42 -18.89 25.19
C ASN N 54 -9.91 -18.21 26.46
N ASP N 55 -10.04 -16.89 26.55
CA ASP N 55 -9.65 -16.17 27.76
C ASP N 55 -10.75 -16.14 28.80
N ILE N 56 -12.01 -16.10 28.39
CA ILE N 56 -13.09 -16.12 29.35
C ILE N 56 -13.40 -17.55 29.79
N MET N 57 -13.12 -18.54 28.94
CA MET N 57 -13.28 -19.93 29.34
C MET N 57 -12.14 -20.41 30.23
N ALA N 58 -11.00 -19.72 30.22
CA ALA N 58 -9.91 -20.08 31.11
C ALA N 58 -10.08 -19.49 32.50
N GLN N 59 -10.78 -18.35 32.61
CA GLN N 59 -11.05 -17.75 33.91
C GLN N 59 -12.14 -18.50 34.67
N LEU N 60 -13.08 -19.12 33.94
CA LEU N 60 -14.12 -19.90 34.59
C LEU N 60 -13.59 -21.22 35.16
N LEU N 61 -12.43 -21.67 34.70
CA LEU N 61 -11.82 -22.89 35.21
C LEU N 61 -10.82 -22.64 36.32
N VAL N 62 -10.33 -21.41 36.46
CA VAL N 62 -9.41 -21.08 37.55
C VAL N 62 -10.18 -20.76 38.82
N LEU N 63 -11.23 -19.92 38.70
CA LEU N 63 -12.02 -19.56 39.86
C LEU N 63 -12.84 -20.73 40.40
N GLU N 64 -13.11 -21.75 39.56
CA GLU N 64 -13.85 -22.91 40.03
C GLU N 64 -12.99 -23.84 40.86
N SER N 65 -11.70 -23.92 40.56
CA SER N 65 -10.80 -24.78 41.33
C SER N 65 -10.27 -24.10 42.59
N LEU N 66 -10.26 -22.76 42.62
CA LEU N 66 -9.76 -22.05 43.80
C LEU N 66 -10.77 -22.10 44.94
N ASP N 67 -12.01 -21.69 44.68
CA ASP N 67 -13.05 -21.59 45.70
C ASP N 67 -14.37 -21.99 45.08
N PRO N 68 -14.86 -23.20 45.36
CA PRO N 68 -15.97 -23.77 44.58
C PRO N 68 -17.37 -23.41 45.06
N ASP N 69 -17.53 -22.78 46.23
CA ASP N 69 -18.85 -22.43 46.71
C ASP N 69 -19.17 -20.95 46.61
N ARG N 70 -18.15 -20.09 46.53
CA ARG N 70 -18.38 -18.67 46.34
C ARG N 70 -18.81 -18.39 44.90
N ASP N 71 -19.82 -17.54 44.74
CA ASP N 71 -20.35 -17.25 43.43
C ASP N 71 -19.35 -16.45 42.59
N ILE N 72 -19.58 -16.45 41.28
CA ILE N 72 -18.78 -15.71 40.33
C ILE N 72 -19.69 -14.76 39.58
N THR N 73 -19.39 -13.46 39.65
CA THR N 73 -20.17 -12.45 38.96
C THR N 73 -19.51 -12.11 37.62
N MET N 74 -20.34 -11.75 36.66
CA MET N 74 -19.89 -11.45 35.30
C MET N 74 -20.58 -10.20 34.81
N TYR N 75 -19.80 -9.16 34.55
CA TYR N 75 -20.32 -7.90 34.01
C TYR N 75 -20.38 -8.01 32.49
N ILE N 76 -21.58 -7.91 31.93
CA ILE N 76 -21.83 -8.15 30.52
C ILE N 76 -21.75 -6.81 29.78
N ASN N 77 -20.83 -6.72 28.81
CA ASN N 77 -20.73 -5.53 27.98
C ASN N 77 -20.07 -5.95 26.66
N SER N 78 -20.89 -6.15 25.62
CA SER N 78 -20.39 -6.53 24.31
C SER N 78 -21.45 -6.26 23.25
N PRO N 79 -21.10 -5.55 22.16
CA PRO N 79 -22.06 -5.27 21.09
C PRO N 79 -22.14 -6.38 20.05
N GLY N 80 -22.39 -7.60 20.50
CA GLY N 80 -22.53 -8.75 19.62
C GLY N 80 -21.27 -9.58 19.56
N GLY N 81 -21.35 -10.64 18.75
CA GLY N 81 -20.24 -11.55 18.59
C GLY N 81 -20.64 -12.74 17.75
N GLY N 82 -19.76 -13.74 17.76
CA GLY N 82 -20.00 -14.97 17.03
C GLY N 82 -20.93 -15.91 17.77
N PHE N 83 -21.09 -17.11 17.21
CA PHE N 83 -21.94 -18.12 17.80
C PHE N 83 -21.20 -19.44 17.99
N THR N 84 -20.17 -19.67 17.16
CA THR N 84 -19.38 -20.89 17.29
C THR N 84 -18.67 -20.95 18.64
N SER N 85 -18.31 -19.80 19.19
CA SER N 85 -17.71 -19.72 20.52
C SER N 85 -18.74 -19.42 21.61
N LEU N 86 -19.96 -19.05 21.24
CA LEU N 86 -20.99 -18.76 22.23
C LEU N 86 -21.42 -20.03 22.97
N MET N 87 -21.68 -21.11 22.22
CA MET N 87 -22.06 -22.37 22.83
C MET N 87 -20.92 -23.01 23.63
N ALA N 88 -19.68 -22.59 23.40
CA ALA N 88 -18.56 -23.08 24.20
C ALA N 88 -18.49 -22.40 25.56
N ILE N 89 -19.02 -21.19 25.68
CA ILE N 89 -19.06 -20.51 26.97
C ILE N 89 -20.38 -20.78 27.70
N TYR N 90 -21.46 -21.02 26.96
CA TYR N 90 -22.76 -21.26 27.59
C TYR N 90 -22.72 -22.50 28.47
N ASP N 91 -22.30 -23.64 27.90
CA ASP N 91 -22.21 -24.86 28.69
C ASP N 91 -21.11 -24.78 29.73
N THR N 92 -20.07 -23.98 29.47
CA THR N 92 -19.01 -23.81 30.47
C THR N 92 -19.54 -23.09 31.70
N MET N 93 -20.41 -22.10 31.51
CA MET N 93 -21.05 -21.45 32.65
C MET N 93 -21.98 -22.39 33.38
N GLN N 94 -22.56 -23.37 32.69
CA GLN N 94 -23.43 -24.36 33.29
C GLN N 94 -22.69 -25.59 33.79
N TYR N 95 -21.38 -25.65 33.58
CA TYR N 95 -20.58 -26.79 34.03
C TYR N 95 -19.88 -26.54 35.35
N VAL N 96 -19.50 -25.30 35.64
CA VAL N 96 -18.82 -24.99 36.90
C VAL N 96 -19.82 -25.10 38.05
N ARG N 97 -19.29 -25.42 39.24
CA ARG N 97 -20.13 -25.56 40.42
C ARG N 97 -20.48 -24.22 41.05
N ALA N 98 -19.67 -23.19 40.82
CA ALA N 98 -19.97 -21.87 41.37
C ALA N 98 -21.09 -21.21 40.60
N ASP N 99 -21.97 -20.52 41.34
CA ASP N 99 -23.11 -19.86 40.72
C ASP N 99 -22.68 -18.60 39.99
N ILE N 100 -23.34 -18.33 38.86
CA ILE N 100 -23.01 -17.21 37.99
C ILE N 100 -24.02 -16.10 38.23
N GLN N 101 -23.51 -14.91 38.50
CA GLN N 101 -24.34 -13.72 38.72
C GLN N 101 -24.06 -12.74 37.58
N THR N 102 -24.95 -12.71 36.61
CA THR N 102 -24.77 -11.88 35.42
C THR N 102 -25.36 -10.49 35.65
N VAL N 103 -24.55 -9.46 35.46
CA VAL N 103 -24.97 -8.07 35.58
C VAL N 103 -24.71 -7.38 34.26
N CYS N 104 -25.79 -6.95 33.60
CA CYS N 104 -25.68 -6.35 32.27
C CYS N 104 -25.26 -4.89 32.39
N LEU N 105 -24.15 -4.55 31.73
CA LEU N 105 -23.65 -3.17 31.68
C LEU N 105 -23.67 -2.71 30.23
N GLY N 106 -24.54 -1.77 29.91
CA GLY N 106 -24.60 -1.23 28.57
C GLY N 106 -25.64 -1.90 27.69
N GLN N 107 -25.20 -2.82 26.83
CA GLN N 107 -26.08 -3.46 25.87
C GLN N 107 -25.66 -4.91 25.66
N ALA N 108 -26.44 -5.63 24.88
CA ALA N 108 -26.15 -7.02 24.54
C ALA N 108 -26.80 -7.31 23.19
N ALA N 109 -25.99 -7.39 22.14
CA ALA N 109 -26.50 -7.45 20.77
C ALA N 109 -26.59 -8.92 20.33
N SER N 110 -27.64 -9.59 20.78
CA SER N 110 -28.08 -10.92 20.34
C SER N 110 -27.10 -12.03 20.70
N ALA N 111 -25.97 -11.72 21.31
CA ALA N 111 -25.01 -12.74 21.73
C ALA N 111 -24.76 -12.76 23.22
N ALA N 112 -24.61 -11.59 23.84
CA ALA N 112 -24.43 -11.52 25.28
C ALA N 112 -25.74 -11.70 26.04
N ALA N 113 -26.88 -11.57 25.37
CA ALA N 113 -28.17 -11.79 26.04
C ALA N 113 -28.34 -13.24 26.45
N VAL N 114 -27.82 -14.18 25.66
CA VAL N 114 -27.90 -15.60 26.04
C VAL N 114 -27.11 -15.86 27.30
N LEU N 115 -25.91 -15.28 27.40
CA LEU N 115 -25.11 -15.42 28.61
C LEU N 115 -25.74 -14.69 29.79
N LEU N 116 -26.44 -13.59 29.52
CA LEU N 116 -27.12 -12.88 30.60
C LEU N 116 -28.30 -13.68 31.13
N ALA N 117 -28.98 -14.43 30.26
CA ALA N 117 -30.10 -15.26 30.67
C ALA N 117 -29.67 -16.64 31.15
N ALA N 118 -28.41 -17.02 30.93
CA ALA N 118 -27.91 -18.32 31.37
C ALA N 118 -27.39 -18.31 32.79
N GLY N 119 -27.47 -17.17 33.48
CA GLY N 119 -27.01 -17.09 34.85
C GLY N 119 -27.94 -17.78 35.83
N THR N 120 -27.60 -17.66 37.10
CA THR N 120 -28.40 -18.26 38.15
C THR N 120 -29.75 -17.55 38.26
N PRO N 121 -30.86 -18.28 38.33
CA PRO N 121 -32.16 -17.63 38.53
C PRO N 121 -32.19 -16.88 39.85
N GLY N 122 -32.62 -15.62 39.80
CA GLY N 122 -32.64 -14.75 40.96
C GLY N 122 -31.40 -13.89 41.12
N LYS N 123 -30.35 -14.13 40.34
CA LYS N 123 -29.13 -13.35 40.41
C LYS N 123 -28.81 -12.66 39.07
N ARG N 124 -29.74 -12.63 38.14
CA ARG N 124 -29.54 -11.98 36.85
C ARG N 124 -30.00 -10.54 36.97
N MET N 125 -29.04 -9.62 37.11
CA MET N 125 -29.32 -8.21 37.30
C MET N 125 -28.95 -7.43 36.03
N ALA N 126 -29.42 -6.18 36.00
CA ALA N 126 -29.17 -5.31 34.86
C ALA N 126 -29.41 -3.87 35.28
N LEU N 127 -28.57 -2.96 34.79
CA LEU N 127 -28.72 -1.56 35.11
C LEU N 127 -29.97 -1.00 34.42
N PRO N 128 -30.56 0.07 34.99
CA PRO N 128 -31.81 0.60 34.42
C PRO N 128 -31.67 1.18 33.02
N ASN N 129 -30.45 1.34 32.51
CA ASN N 129 -30.21 1.86 31.17
C ASN N 129 -29.62 0.79 30.25
N ALA N 130 -30.05 -0.46 30.44
CA ALA N 130 -29.56 -1.57 29.63
C ALA N 130 -30.39 -1.71 28.36
N ARG N 131 -29.75 -2.26 27.32
CA ARG N 131 -30.39 -2.47 26.02
C ARG N 131 -30.15 -3.92 25.61
N VAL N 132 -31.04 -4.81 26.03
CA VAL N 132 -30.94 -6.23 25.70
C VAL N 132 -31.47 -6.41 24.28
N LEU N 133 -30.55 -6.47 23.30
CA LEU N 133 -30.93 -6.62 21.91
C LEU N 133 -31.03 -8.09 21.54
N ILE N 134 -32.07 -8.44 20.78
CA ILE N 134 -32.28 -9.79 20.29
C ILE N 134 -32.56 -9.69 18.80
N HIS N 135 -31.61 -10.13 17.98
CA HIS N 135 -31.76 -10.07 16.52
C HIS N 135 -31.12 -11.33 15.93
N GLN N 136 -30.97 -11.33 14.61
CA GLN N 136 -30.43 -12.50 13.93
C GLN N 136 -28.93 -12.59 14.14
N PRO N 137 -28.39 -13.74 14.54
CA PRO N 137 -26.95 -13.88 14.69
C PRO N 137 -26.27 -14.10 13.34
N SER N 138 -24.94 -14.02 13.36
CA SER N 138 -24.15 -14.21 12.15
C SER N 138 -23.68 -15.66 12.02
N SER N 148 -20.28 -27.07 -1.98
CA SER N 148 -21.26 -26.00 -1.87
C SER N 148 -21.13 -25.26 -0.54
N ASP N 149 -21.13 -23.93 -0.61
CA ASP N 149 -21.05 -23.08 0.57
C ASP N 149 -22.27 -22.19 0.75
N LEU N 150 -23.37 -22.53 0.07
CA LEU N 150 -24.62 -21.76 0.17
C LEU N 150 -25.74 -22.54 0.83
N GLU N 151 -25.86 -23.84 0.53
CA GLU N 151 -26.88 -24.66 1.18
C GLU N 151 -26.46 -25.05 2.59
N ILE N 152 -25.24 -25.56 2.74
CA ILE N 152 -24.77 -25.98 4.06
C ILE N 152 -24.62 -24.78 4.99
N GLN N 153 -24.30 -23.61 4.44
CA GLN N 153 -24.21 -22.40 5.26
C GLN N 153 -25.58 -22.02 5.82
N ALA N 154 -26.61 -22.03 4.97
CA ALA N 154 -27.95 -21.74 5.44
C ALA N 154 -28.44 -22.81 6.43
N ALA N 155 -28.04 -24.05 6.21
CA ALA N 155 -28.43 -25.12 7.13
C ALA N 155 -27.80 -24.91 8.50
N GLU N 156 -26.51 -24.58 8.54
CA GLU N 156 -25.84 -24.31 9.82
C GLU N 156 -26.42 -23.07 10.48
N ILE N 157 -26.80 -22.06 9.69
CA ILE N 157 -27.40 -20.87 10.26
C ILE N 157 -28.75 -21.19 10.89
N GLU N 158 -29.58 -21.98 10.21
CA GLU N 158 -30.85 -22.38 10.78
C GLU N 158 -30.65 -23.22 12.03
N ARG N 159 -29.65 -24.10 12.03
CA ARG N 159 -29.39 -24.95 13.19
C ARG N 159 -28.96 -24.12 14.39
N MET N 160 -28.02 -23.20 14.19
CA MET N 160 -27.59 -22.35 15.31
C MET N 160 -28.71 -21.42 15.76
N ARG N 161 -29.57 -20.98 14.84
CA ARG N 161 -30.69 -20.12 15.21
C ARG N 161 -31.68 -20.89 16.10
N THR N 162 -32.08 -22.09 15.69
CA THR N 162 -33.02 -22.85 16.51
C THR N 162 -32.38 -23.29 17.82
N LEU N 163 -31.06 -23.54 17.83
CA LEU N 163 -30.39 -23.86 19.08
C LEU N 163 -30.41 -22.67 20.03
N MET N 164 -30.14 -21.46 19.51
CA MET N 164 -30.21 -20.27 20.35
C MET N 164 -31.63 -20.03 20.86
N GLU N 165 -32.63 -20.28 20.02
CA GLU N 165 -34.01 -20.08 20.46
C GLU N 165 -34.40 -21.08 21.53
N THR N 166 -33.97 -22.34 21.39
CA THR N 166 -34.23 -23.33 22.43
C THR N 166 -33.52 -22.96 23.73
N THR N 167 -32.28 -22.48 23.64
CA THR N 167 -31.55 -22.06 24.83
C THR N 167 -32.24 -20.90 25.52
N LEU N 168 -32.76 -19.95 24.75
CA LEU N 168 -33.46 -18.81 25.34
C LEU N 168 -34.79 -19.22 25.95
N ALA N 169 -35.50 -20.14 25.31
CA ALA N 169 -36.78 -20.59 25.85
C ALA N 169 -36.62 -21.50 27.06
N ARG N 170 -35.46 -22.15 27.21
CA ARG N 170 -35.25 -23.00 28.36
C ARG N 170 -35.15 -22.19 29.65
N HIS N 171 -34.55 -21.01 29.57
CA HIS N 171 -34.34 -20.18 30.76
C HIS N 171 -35.51 -19.21 30.99
N THR N 172 -36.00 -18.57 29.93
CA THR N 172 -37.09 -17.61 30.06
C THR N 172 -38.45 -18.27 30.28
N GLY N 173 -38.52 -19.60 30.19
CA GLY N 173 -39.78 -20.30 30.40
C GLY N 173 -40.82 -20.10 29.32
N LYS N 174 -40.45 -19.53 28.18
CA LYS N 174 -41.37 -19.30 27.08
C LYS N 174 -41.28 -20.45 26.08
N ASP N 175 -41.97 -20.28 24.95
CA ASP N 175 -41.95 -21.24 23.87
C ASP N 175 -41.09 -20.71 22.72
N ALA N 176 -40.49 -21.64 21.98
CA ALA N 176 -39.60 -21.27 20.89
C ALA N 176 -40.31 -20.46 19.81
N GLY N 177 -41.61 -20.67 19.62
CA GLY N 177 -42.33 -19.94 18.59
C GLY N 177 -42.40 -18.45 18.87
N VAL N 178 -42.67 -18.09 20.12
CA VAL N 178 -42.77 -16.68 20.49
C VAL N 178 -41.41 -15.98 20.33
N ILE N 179 -40.34 -16.65 20.77
CA ILE N 179 -39.02 -16.06 20.63
C ILE N 179 -38.62 -15.95 19.17
N ARG N 180 -39.00 -16.92 18.34
CA ARG N 180 -38.72 -16.83 16.91
C ARG N 180 -39.51 -15.70 16.26
N LYS N 181 -40.75 -15.47 16.72
CA LYS N 181 -41.54 -14.36 16.21
C LYS N 181 -40.97 -13.02 16.64
N ASP N 182 -40.38 -12.95 17.83
CA ASP N 182 -39.75 -11.72 18.30
C ASP N 182 -38.30 -11.57 17.85
N THR N 183 -37.74 -12.58 17.18
CA THR N 183 -36.34 -12.52 16.75
C THR N 183 -36.19 -11.99 15.33
N ASP N 184 -37.14 -12.27 14.44
CA ASP N 184 -37.01 -11.85 13.05
C ASP N 184 -36.86 -10.33 12.94
N ARG N 185 -37.50 -9.58 13.82
CA ARG N 185 -37.33 -8.14 13.87
C ARG N 185 -36.23 -7.77 14.87
N ASP N 186 -35.65 -6.59 14.67
CA ASP N 186 -34.58 -6.09 15.53
C ASP N 186 -35.22 -5.60 16.83
N LYS N 187 -35.49 -6.55 17.72
CA LYS N 187 -36.12 -6.23 19.00
C LYS N 187 -35.12 -5.56 19.93
N ILE N 188 -35.54 -4.44 20.51
CA ILE N 188 -34.71 -3.69 21.46
C ILE N 188 -35.46 -3.67 22.79
N LEU N 189 -34.97 -4.45 23.76
CA LEU N 189 -35.60 -4.57 25.06
C LEU N 189 -34.90 -3.65 26.06
N THR N 190 -35.68 -2.92 26.85
CA THR N 190 -35.15 -2.07 27.90
C THR N 190 -35.03 -2.86 29.19
N ALA N 191 -34.46 -2.23 30.21
CA ALA N 191 -34.29 -2.90 31.50
C ALA N 191 -35.65 -3.24 32.12
N GLU N 192 -36.65 -2.38 31.92
CA GLU N 192 -37.98 -2.65 32.45
C GLU N 192 -38.76 -3.63 31.58
N GLU N 193 -38.47 -3.67 30.28
CA GLU N 193 -39.16 -4.59 29.39
C GLU N 193 -38.53 -5.99 29.40
N ALA N 194 -37.33 -6.13 29.96
CA ALA N 194 -36.66 -7.42 30.04
C ALA N 194 -36.90 -8.15 31.35
N LYS N 195 -37.43 -7.47 32.37
CA LYS N 195 -37.70 -8.13 33.64
C LYS N 195 -38.89 -9.06 33.54
N ASP N 196 -39.98 -8.61 32.91
CA ASP N 196 -41.14 -9.45 32.69
C ASP N 196 -41.01 -10.36 31.48
N TYR N 197 -39.90 -10.24 30.73
CA TYR N 197 -39.70 -11.09 29.56
C TYR N 197 -39.09 -12.44 29.94
N GLY N 198 -38.37 -12.50 31.05
CA GLY N 198 -37.75 -13.73 31.50
C GLY N 198 -36.23 -13.74 31.45
N ILE N 199 -35.60 -12.71 30.91
CA ILE N 199 -34.15 -12.68 30.83
C ILE N 199 -33.54 -12.29 32.17
N ILE N 200 -33.89 -11.11 32.67
CA ILE N 200 -33.39 -10.64 33.96
C ILE N 200 -34.51 -10.79 34.99
N ASP N 201 -34.10 -10.86 36.26
CA ASP N 201 -35.04 -11.03 37.37
C ASP N 201 -35.24 -9.78 38.21
N THR N 202 -34.24 -8.90 38.26
CA THR N 202 -34.34 -7.68 39.07
C THR N 202 -33.51 -6.59 38.42
N VAL N 203 -33.97 -5.35 38.56
CA VAL N 203 -33.27 -4.17 38.03
C VAL N 203 -32.60 -3.46 39.19
N LEU N 204 -31.32 -3.16 39.03
CA LEU N 204 -30.56 -2.50 40.08
C LEU N 204 -30.94 -1.03 40.18
N GLU N 205 -31.11 -0.56 41.42
CA GLU N 205 -31.43 0.84 41.69
C GLU N 205 -30.16 1.62 42.03
N TYR N 206 -30.31 2.94 42.07
CA TYR N 206 -29.19 3.83 42.37
C TYR N 206 -28.92 3.85 43.87
N ARG N 207 -27.66 3.65 44.25
CA ARG N 207 -27.24 3.64 45.65
C ARG N 207 -26.59 4.95 46.07
N LYS N 208 -27.04 6.07 45.51
CA LYS N 208 -26.47 7.37 45.84
C LYS N 208 -26.99 7.84 47.19
N LEU N 209 -26.07 8.27 48.06
CA LEU N 209 -26.45 8.80 49.37
C LEU N 209 -26.89 10.26 49.32
N SER N 210 -26.76 10.91 48.18
CA SER N 210 -27.17 12.30 48.05
C SER N 210 -27.66 12.60 46.63
#